data_1U1C
#
_entry.id   1U1C
#
_cell.length_a   91.369
_cell.length_b   125.965
_cell.length_c   141.334
_cell.angle_alpha   90.00
_cell.angle_beta   90.00
_cell.angle_gamma   90.00
#
_symmetry.space_group_name_H-M   'P 21 21 21'
#
loop_
_entity.id
_entity.type
_entity.pdbx_description
1 polymer 'Uridine phosphorylase'
2 non-polymer 'PHOSPHATE ION'
3 non-polymer 'POTASSIUM ION'
4 non-polymer 1-((2-HYDROXYETHOXY)METHYL)-5-BENZYLPYRIMIDINE-2,4(1H,3H)-DIONE
5 water water
#
_entity_poly.entity_id   1
_entity_poly.type   'polypeptide(L)'
_entity_poly.pdbx_seq_one_letter_code
;GSHMSKSDVFHLGLTKNDLQGATLAIVPGDPDRVEKIAALMDKPVKLASHREFTTWRAELDGKPVIVCSTGIGGPSTSIA
VEELAQLGIRTFLRIGTTGAIQPHINVGDVLVTTASVRLDGASLHFAPLEFPAVADFECTTALVEAAKSIGATTHVGVTA
SSDTFYPGQERYDTYSGRVVRHFKGSMEEWQAMGVMNYEMESATLLTMCASQGLRAGMVAGVIVNRTQQEIPNAETMKQT
ESHAVKIVVEAARRLL
;
_entity_poly.pdbx_strand_id   A,B,C,D,E,F
#
# COMPACT_ATOMS: atom_id res chain seq x y z
N MET A 4 27.67 40.09 10.78
CA MET A 4 27.66 38.96 11.77
C MET A 4 27.13 37.67 11.16
N SER A 5 26.66 37.75 9.90
CA SER A 5 26.11 36.62 9.17
C SER A 5 25.84 36.93 7.68
N LYS A 6 25.46 35.91 6.92
CA LYS A 6 25.02 36.05 5.53
C LYS A 6 23.79 35.16 5.25
N SER A 7 23.84 33.91 5.72
CA SER A 7 22.69 33.02 5.67
C SER A 7 22.75 31.95 6.77
N ASP A 8 21.65 31.81 7.51
CA ASP A 8 21.55 30.80 8.56
C ASP A 8 20.91 29.49 8.07
N VAL A 9 20.54 29.46 6.80
CA VAL A 9 19.85 28.29 6.20
C VAL A 9 20.47 27.88 4.86
N PHE A 10 20.08 26.70 4.38
CA PHE A 10 20.67 26.13 3.17
C PHE A 10 20.20 26.76 1.86
N HIS A 11 18.94 27.21 1.80
CA HIS A 11 18.34 27.63 0.54
C HIS A 11 17.85 29.08 0.49
N LEU A 12 17.18 29.52 1.54
CA LEU A 12 16.48 30.81 1.53
C LEU A 12 17.37 32.06 1.44
N GLY A 13 18.63 31.93 1.85
CA GLY A 13 19.56 33.05 1.84
C GLY A 13 19.19 34.09 2.88
N LEU A 14 18.76 33.62 4.05
CA LEU A 14 18.32 34.50 5.13
C LEU A 14 19.05 34.19 6.44
N THR A 15 19.25 35.22 7.25
CA THR A 15 19.69 35.05 8.62
C THR A 15 18.50 35.27 9.54
N LYS A 16 18.58 34.76 10.77
CA LYS A 16 17.53 34.99 11.77
C LYS A 16 17.40 36.49 12.07
N ASN A 17 18.53 37.21 12.02
CA ASN A 17 18.55 38.65 12.23
C ASN A 17 17.78 39.45 11.17
N ASP A 18 17.80 38.96 9.93
CA ASP A 18 17.03 39.56 8.83
C ASP A 18 15.54 39.62 9.14
N LEU A 19 15.06 38.65 9.91
CA LEU A 19 13.64 38.51 10.23
C LEU A 19 13.16 39.49 11.29
N GLN A 20 14.09 40.02 12.09
CA GLN A 20 13.82 41.03 13.12
C GLN A 20 12.75 40.61 14.13
N GLY A 21 12.74 39.32 14.49
CA GLY A 21 11.83 38.79 15.50
C GLY A 21 10.48 38.32 14.99
N ALA A 22 10.32 38.26 13.66
CA ALA A 22 9.08 37.82 13.04
C ALA A 22 8.79 36.33 13.30
N THR A 23 7.55 36.03 13.65
CA THR A 23 7.12 34.65 13.91
C THR A 23 6.04 34.19 12.93
N LEU A 24 5.50 35.13 12.16
CA LEU A 24 4.46 34.84 11.17
C LEU A 24 4.96 35.07 9.75
N ALA A 25 4.61 34.15 8.87
CA ALA A 25 4.92 34.28 7.46
C ALA A 25 3.69 34.03 6.59
N ILE A 26 3.52 34.85 5.56
CA ILE A 26 2.53 34.59 4.52
C ILE A 26 3.28 33.90 3.39
N VAL A 27 2.75 32.78 2.92
CA VAL A 27 3.45 31.95 1.94
C VAL A 27 2.68 31.74 0.63
N PRO A 28 2.91 32.61 -0.35
CA PRO A 28 2.34 32.41 -1.70
C PRO A 28 3.16 31.39 -2.49
N GLY A 29 2.57 30.82 -3.53
CA GLY A 29 3.29 29.90 -4.40
C GLY A 29 4.22 30.63 -5.35
N ASP A 30 3.74 31.73 -5.90
CA ASP A 30 4.45 32.52 -6.91
C ASP A 30 5.43 33.53 -6.27
N PRO A 31 6.71 33.42 -6.61
CA PRO A 31 7.71 34.43 -6.21
C PRO A 31 7.42 35.84 -6.72
N ASP A 32 6.66 35.96 -7.81
CA ASP A 32 6.29 37.25 -8.38
C ASP A 32 5.17 37.93 -7.59
N ARG A 33 4.52 37.16 -6.72
CA ARG A 33 3.42 37.66 -5.90
C ARG A 33 3.89 38.19 -4.53
N VAL A 34 5.16 37.93 -4.21
CA VAL A 34 5.73 38.29 -2.91
C VAL A 34 5.74 39.80 -2.67
N GLU A 35 6.25 40.55 -3.64
CA GLU A 35 6.31 42.02 -3.57
C GLU A 35 4.92 42.65 -3.38
N LYS A 36 3.94 42.11 -4.11
CA LYS A 36 2.56 42.62 -4.08
C LYS A 36 1.90 42.49 -2.71
N ILE A 37 2.13 41.37 -2.02
CA ILE A 37 1.58 41.13 -0.69
C ILE A 37 2.27 42.04 0.35
N ALA A 38 3.58 42.20 0.21
CA ALA A 38 4.37 43.02 1.14
C ALA A 38 4.05 44.51 1.03
N ALA A 39 3.78 44.97 -0.19
CA ALA A 39 3.44 46.38 -0.45
C ALA A 39 2.11 46.80 0.15
N LEU A 40 1.31 45.83 0.58
CA LEU A 40 0.05 46.08 1.28
C LEU A 40 0.28 46.37 2.76
N MET A 41 1.53 46.21 3.20
CA MET A 41 1.90 46.43 4.61
C MET A 41 3.00 47.50 4.72
N ASP A 42 3.22 47.98 5.95
CA ASP A 42 4.17 49.07 6.20
C ASP A 42 5.63 48.64 6.04
N LYS A 43 6.47 49.59 5.64
CA LYS A 43 7.92 49.40 5.50
C LYS A 43 8.34 48.10 4.77
N PRO A 44 7.99 47.99 3.49
CA PRO A 44 8.31 46.77 2.72
C PRO A 44 9.74 46.78 2.20
N VAL A 45 10.50 45.75 2.56
CA VAL A 45 11.91 45.59 2.15
C VAL A 45 12.14 44.21 1.56
N LYS A 46 12.96 44.14 0.50
CA LYS A 46 13.36 42.87 -0.08
C LYS A 46 14.56 42.30 0.67
N LEU A 47 14.46 41.04 1.08
CA LEU A 47 15.52 40.40 1.84
C LEU A 47 16.42 39.52 0.97
N ALA A 48 15.82 38.62 0.21
CA ALA A 48 16.56 37.66 -0.62
C ALA A 48 15.76 37.10 -1.79
N SER A 49 16.48 36.72 -2.84
CA SER A 49 15.89 36.03 -3.98
C SER A 49 16.84 34.91 -4.44
N HIS A 50 16.48 33.67 -4.12
CA HIS A 50 17.25 32.51 -4.53
C HIS A 50 16.33 31.38 -4.96
N ARG A 51 16.61 30.80 -6.12
CA ARG A 51 15.76 29.78 -6.74
C ARG A 51 14.31 30.28 -6.82
N GLU A 52 13.36 29.47 -6.35
CA GLU A 52 11.95 29.85 -6.32
C GLU A 52 11.57 30.56 -5.02
N PHE A 53 12.57 30.85 -4.19
CA PHE A 53 12.35 31.43 -2.87
C PHE A 53 12.66 32.93 -2.84
N THR A 54 11.61 33.74 -2.94
CA THR A 54 11.73 35.19 -2.81
C THR A 54 11.14 35.61 -1.48
N THR A 55 11.92 36.34 -0.69
CA THR A 55 11.50 36.76 0.64
C THR A 55 11.48 38.27 0.81
N TRP A 56 10.38 38.78 1.36
CA TRP A 56 10.25 40.18 1.72
C TRP A 56 9.91 40.31 3.19
N ARG A 57 10.32 41.42 3.80
CA ARG A 57 9.90 41.76 5.15
C ARG A 57 9.05 43.03 5.14
N ALA A 58 7.99 43.02 5.93
CA ALA A 58 7.11 44.17 6.07
C ALA A 58 6.65 44.30 7.52
N GLU A 59 5.95 45.38 7.82
CA GLU A 59 5.43 45.64 9.16
C GLU A 59 3.91 45.66 9.15
N LEU A 60 3.31 44.98 10.12
CA LEU A 60 1.87 44.93 10.25
C LEU A 60 1.49 45.19 11.70
N ASP A 61 0.82 46.33 11.93
CA ASP A 61 0.44 46.78 13.26
C ASP A 61 1.64 46.87 14.21
N GLY A 62 2.75 47.41 13.69
CA GLY A 62 3.97 47.57 14.46
C GLY A 62 4.72 46.28 14.73
N LYS A 63 4.36 45.22 13.99
CA LYS A 63 4.99 43.91 14.16
C LYS A 63 5.55 43.39 12.84
N PRO A 64 6.82 42.98 12.84
CA PRO A 64 7.47 42.43 11.64
C PRO A 64 6.78 41.16 11.12
N VAL A 65 6.59 41.09 9.80
CA VAL A 65 5.93 39.97 9.15
C VAL A 65 6.74 39.56 7.92
N ILE A 66 6.77 38.26 7.62
CA ILE A 66 7.53 37.73 6.49
C ILE A 66 6.60 37.29 5.35
N VAL A 67 7.02 37.56 4.12
CA VAL A 67 6.37 37.01 2.94
C VAL A 67 7.43 36.25 2.15
N CYS A 68 7.22 34.93 2.01
CA CYS A 68 8.17 34.06 1.34
C CYS A 68 7.48 33.07 0.41
N SER A 69 7.95 32.99 -0.83
CA SER A 69 7.36 32.08 -1.81
C SER A 69 7.86 30.64 -1.65
N THR A 70 6.92 29.69 -1.75
CA THR A 70 7.23 28.27 -1.63
C THR A 70 7.62 27.65 -2.97
N GLY A 71 7.11 28.24 -4.05
CA GLY A 71 7.17 27.61 -5.35
C GLY A 71 6.00 26.66 -5.51
N ILE A 72 5.87 26.06 -6.69
CA ILE A 72 4.81 25.08 -6.94
C ILE A 72 5.23 23.73 -6.39
N GLY A 73 4.34 23.10 -5.62
CA GLY A 73 4.55 21.74 -5.18
C GLY A 73 5.09 21.60 -3.76
N GLY A 74 4.82 20.43 -3.18
CA GLY A 74 5.27 20.08 -1.85
C GLY A 74 6.77 20.11 -1.57
N PRO A 75 7.59 19.57 -2.46
CA PRO A 75 9.05 19.54 -2.26
C PRO A 75 9.67 20.90 -1.93
N SER A 76 9.38 21.93 -2.72
CA SER A 76 9.91 23.26 -2.44
C SER A 76 9.21 23.91 -1.25
N THR A 77 7.94 23.58 -1.05
CA THR A 77 7.18 24.04 0.11
C THR A 77 7.82 23.52 1.40
N SER A 78 8.18 22.24 1.41
CA SER A 78 8.82 21.61 2.56
C SER A 78 10.15 22.27 2.94
N ILE A 79 10.91 22.69 1.94
CA ILE A 79 12.16 23.42 2.16
C ILE A 79 11.91 24.82 2.76
N ALA A 80 10.97 25.54 2.18
CA ALA A 80 10.64 26.89 2.63
C ALA A 80 10.10 26.92 4.07
N VAL A 81 9.16 26.04 4.37
CA VAL A 81 8.55 25.96 5.70
C VAL A 81 9.57 25.55 6.77
N GLU A 82 10.37 24.53 6.45
CA GLU A 82 11.40 24.03 7.37
C GLU A 82 12.46 25.09 7.69
N GLU A 83 12.95 25.77 6.66
CA GLU A 83 13.99 26.77 6.84
C GLU A 83 13.48 28.05 7.50
N LEU A 84 12.22 28.41 7.24
CA LEU A 84 11.57 29.51 7.95
C LEU A 84 11.36 29.15 9.43
N ALA A 85 11.01 27.90 9.69
CA ALA A 85 10.86 27.40 11.06
C ALA A 85 12.20 27.45 11.82
N GLN A 86 13.29 27.21 11.10
CA GLN A 86 14.64 27.35 11.66
C GLN A 86 14.95 28.80 11.98
N LEU A 87 14.37 29.72 11.22
CA LEU A 87 14.58 31.16 11.41
C LEU A 87 13.62 31.81 12.41
N GLY A 88 12.70 31.01 12.96
CA GLY A 88 11.83 31.47 14.03
C GLY A 88 10.34 31.57 13.72
N ILE A 89 9.97 31.26 12.48
CA ILE A 89 8.56 31.33 12.08
C ILE A 89 7.77 30.17 12.69
N ARG A 90 6.64 30.50 13.31
CA ARG A 90 5.79 29.51 13.98
C ARG A 90 4.38 29.49 13.40
N THR A 91 4.06 30.47 12.57
CA THR A 91 2.73 30.56 11.95
C THR A 91 2.83 30.80 10.43
N PHE A 92 2.11 29.99 9.67
CA PHE A 92 2.15 30.05 8.21
C PHE A 92 0.77 30.26 7.60
N LEU A 93 0.66 31.22 6.71
CA LEU A 93 -0.60 31.46 5.99
C LEU A 93 -0.36 31.32 4.49
N ARG A 94 -0.91 30.28 3.89
CA ARG A 94 -0.79 30.09 2.45
C ARG A 94 -1.89 30.82 1.70
N ILE A 95 -1.49 31.62 0.73
CA ILE A 95 -2.41 32.19 -0.24
C ILE A 95 -2.08 31.65 -1.63
N GLY A 96 -3.05 30.98 -2.25
CA GLY A 96 -2.83 30.39 -3.56
C GLY A 96 -3.85 30.75 -4.61
N THR A 97 -3.63 30.20 -5.81
CA THR A 97 -4.63 30.20 -6.88
C THR A 97 -5.20 28.79 -6.93
N THR A 98 -6.42 28.66 -7.44
CA THR A 98 -7.09 27.35 -7.49
C THR A 98 -8.15 27.21 -8.57
N GLY A 99 -8.43 25.97 -8.95
CA GLY A 99 -9.51 25.66 -9.86
C GLY A 99 -10.61 24.94 -9.11
N ALA A 100 -11.80 25.53 -9.11
CA ALA A 100 -12.95 24.93 -8.45
C ALA A 100 -13.48 23.75 -9.25
N ILE A 101 -14.07 22.78 -8.56
CA ILE A 101 -14.64 21.61 -9.22
C ILE A 101 -16.11 21.40 -8.86
N GLN A 102 -16.65 22.26 -7.99
CA GLN A 102 -18.07 22.23 -7.65
C GLN A 102 -18.82 23.27 -8.48
N PRO A 103 -19.98 22.87 -9.03
CA PRO A 103 -20.78 23.76 -9.89
C PRO A 103 -21.24 25.06 -9.22
N HIS A 104 -21.40 25.03 -7.90
CA HIS A 104 -21.90 26.20 -7.16
C HIS A 104 -20.85 27.25 -6.83
N ILE A 105 -19.57 26.92 -7.02
CA ILE A 105 -18.47 27.85 -6.75
C ILE A 105 -18.07 28.62 -8.01
N ASN A 106 -18.23 29.94 -7.98
CA ASN A 106 -17.93 30.80 -9.12
C ASN A 106 -16.50 31.32 -9.12
N VAL A 107 -16.05 31.80 -10.27
CA VAL A 107 -14.76 32.47 -10.39
C VAL A 107 -14.81 33.80 -9.64
N GLY A 108 -13.83 34.03 -8.77
CA GLY A 108 -13.79 35.22 -7.92
C GLY A 108 -14.07 34.91 -6.47
N ASP A 109 -14.69 33.76 -6.22
CA ASP A 109 -14.94 33.28 -4.86
C ASP A 109 -13.62 33.00 -4.13
N VAL A 110 -13.67 33.07 -2.80
CA VAL A 110 -12.51 32.73 -1.99
C VAL A 110 -12.76 31.44 -1.22
N LEU A 111 -11.75 30.58 -1.16
CA LEU A 111 -11.88 29.28 -0.52
C LEU A 111 -10.93 29.12 0.66
N VAL A 112 -11.49 28.76 1.80
CA VAL A 112 -10.70 28.47 3.00
C VAL A 112 -10.68 26.96 3.20
N THR A 113 -9.48 26.39 3.28
CA THR A 113 -9.30 24.94 3.42
C THR A 113 -9.23 24.51 4.88
N THR A 114 -10.12 23.61 5.26
CA THR A 114 -10.11 23.02 6.59
C THR A 114 -9.12 21.85 6.64
N ALA A 115 -9.08 21.07 5.56
CA ALA A 115 -8.16 19.95 5.41
C ALA A 115 -8.02 19.54 3.95
N SER A 116 -6.91 18.89 3.61
CA SER A 116 -6.63 18.54 2.22
C SER A 116 -6.61 17.05 1.93
N VAL A 117 -7.10 16.67 0.75
CA VAL A 117 -6.90 15.33 0.21
C VAL A 117 -5.43 15.24 -0.19
N ARG A 118 -4.75 14.21 0.31
CA ARG A 118 -3.30 14.09 0.17
C ARG A 118 -2.89 13.36 -1.10
N LEU A 119 -2.87 14.08 -2.21
CA LEU A 119 -2.44 13.53 -3.50
C LEU A 119 -1.01 13.94 -3.81
N ASP A 120 -0.21 14.07 -2.75
CA ASP A 120 1.18 14.51 -2.85
C ASP A 120 2.13 13.48 -2.24
N GLY A 121 3.42 13.65 -2.49
CA GLY A 121 4.43 12.77 -1.94
C GLY A 121 5.11 13.29 -0.69
N ALA A 122 5.35 14.60 -0.64
CA ALA A 122 6.13 15.21 0.45
C ALA A 122 5.49 15.09 1.83
N SER A 123 4.15 15.13 1.89
CA SER A 123 3.43 15.00 3.15
C SER A 123 3.75 13.70 3.88
N LEU A 124 3.97 12.64 3.08
CA LEU A 124 4.32 11.31 3.60
C LEU A 124 5.68 11.28 4.29
N HIS A 125 6.51 12.27 3.98
CA HIS A 125 7.85 12.38 4.58
C HIS A 125 7.80 13.01 5.98
N PHE A 126 6.60 13.37 6.43
CA PHE A 126 6.40 13.96 7.76
C PHE A 126 5.43 13.15 8.62
N ALA A 127 4.42 12.57 7.96
CA ALA A 127 3.42 11.75 8.64
C ALA A 127 2.84 10.73 7.65
N PRO A 128 2.47 9.55 8.13
CA PRO A 128 1.86 8.53 7.27
C PRO A 128 0.50 8.99 6.72
N LEU A 129 0.05 8.39 5.62
CA LEU A 129 -1.16 8.84 4.91
C LEU A 129 -2.39 9.01 5.79
N GLU A 130 -2.54 8.15 6.81
CA GLU A 130 -3.69 8.17 7.71
C GLU A 130 -3.79 9.43 8.56
N PHE A 131 -2.68 10.15 8.70
CA PHE A 131 -2.65 11.43 9.40
C PHE A 131 -3.33 12.51 8.54
N PRO A 132 -4.24 13.28 9.14
CA PRO A 132 -5.00 14.30 8.41
C PRO A 132 -4.18 15.54 8.05
N ALA A 133 -4.31 15.98 6.80
CA ALA A 133 -3.70 17.22 6.36
C ALA A 133 -4.59 18.39 6.78
N VAL A 134 -4.68 18.61 8.09
CA VAL A 134 -5.64 19.53 8.67
C VAL A 134 -5.03 20.89 9.00
N ALA A 135 -5.78 21.95 8.70
CA ALA A 135 -5.35 23.31 8.98
C ALA A 135 -5.54 23.64 10.45
N ASP A 136 -4.70 24.55 10.98
CA ASP A 136 -4.83 25.04 12.34
C ASP A 136 -6.16 25.80 12.51
N PHE A 137 -6.90 25.45 13.56
CA PHE A 137 -8.24 25.99 13.81
C PHE A 137 -8.26 27.51 13.97
N GLU A 138 -7.26 28.06 14.66
CA GLU A 138 -7.15 29.51 14.87
C GLU A 138 -6.83 30.23 13.58
N CYS A 139 -5.99 29.61 12.75
CA CYS A 139 -5.65 30.15 11.44
C CYS A 139 -6.86 30.11 10.49
N THR A 140 -7.65 29.04 10.61
CA THR A 140 -8.88 28.87 9.82
C THR A 140 -9.92 29.92 10.21
N THR A 141 -10.09 30.12 11.51
CA THR A 141 -10.98 31.14 12.04
C THR A 141 -10.57 32.54 11.57
N ALA A 142 -9.27 32.81 11.59
CA ALA A 142 -8.72 34.10 11.17
C ALA A 142 -9.01 34.39 9.69
N LEU A 143 -8.87 33.38 8.85
CA LEU A 143 -9.09 33.53 7.41
C LEU A 143 -10.57 33.68 7.05
N VAL A 144 -11.42 32.93 7.75
CA VAL A 144 -12.87 32.99 7.54
C VAL A 144 -13.43 34.33 8.01
N GLU A 145 -13.02 34.77 9.20
CA GLU A 145 -13.45 36.05 9.75
C GLU A 145 -12.92 37.23 8.93
N ALA A 146 -11.69 37.10 8.44
CA ALA A 146 -11.10 38.12 7.57
C ALA A 146 -11.83 38.25 6.24
N ALA A 147 -12.44 37.15 5.79
CA ALA A 147 -13.24 37.14 4.56
C ALA A 147 -14.60 37.81 4.79
N LYS A 148 -15.18 37.56 5.96
CA LYS A 148 -16.45 38.19 6.36
C LYS A 148 -16.28 39.69 6.58
N SER A 149 -15.17 40.08 7.20
CA SER A 149 -14.88 41.47 7.54
C SER A 149 -14.76 42.37 6.31
N ILE A 150 -14.13 41.86 5.25
CA ILE A 150 -13.92 42.67 4.04
C ILE A 150 -14.94 42.35 2.93
N GLY A 151 -15.80 41.37 3.18
CA GLY A 151 -16.87 41.01 2.27
C GLY A 151 -16.39 40.18 1.10
N ALA A 152 -16.84 38.93 1.04
CA ALA A 152 -16.49 38.02 -0.04
C ALA A 152 -17.44 36.83 -0.08
N THR A 153 -17.51 36.18 -1.24
CA THR A 153 -18.19 34.90 -1.35
C THR A 153 -17.21 33.82 -0.91
N THR A 154 -17.52 33.20 0.22
CA THR A 154 -16.59 32.26 0.88
C THR A 154 -17.18 30.87 1.00
N HIS A 155 -16.37 29.87 0.66
CA HIS A 155 -16.71 28.46 0.88
C HIS A 155 -15.65 27.81 1.76
N VAL A 156 -16.10 27.02 2.73
CA VAL A 156 -15.21 26.35 3.67
C VAL A 156 -15.34 24.84 3.52
N GLY A 157 -14.21 24.18 3.30
CA GLY A 157 -14.19 22.73 3.19
C GLY A 157 -12.89 22.12 2.72
N VAL A 158 -13.00 20.97 2.06
CA VAL A 158 -11.86 20.14 1.69
C VAL A 158 -11.28 20.49 0.31
N THR A 159 -9.95 20.53 0.25
CA THR A 159 -9.22 20.81 -0.97
C THR A 159 -8.42 19.58 -1.42
N ALA A 160 -8.42 19.28 -2.71
CA ALA A 160 -7.59 18.22 -3.26
C ALA A 160 -6.22 18.82 -3.62
N SER A 161 -5.17 18.31 -2.97
CA SER A 161 -3.82 18.84 -3.17
C SER A 161 -2.95 17.85 -3.91
N SER A 162 -2.68 18.17 -5.18
CA SER A 162 -2.06 17.25 -6.13
C SER A 162 -0.60 17.58 -6.41
N ASP A 163 0.22 16.54 -6.54
CA ASP A 163 1.63 16.70 -6.91
C ASP A 163 1.78 17.03 -8.39
N THR A 164 0.65 17.09 -9.11
CA THR A 164 0.70 17.32 -10.54
C THR A 164 -0.41 18.29 -10.97
N PHE A 165 -0.11 19.11 -11.98
CA PHE A 165 -1.09 20.04 -12.54
C PHE A 165 -2.00 19.34 -13.57
N TYR A 166 -1.44 18.40 -14.33
CA TYR A 166 -2.17 17.80 -15.44
C TYR A 166 -2.92 16.48 -15.13
N PRO A 167 -2.26 15.32 -15.14
CA PRO A 167 -2.97 14.04 -14.89
C PRO A 167 -3.63 13.91 -13.52
N GLY A 168 -2.99 14.42 -12.47
CA GLY A 168 -3.53 14.36 -11.12
C GLY A 168 -4.76 15.23 -10.91
N GLN A 169 -4.98 16.15 -11.84
CA GLN A 169 -6.19 16.98 -11.84
C GLN A 169 -7.07 16.60 -13.04
N GLU A 170 -6.74 15.46 -13.64
CA GLU A 170 -7.48 14.88 -14.77
C GLU A 170 -7.62 15.80 -15.97
N ARG A 171 -6.50 16.40 -16.38
CA ARG A 171 -6.44 17.17 -17.63
C ARG A 171 -5.99 16.24 -18.75
N TYR A 172 -6.77 16.20 -19.82
CA TYR A 172 -6.52 15.31 -20.95
C TYR A 172 -5.92 16.02 -22.17
N ASP A 173 -6.10 17.34 -22.24
CA ASP A 173 -5.54 18.14 -23.31
C ASP A 173 -4.04 18.31 -23.12
N THR A 174 -3.32 17.20 -23.24
CA THR A 174 -1.88 17.12 -22.96
C THR A 174 -1.15 16.45 -24.11
N TYR A 175 0.17 16.38 -24.00
CA TYR A 175 1.01 15.71 -25.00
C TYR A 175 0.61 14.26 -25.24
N SER A 176 0.41 13.51 -24.16
CA SER A 176 0.05 12.09 -24.26
C SER A 176 -1.45 11.90 -24.43
N GLY A 177 -2.24 12.75 -23.78
CA GLY A 177 -3.69 12.66 -23.82
C GLY A 177 -4.23 11.54 -22.93
N ARG A 178 -3.37 11.00 -22.08
CA ARG A 178 -3.75 9.89 -21.19
C ARG A 178 -3.57 10.25 -19.72
N VAL A 179 -4.39 9.63 -18.89
CA VAL A 179 -4.27 9.76 -17.45
C VAL A 179 -4.14 8.35 -16.88
N VAL A 180 -3.12 8.15 -16.03
CA VAL A 180 -2.85 6.88 -15.39
C VAL A 180 -4.10 6.33 -14.69
N ARG A 181 -4.20 5.01 -14.62
CA ARG A 181 -5.39 4.32 -14.10
C ARG A 181 -5.88 4.88 -12.76
N HIS A 182 -4.95 5.06 -11.83
CA HIS A 182 -5.25 5.55 -10.48
C HIS A 182 -6.04 6.87 -10.46
N PHE A 183 -5.73 7.76 -11.41
CA PHE A 183 -6.37 9.08 -11.44
C PHE A 183 -7.47 9.20 -12.50
N LYS A 184 -7.72 8.12 -13.24
CA LYS A 184 -8.82 8.08 -14.21
C LYS A 184 -10.16 8.06 -13.50
N GLY A 185 -10.97 9.09 -13.75
CA GLY A 185 -12.26 9.26 -13.09
C GLY A 185 -12.17 9.76 -11.67
N SER A 186 -11.01 10.31 -11.28
CA SER A 186 -10.77 10.77 -9.92
C SER A 186 -11.47 12.09 -9.59
N MET A 187 -11.50 13.03 -10.54
CA MET A 187 -12.15 14.32 -10.33
C MET A 187 -13.62 14.15 -9.97
N GLU A 188 -14.31 13.28 -10.71
CA GLU A 188 -15.71 12.95 -10.45
C GLU A 188 -15.93 12.39 -9.04
N GLU A 189 -15.01 11.55 -8.58
CA GLU A 189 -15.05 10.99 -7.23
C GLU A 189 -14.90 12.08 -6.17
N TRP A 190 -13.94 12.98 -6.37
CA TRP A 190 -13.73 14.12 -5.48
C TRP A 190 -14.95 15.04 -5.46
N GLN A 191 -15.56 15.23 -6.64
CA GLN A 191 -16.76 16.05 -6.78
C GLN A 191 -17.91 15.51 -5.92
N ALA A 192 -18.15 14.21 -6.01
CA ALA A 192 -19.20 13.54 -5.25
C ALA A 192 -18.93 13.56 -3.74
N MET A 193 -17.65 13.66 -3.37
CA MET A 193 -17.22 13.70 -1.97
C MET A 193 -17.24 15.11 -1.39
N GLY A 194 -17.60 16.09 -2.22
CA GLY A 194 -17.75 17.47 -1.77
C GLY A 194 -16.47 18.27 -1.74
N VAL A 195 -15.41 17.74 -2.34
CA VAL A 195 -14.14 18.46 -2.47
C VAL A 195 -14.38 19.70 -3.33
N MET A 196 -13.88 20.85 -2.85
CA MET A 196 -14.16 22.14 -3.49
C MET A 196 -13.30 22.41 -4.71
N ASN A 197 -12.02 22.05 -4.63
CA ASN A 197 -11.01 22.58 -5.55
C ASN A 197 -9.71 21.79 -5.61
N TYR A 198 -8.89 22.15 -6.61
CA TYR A 198 -7.55 21.62 -6.80
C TYR A 198 -6.51 22.72 -6.58
N GLU A 199 -5.46 22.40 -5.83
CA GLU A 199 -4.22 23.18 -5.84
C GLU A 199 -3.04 22.25 -5.53
N MET A 200 -1.85 22.81 -5.35
CA MET A 200 -0.64 21.98 -5.37
C MET A 200 0.34 22.09 -4.18
N GLU A 201 -0.05 22.78 -3.11
CA GLU A 201 0.86 22.97 -1.96
C GLU A 201 0.28 22.68 -0.58
N SER A 202 -1.04 22.69 -0.46
CA SER A 202 -1.68 22.65 0.86
C SER A 202 -1.48 21.37 1.66
N ALA A 203 -1.56 20.21 1.00
CA ALA A 203 -1.38 18.92 1.67
C ALA A 203 -0.04 18.84 2.40
N THR A 204 1.04 19.21 1.71
CA THR A 204 2.38 19.22 2.31
C THR A 204 2.45 20.21 3.47
N LEU A 205 2.06 21.46 3.21
CA LEU A 205 2.10 22.51 4.23
C LEU A 205 1.34 22.13 5.49
N LEU A 206 0.07 21.71 5.31
CA LEU A 206 -0.80 21.40 6.44
C LEU A 206 -0.37 20.17 7.22
N THR A 207 0.12 19.15 6.50
CA THR A 207 0.62 17.93 7.15
C THR A 207 1.88 18.19 7.94
N MET A 208 2.84 18.88 7.33
CA MET A 208 4.13 19.13 7.98
C MET A 208 4.04 20.07 9.19
N CYS A 209 3.06 20.99 9.15
CA CYS A 209 2.86 21.93 10.25
C CYS A 209 2.09 21.31 11.40
N ALA A 210 1.01 20.60 11.08
CA ALA A 210 0.17 19.94 12.10
C ALA A 210 0.88 18.78 12.82
N SER A 211 1.91 18.22 12.17
CA SER A 211 2.66 17.11 12.76
C SER A 211 3.97 17.55 13.40
N GLN A 212 4.23 18.86 13.44
CA GLN A 212 5.45 19.41 14.04
C GLN A 212 5.18 20.58 15.00
N GLY A 213 3.91 20.82 15.32
CA GLY A 213 3.54 21.85 16.26
C GLY A 213 3.57 23.27 15.71
N LEU A 214 3.50 23.39 14.38
CA LEU A 214 3.45 24.69 13.72
C LEU A 214 2.04 25.00 13.27
N ARG A 215 1.66 26.27 13.32
CA ARG A 215 0.31 26.70 12.95
C ARG A 215 0.24 27.08 11.47
N ALA A 216 -0.75 26.53 10.76
CA ALA A 216 -0.88 26.76 9.32
C ALA A 216 -2.31 27.07 8.88
N GLY A 217 -2.43 27.99 7.92
CA GLY A 217 -3.70 28.33 7.32
C GLY A 217 -3.61 28.30 5.81
N MET A 218 -4.74 28.05 5.16
CA MET A 218 -4.77 27.93 3.69
C MET A 218 -5.97 28.64 3.07
N VAL A 219 -5.67 29.58 2.17
CA VAL A 219 -6.70 30.34 1.46
C VAL A 219 -6.36 30.44 -0.02
N ALA A 220 -7.37 30.43 -0.87
CA ALA A 220 -7.16 30.51 -2.31
C ALA A 220 -8.31 31.23 -3.04
N GLY A 221 -7.95 31.92 -4.12
CA GLY A 221 -8.92 32.57 -4.99
C GLY A 221 -9.12 31.76 -6.25
N VAL A 222 -10.38 31.43 -6.55
CA VAL A 222 -10.70 30.65 -7.76
C VAL A 222 -10.61 31.53 -9.02
N ILE A 223 -9.81 31.07 -9.97
CA ILE A 223 -9.66 31.76 -11.25
C ILE A 223 -10.25 30.92 -12.40
N VAL A 224 -10.78 29.75 -12.05
CA VAL A 224 -11.34 28.80 -13.01
C VAL A 224 -12.31 27.86 -12.31
N ASN A 225 -13.43 27.55 -12.97
CA ASN A 225 -14.29 26.46 -12.55
C ASN A 225 -14.28 25.37 -13.61
N ARG A 226 -13.86 24.17 -13.21
CA ARG A 226 -13.65 23.06 -14.13
C ARG A 226 -14.92 22.57 -14.84
N THR A 227 -16.08 22.78 -14.22
CA THR A 227 -17.35 22.40 -14.84
C THR A 227 -17.84 23.46 -15.84
N GLN A 228 -17.19 24.63 -15.82
CA GLN A 228 -17.59 25.77 -16.63
C GLN A 228 -16.57 26.14 -17.72
N GLN A 229 -15.28 26.03 -17.40
CA GLN A 229 -14.20 26.38 -18.33
C GLN A 229 -12.86 25.70 -17.98
N GLU A 230 -11.85 25.96 -18.80
CA GLU A 230 -10.50 25.45 -18.57
C GLU A 230 -9.46 26.58 -18.55
N ILE A 231 -9.61 27.56 -19.44
CA ILE A 231 -8.69 28.69 -19.50
C ILE A 231 -9.22 29.86 -18.66
N PRO A 232 -8.39 30.36 -17.74
CA PRO A 232 -8.78 31.49 -16.89
C PRO A 232 -8.77 32.82 -17.65
N ASN A 233 -9.63 33.73 -17.23
CA ASN A 233 -9.66 35.08 -17.79
C ASN A 233 -8.61 35.95 -17.13
N ALA A 234 -7.77 36.59 -17.94
CA ALA A 234 -6.65 37.41 -17.47
C ALA A 234 -7.06 38.56 -16.54
N GLU A 235 -8.20 39.17 -16.83
CA GLU A 235 -8.72 40.29 -16.03
C GLU A 235 -9.23 39.82 -14.66
N THR A 236 -10.01 38.74 -14.67
CA THR A 236 -10.56 38.18 -13.43
C THR A 236 -9.47 37.62 -12.51
N MET A 237 -8.40 37.13 -13.11
CA MET A 237 -7.24 36.62 -12.36
C MET A 237 -6.66 37.68 -11.42
N LYS A 238 -6.44 38.88 -11.95
CA LYS A 238 -5.86 39.99 -11.19
C LYS A 238 -6.81 40.50 -10.09
N GLN A 239 -8.09 40.59 -10.41
CA GLN A 239 -9.11 41.04 -9.46
C GLN A 239 -9.31 40.05 -8.32
N THR A 240 -9.25 38.76 -8.64
CA THR A 240 -9.36 37.69 -7.63
C THR A 240 -8.14 37.67 -6.71
N GLU A 241 -6.96 37.83 -7.31
CA GLU A 241 -5.71 37.89 -6.56
C GLU A 241 -5.72 39.06 -5.56
N SER A 242 -6.01 40.26 -6.06
CA SER A 242 -6.13 41.45 -5.21
C SER A 242 -7.09 41.22 -4.05
N HIS A 243 -8.23 40.59 -4.35
CA HIS A 243 -9.24 40.25 -3.35
C HIS A 243 -8.70 39.27 -2.32
N ALA A 244 -7.92 38.28 -2.78
CA ALA A 244 -7.35 37.25 -1.92
C ALA A 244 -6.21 37.80 -1.06
N VAL A 245 -5.35 38.62 -1.67
CA VAL A 245 -4.21 39.24 -0.98
C VAL A 245 -4.65 40.05 0.24
N LYS A 246 -5.78 40.74 0.12
CA LYS A 246 -6.32 41.56 1.20
C LYS A 246 -6.83 40.70 2.37
N ILE A 247 -7.37 39.53 2.07
CA ILE A 247 -7.90 38.61 3.08
C ILE A 247 -6.78 37.98 3.91
N VAL A 248 -5.69 37.60 3.25
CA VAL A 248 -4.57 36.93 3.92
C VAL A 248 -3.75 37.89 4.81
N VAL A 249 -3.72 39.17 4.43
CA VAL A 249 -3.07 40.21 5.24
C VAL A 249 -3.91 40.52 6.47
N GLU A 250 -5.23 40.57 6.27
CA GLU A 250 -6.19 40.82 7.37
C GLU A 250 -6.25 39.65 8.36
N ALA A 251 -6.08 38.43 7.85
CA ALA A 251 -6.00 37.24 8.70
C ALA A 251 -4.72 37.25 9.53
N ALA A 252 -3.65 37.75 8.91
CA ALA A 252 -2.35 37.90 9.57
C ALA A 252 -2.41 38.92 10.70
N ARG A 253 -3.26 39.94 10.55
CA ARG A 253 -3.51 40.95 11.58
C ARG A 253 -4.10 40.35 12.85
N ARG A 254 -4.97 39.35 12.68
CA ARG A 254 -5.69 38.73 13.80
C ARG A 254 -4.90 37.61 14.47
N LEU A 255 -3.73 37.31 13.93
CA LEU A 255 -2.89 36.22 14.46
C LEU A 255 -1.60 36.71 15.11
N LEU A 256 -1.33 38.00 14.98
CA LEU A 256 -0.13 38.61 15.56
C LEU A 256 -0.24 38.74 17.07
N LYS B 6 1.00 35.41 -26.89
CA LYS B 6 2.44 35.40 -26.50
C LYS B 6 2.83 34.12 -25.76
N SER B 7 1.89 33.19 -25.63
CA SER B 7 2.14 31.90 -24.99
C SER B 7 1.21 30.80 -25.50
N ASP B 8 1.79 29.65 -25.82
CA ASP B 8 1.03 28.48 -26.25
C ASP B 8 0.74 27.56 -25.05
N VAL B 9 1.33 27.88 -23.91
CA VAL B 9 1.26 27.04 -22.72
C VAL B 9 0.83 27.83 -21.48
N PHE B 10 0.45 27.10 -20.41
CA PHE B 10 -0.12 27.69 -19.21
C PHE B 10 0.88 28.42 -18.30
N HIS B 11 2.10 27.91 -18.20
CA HIS B 11 3.06 28.42 -17.21
C HIS B 11 4.35 29.02 -17.77
N LEU B 12 4.91 28.38 -18.79
CA LEU B 12 6.25 28.74 -19.28
C LEU B 12 6.35 30.09 -19.98
N GLY B 13 5.24 30.54 -20.57
CA GLY B 13 5.20 31.80 -21.29
C GLY B 13 5.97 31.75 -22.60
N LEU B 14 5.77 30.66 -23.35
CA LEU B 14 6.49 30.41 -24.60
C LEU B 14 5.55 29.99 -25.72
N THR B 15 5.91 30.34 -26.96
CA THR B 15 5.26 29.83 -28.15
C THR B 15 6.17 28.82 -28.83
N LYS B 16 5.61 27.98 -29.69
CA LYS B 16 6.37 27.01 -30.47
C LYS B 16 7.45 27.71 -31.32
N ASN B 17 7.14 28.94 -31.75
CA ASN B 17 8.06 29.76 -32.54
C ASN B 17 9.31 30.21 -31.79
N ASP B 18 9.19 30.39 -30.47
CA ASP B 18 10.31 30.78 -29.62
C ASP B 18 11.43 29.73 -29.61
N LEU B 19 11.05 28.48 -29.85
CA LEU B 19 11.97 27.35 -29.80
C LEU B 19 12.76 27.18 -31.10
N GLN B 20 12.27 27.78 -32.19
CA GLN B 20 12.91 27.74 -33.51
C GLN B 20 13.22 26.32 -34.00
N GLY B 21 12.34 25.38 -33.67
CA GLY B 21 12.48 24.00 -34.12
C GLY B 21 13.27 23.09 -33.19
N ALA B 22 13.57 23.58 -31.97
CA ALA B 22 14.31 22.80 -30.98
C ALA B 22 13.52 21.57 -30.51
N THR B 23 14.22 20.44 -30.40
CA THR B 23 13.62 19.20 -29.91
C THR B 23 14.31 18.71 -28.63
N LEU B 24 15.39 19.37 -28.25
CA LEU B 24 16.15 19.01 -27.05
C LEU B 24 16.17 20.15 -26.03
N ALA B 25 15.93 19.80 -24.77
CA ALA B 25 16.02 20.75 -23.67
C ALA B 25 16.96 20.28 -22.56
N ILE B 26 17.81 21.19 -22.09
CA ILE B 26 18.60 20.96 -20.88
C ILE B 26 17.81 21.56 -19.73
N VAL B 27 17.56 20.75 -18.70
CA VAL B 27 16.66 21.15 -17.62
C VAL B 27 17.29 21.12 -16.22
N PRO B 28 17.86 22.24 -15.80
CA PRO B 28 18.37 22.38 -14.43
C PRO B 28 17.22 22.60 -13.44
N GLY B 29 17.48 22.43 -12.16
CA GLY B 29 16.50 22.74 -11.13
C GLY B 29 16.42 24.23 -10.83
N ASP B 30 17.56 24.90 -10.91
CA ASP B 30 17.69 26.30 -10.50
C ASP B 30 17.51 27.28 -11.68
N PRO B 31 16.51 28.17 -11.58
CA PRO B 31 16.35 29.26 -12.55
C PRO B 31 17.57 30.17 -12.69
N ASP B 32 18.30 30.36 -11.59
CA ASP B 32 19.51 31.19 -11.58
C ASP B 32 20.68 30.58 -12.35
N ARG B 33 20.63 29.26 -12.55
CA ARG B 33 21.68 28.52 -13.25
C ARG B 33 21.46 28.46 -14.76
N VAL B 34 20.24 28.78 -15.21
CA VAL B 34 19.86 28.67 -16.61
C VAL B 34 20.75 29.48 -17.56
N GLU B 35 21.03 30.73 -17.20
CA GLU B 35 21.88 31.60 -18.00
C GLU B 35 23.32 31.08 -18.09
N LYS B 36 23.82 30.54 -16.99
CA LYS B 36 25.18 29.99 -16.92
C LYS B 36 25.38 28.82 -17.89
N ILE B 37 24.36 27.98 -18.00
CA ILE B 37 24.38 26.84 -18.92
C ILE B 37 24.24 27.29 -20.37
N ALA B 38 23.33 28.24 -20.60
CA ALA B 38 23.10 28.80 -21.94
C ALA B 38 24.30 29.56 -22.47
N ALA B 39 25.04 30.21 -21.58
CA ALA B 39 26.24 30.99 -21.93
C ALA B 39 27.40 30.10 -22.41
N LEU B 40 27.33 28.81 -22.09
CA LEU B 40 28.32 27.83 -22.55
C LEU B 40 28.14 27.48 -24.03
N MET B 41 26.99 27.85 -24.59
CA MET B 41 26.70 27.61 -26.00
C MET B 41 26.67 28.94 -26.79
N ASP B 42 26.51 28.84 -28.10
CA ASP B 42 26.53 30.01 -28.98
C ASP B 42 25.24 30.82 -28.93
N LYS B 43 25.38 32.14 -29.01
CA LYS B 43 24.27 33.10 -29.09
C LYS B 43 23.11 32.83 -28.12
N PRO B 44 23.36 32.90 -26.80
CA PRO B 44 22.29 32.68 -25.81
C PRO B 44 21.32 33.86 -25.71
N VAL B 45 20.03 33.55 -25.68
CA VAL B 45 18.98 34.57 -25.61
C VAL B 45 17.92 34.15 -24.58
N LYS B 46 17.56 35.09 -23.70
CA LYS B 46 16.50 34.87 -22.72
C LYS B 46 15.14 34.90 -23.41
N LEU B 47 14.33 33.88 -23.14
CA LEU B 47 13.01 33.77 -23.76
C LEU B 47 11.89 34.18 -22.82
N ALA B 48 11.91 33.63 -21.59
CA ALA B 48 10.86 33.88 -20.61
C ALA B 48 11.30 33.62 -19.18
N SER B 49 10.69 34.35 -18.24
CA SER B 49 10.87 34.10 -16.82
C SER B 49 9.53 34.28 -16.09
N HIS B 50 8.94 33.15 -15.69
CA HIS B 50 7.67 33.14 -14.96
C HIS B 50 7.72 32.10 -13.85
N ARG B 51 7.37 32.53 -12.64
CA ARG B 51 7.46 31.71 -11.44
C ARG B 51 8.89 31.17 -11.29
N GLU B 52 9.03 29.85 -11.14
CA GLU B 52 10.34 29.21 -11.04
C GLU B 52 10.84 28.69 -12.39
N PHE B 53 10.17 29.12 -13.47
CA PHE B 53 10.48 28.64 -14.81
C PHE B 53 11.17 29.71 -15.65
N THR B 54 12.49 29.61 -15.75
CA THR B 54 13.27 30.50 -16.58
C THR B 54 13.74 29.73 -17.82
N THR B 55 13.47 30.30 -19.00
CA THR B 55 13.82 29.65 -20.26
C THR B 55 14.78 30.49 -21.09
N TRP B 56 15.87 29.85 -21.51
CA TRP B 56 16.81 30.44 -22.44
C TRP B 56 16.92 29.54 -23.67
N ARG B 57 17.25 30.16 -24.81
CA ARG B 57 17.54 29.42 -26.03
C ARG B 57 18.97 29.73 -26.44
N ALA B 58 19.66 28.73 -26.97
CA ALA B 58 21.04 28.88 -27.42
C ALA B 58 21.31 28.04 -28.67
N GLU B 59 22.46 28.29 -29.30
CA GLU B 59 22.86 27.56 -30.49
C GLU B 59 23.98 26.59 -30.18
N LEU B 60 23.83 25.36 -30.65
CA LEU B 60 24.83 24.31 -30.46
C LEU B 60 25.07 23.58 -31.78
N ASP B 61 26.27 23.78 -32.33
CA ASP B 61 26.64 23.29 -33.65
C ASP B 61 25.65 23.72 -34.73
N GLY B 62 25.16 24.95 -34.62
CA GLY B 62 24.20 25.51 -35.56
C GLY B 62 22.76 25.07 -35.34
N LYS B 63 22.51 24.39 -34.22
CA LYS B 63 21.18 23.87 -33.91
C LYS B 63 20.63 24.47 -32.61
N PRO B 64 19.36 24.87 -32.61
CA PRO B 64 18.72 25.47 -31.44
C PRO B 64 18.58 24.47 -30.28
N VAL B 65 18.92 24.94 -29.07
CA VAL B 65 18.83 24.14 -27.84
C VAL B 65 18.19 24.99 -26.74
N ILE B 66 17.21 24.41 -26.05
CA ILE B 66 16.49 25.09 -24.97
C ILE B 66 17.11 24.75 -23.61
N VAL B 67 17.25 25.76 -22.75
CA VAL B 67 17.60 25.56 -21.35
C VAL B 67 16.47 26.12 -20.49
N CYS B 68 15.85 25.25 -19.69
CA CYS B 68 14.65 25.61 -18.95
C CYS B 68 14.65 25.02 -17.54
N SER B 69 14.48 25.87 -16.53
CA SER B 69 14.47 25.42 -15.15
C SER B 69 13.17 24.71 -14.76
N THR B 70 13.32 23.66 -13.96
CA THR B 70 12.19 22.86 -13.50
C THR B 70 11.73 23.32 -12.13
N GLY B 71 12.62 23.98 -11.40
CA GLY B 71 12.42 24.22 -9.98
C GLY B 71 12.77 22.95 -9.20
N ILE B 72 12.76 23.07 -7.86
CA ILE B 72 12.97 21.91 -7.00
C ILE B 72 11.68 21.09 -6.93
N GLY B 73 11.80 19.78 -7.12
CA GLY B 73 10.68 18.87 -6.93
C GLY B 73 9.95 18.44 -8.18
N GLY B 74 9.36 17.25 -8.10
CA GLY B 74 8.59 16.66 -9.17
C GLY B 74 7.40 17.44 -9.69
N PRO B 75 6.59 18.05 -8.82
CA PRO B 75 5.43 18.84 -9.25
C PRO B 75 5.72 19.92 -10.30
N SER B 76 6.69 20.79 -10.05
CA SER B 76 7.04 21.82 -11.04
C SER B 76 7.81 21.25 -12.21
N THR B 77 8.58 20.19 -11.97
CA THR B 77 9.23 19.43 -13.03
C THR B 77 8.17 18.91 -14.01
N SER B 78 7.12 18.29 -13.47
CA SER B 78 6.03 17.74 -14.27
C SER B 78 5.34 18.80 -15.15
N ILE B 79 5.21 20.02 -14.63
CA ILE B 79 4.65 21.14 -15.41
C ILE B 79 5.60 21.55 -16.55
N ALA B 80 6.87 21.77 -16.21
CA ALA B 80 7.87 22.22 -17.17
C ALA B 80 8.08 21.21 -18.31
N VAL B 81 8.18 19.94 -17.97
CA VAL B 81 8.40 18.88 -18.96
C VAL B 81 7.20 18.72 -19.90
N GLU B 82 5.99 18.70 -19.34
CA GLU B 82 4.77 18.58 -20.13
C GLU B 82 4.61 19.71 -21.14
N GLU B 83 4.80 20.94 -20.68
CA GLU B 83 4.58 22.11 -21.51
C GLU B 83 5.66 22.26 -22.57
N LEU B 84 6.90 21.86 -22.24
CA LEU B 84 7.98 21.79 -23.22
C LEU B 84 7.70 20.73 -24.28
N ALA B 85 7.11 19.61 -23.86
CA ALA B 85 6.72 18.54 -24.77
C ALA B 85 5.60 18.99 -25.72
N GLN B 86 4.69 19.81 -25.19
CA GLN B 86 3.63 20.42 -25.99
C GLN B 86 4.21 21.36 -27.04
N LEU B 87 5.36 21.96 -26.72
CA LEU B 87 6.04 22.89 -27.61
C LEU B 87 7.00 22.22 -28.58
N GLY B 88 7.17 20.91 -28.44
CA GLY B 88 7.96 20.13 -29.39
C GLY B 88 9.21 19.46 -28.88
N ILE B 89 9.55 19.64 -27.60
CA ILE B 89 10.74 19.00 -27.03
C ILE B 89 10.51 17.50 -26.85
N ARG B 90 11.47 16.71 -27.31
CA ARG B 90 11.39 15.24 -27.26
C ARG B 90 12.51 14.62 -26.43
N THR B 91 13.60 15.37 -26.25
CA THR B 91 14.75 14.91 -25.46
C THR B 91 15.01 15.85 -24.29
N PHE B 92 15.10 15.28 -23.10
CA PHE B 92 15.28 16.05 -21.88
C PHE B 92 16.54 15.60 -21.14
N LEU B 93 17.47 16.53 -20.95
CA LEU B 93 18.68 16.24 -20.20
C LEU B 93 18.75 17.07 -18.93
N ARG B 94 18.49 16.41 -17.80
CA ARG B 94 18.55 17.08 -16.51
C ARG B 94 19.99 17.23 -16.01
N ILE B 95 20.31 18.45 -15.57
CA ILE B 95 21.54 18.74 -14.86
C ILE B 95 21.19 19.19 -13.44
N GLY B 96 21.62 18.42 -12.45
CA GLY B 96 21.28 18.71 -11.07
C GLY B 96 22.47 18.84 -10.13
N THR B 97 22.18 19.16 -8.88
CA THR B 97 23.16 19.08 -7.79
C THR B 97 22.78 17.88 -6.94
N THR B 98 23.72 17.38 -6.16
CA THR B 98 23.46 16.16 -5.39
C THR B 98 24.31 16.00 -4.12
N GLY B 99 23.76 15.24 -3.18
CA GLY B 99 24.49 14.81 -1.99
C GLY B 99 24.73 13.32 -2.09
N ALA B 100 26.00 12.93 -2.17
CA ALA B 100 26.37 11.52 -2.30
C ALA B 100 26.31 10.81 -0.95
N ILE B 101 26.00 9.51 -0.99
CA ILE B 101 25.87 8.72 0.24
C ILE B 101 26.82 7.50 0.27
N GLN B 102 27.69 7.41 -0.72
CA GLN B 102 28.73 6.38 -0.73
C GLN B 102 30.10 7.00 -0.42
N PRO B 103 30.89 6.33 0.42
CA PRO B 103 32.20 6.86 0.84
C PRO B 103 33.23 7.04 -0.29
N HIS B 104 33.11 6.26 -1.35
CA HIS B 104 34.08 6.30 -2.46
C HIS B 104 33.80 7.41 -3.48
N ILE B 105 32.67 8.10 -3.30
CA ILE B 105 32.32 9.23 -4.16
C ILE B 105 32.74 10.54 -3.48
N ASN B 106 33.50 11.35 -4.20
CA ASN B 106 34.01 12.61 -3.65
C ASN B 106 33.30 13.83 -4.23
N VAL B 107 33.39 14.95 -3.51
CA VAL B 107 32.89 16.22 -4.00
C VAL B 107 33.63 16.59 -5.28
N GLY B 108 32.90 17.02 -6.30
CA GLY B 108 33.49 17.31 -7.60
C GLY B 108 33.22 16.23 -8.62
N ASP B 109 32.90 15.04 -8.15
CA ASP B 109 32.57 13.91 -9.02
C ASP B 109 31.25 14.14 -9.75
N VAL B 110 31.10 13.48 -10.89
CA VAL B 110 29.88 13.56 -11.69
C VAL B 110 29.15 12.21 -11.67
N LEU B 111 27.85 12.25 -11.43
CA LEU B 111 27.05 11.03 -11.37
C LEU B 111 26.03 10.96 -12.49
N VAL B 112 26.05 9.83 -13.20
CA VAL B 112 25.06 9.55 -14.24
C VAL B 112 24.07 8.51 -13.71
N THR B 113 22.79 8.86 -13.77
CA THR B 113 21.71 8.02 -13.23
C THR B 113 21.10 7.10 -14.28
N THR B 114 21.17 5.80 -14.04
CA THR B 114 20.52 4.81 -14.90
C THR B 114 19.04 4.72 -14.58
N ALA B 115 18.72 4.80 -13.28
CA ALA B 115 17.34 4.74 -12.79
C ALA B 115 17.26 5.26 -11.36
N SER B 116 16.06 5.62 -10.93
CA SER B 116 15.88 6.27 -9.64
C SER B 116 14.96 5.51 -8.69
N VAL B 117 15.30 5.58 -7.40
CA VAL B 117 14.40 5.16 -6.34
C VAL B 117 13.31 6.24 -6.24
N ARG B 118 12.06 5.80 -6.32
CA ARG B 118 10.93 6.71 -6.40
C ARG B 118 10.42 7.10 -5.01
N LEU B 119 11.07 8.09 -4.41
CA LEU B 119 10.66 8.62 -3.12
C LEU B 119 9.90 9.93 -3.32
N ASP B 120 9.15 9.98 -4.43
CA ASP B 120 8.39 11.16 -4.82
C ASP B 120 6.91 10.82 -4.98
N GLY B 121 6.09 11.84 -5.14
CA GLY B 121 4.67 11.65 -5.37
C GLY B 121 4.24 11.80 -6.82
N ALA B 122 4.91 12.68 -7.56
CA ALA B 122 4.50 13.02 -8.92
C ALA B 122 4.67 11.90 -9.95
N SER B 123 5.68 11.04 -9.77
CA SER B 123 5.89 9.91 -10.69
C SER B 123 4.71 8.96 -10.73
N LEU B 124 4.02 8.83 -9.58
CA LEU B 124 2.83 7.99 -9.46
C LEU B 124 1.64 8.50 -10.28
N HIS B 125 1.69 9.78 -10.65
CA HIS B 125 0.63 10.38 -11.46
C HIS B 125 0.79 10.04 -12.96
N PHE B 126 1.85 9.31 -13.28
CA PHE B 126 2.15 8.93 -14.66
C PHE B 126 2.24 7.42 -14.82
N ALA B 127 2.69 6.73 -13.77
CA ALA B 127 2.86 5.28 -13.78
C ALA B 127 2.83 4.74 -12.36
N PRO B 128 2.23 3.58 -12.15
CA PRO B 128 2.20 2.95 -10.81
C PRO B 128 3.61 2.67 -10.30
N LEU B 129 3.76 2.53 -8.99
CA LEU B 129 5.08 2.41 -8.34
C LEU B 129 5.99 1.33 -8.93
N GLU B 130 5.41 0.22 -9.36
CA GLU B 130 6.15 -0.91 -9.93
C GLU B 130 6.90 -0.57 -11.22
N PHE B 131 6.46 0.48 -11.92
CA PHE B 131 7.12 0.96 -13.14
C PHE B 131 8.46 1.61 -12.79
N PRO B 132 9.52 1.23 -13.51
CA PRO B 132 10.86 1.73 -13.21
C PRO B 132 11.08 3.17 -13.66
N ALA B 133 11.66 3.98 -12.77
CA ALA B 133 12.07 5.34 -13.12
C ALA B 133 13.42 5.28 -13.85
N VAL B 134 13.40 4.67 -15.04
CA VAL B 134 14.62 4.40 -15.80
C VAL B 134 14.92 5.50 -16.82
N ALA B 135 16.20 5.83 -16.94
CA ALA B 135 16.67 6.78 -17.95
C ALA B 135 16.73 6.12 -19.33
N ASP B 136 16.58 6.93 -20.36
CA ASP B 136 16.71 6.49 -21.74
C ASP B 136 18.14 6.04 -22.02
N PHE B 137 18.28 4.93 -22.73
CA PHE B 137 19.60 4.32 -22.99
C PHE B 137 20.53 5.22 -23.80
N GLU B 138 20.00 5.85 -24.85
CA GLU B 138 20.79 6.75 -25.70
C GLU B 138 21.27 7.98 -24.94
N CYS B 139 20.40 8.52 -24.08
CA CYS B 139 20.73 9.69 -23.26
C CYS B 139 21.79 9.36 -22.22
N THR B 140 21.67 8.19 -21.59
CA THR B 140 22.65 7.71 -20.62
C THR B 140 24.01 7.48 -21.29
N THR B 141 23.99 6.86 -22.46
CA THR B 141 25.21 6.62 -23.26
C THR B 141 25.91 7.93 -23.59
N ALA B 142 25.14 8.91 -24.05
CA ALA B 142 25.68 10.23 -24.41
C ALA B 142 26.28 10.96 -23.21
N LEU B 143 25.67 10.79 -22.04
CA LEU B 143 26.16 11.42 -20.82
C LEU B 143 27.43 10.75 -20.30
N VAL B 144 27.52 9.44 -20.49
CA VAL B 144 28.71 8.67 -20.10
C VAL B 144 29.87 8.95 -21.04
N GLU B 145 29.57 9.03 -22.34
CA GLU B 145 30.55 9.37 -23.36
C GLU B 145 31.07 10.80 -23.20
N ALA B 146 30.16 11.72 -22.87
CA ALA B 146 30.50 13.13 -22.66
C ALA B 146 31.36 13.35 -21.41
N ALA B 147 31.17 12.48 -20.41
CA ALA B 147 31.95 12.50 -19.19
C ALA B 147 33.42 12.19 -19.46
N LYS B 148 33.67 11.30 -20.40
CA LYS B 148 35.01 10.95 -20.84
C LYS B 148 35.61 12.04 -21.75
N SER B 149 34.73 12.71 -22.49
CA SER B 149 35.11 13.77 -23.42
C SER B 149 35.77 14.96 -22.71
N ILE B 150 35.23 15.34 -21.56
CA ILE B 150 35.80 16.42 -20.76
C ILE B 150 36.81 15.90 -19.72
N GLY B 151 36.77 14.59 -19.46
CA GLY B 151 37.72 13.94 -18.58
C GLY B 151 37.43 14.12 -17.10
N ALA B 152 36.24 13.70 -16.67
CA ALA B 152 35.84 13.82 -15.28
C ALA B 152 35.73 12.45 -14.60
N THR B 153 35.88 12.45 -13.27
CA THR B 153 35.67 11.23 -12.47
C THR B 153 34.17 10.95 -12.39
N THR B 154 33.76 9.80 -12.93
CA THR B 154 32.35 9.49 -13.11
C THR B 154 31.90 8.20 -12.41
N HIS B 155 30.71 8.25 -11.82
CA HIS B 155 30.06 7.07 -11.28
C HIS B 155 28.68 6.92 -11.93
N VAL B 156 28.37 5.70 -12.37
CA VAL B 156 27.09 5.40 -13.00
C VAL B 156 26.32 4.41 -12.11
N GLY B 157 25.04 4.73 -11.84
CA GLY B 157 24.21 3.88 -11.02
C GLY B 157 22.86 4.44 -10.62
N VAL B 158 22.35 3.98 -9.48
CA VAL B 158 21.02 4.31 -8.99
C VAL B 158 21.03 5.54 -8.08
N THR B 159 20.00 6.37 -8.23
CA THR B 159 19.83 7.60 -7.45
C THR B 159 18.53 7.54 -6.65
N ALA B 160 18.56 7.99 -5.40
CA ALA B 160 17.34 8.15 -4.61
C ALA B 160 16.78 9.55 -4.80
N SER B 161 15.59 9.63 -5.37
CA SER B 161 14.95 10.91 -5.70
C SER B 161 13.81 11.21 -4.73
N SER B 162 14.02 12.21 -3.87
CA SER B 162 13.14 12.46 -2.73
C SER B 162 12.29 13.72 -2.91
N ASP B 163 11.04 13.64 -2.43
CA ASP B 163 10.14 14.79 -2.44
C ASP B 163 10.47 15.80 -1.36
N THR B 164 11.49 15.51 -0.56
CA THR B 164 11.91 16.42 0.50
C THR B 164 13.44 16.45 0.65
N PHE B 165 13.94 17.59 1.11
CA PHE B 165 15.38 17.78 1.29
C PHE B 165 15.84 17.20 2.62
N TYR B 166 14.96 17.25 3.62
CA TYR B 166 15.35 16.94 4.99
C TYR B 166 15.01 15.50 5.45
N PRO B 167 13.78 15.21 5.86
CA PRO B 167 13.45 13.90 6.44
C PRO B 167 13.58 12.73 5.46
N GLY B 168 13.24 12.94 4.20
CA GLY B 168 13.35 11.92 3.16
C GLY B 168 14.78 11.64 2.75
N GLN B 169 15.71 12.48 3.21
CA GLN B 169 17.14 12.28 3.02
C GLN B 169 17.78 12.06 4.39
N GLU B 170 16.93 11.68 5.35
CA GLU B 170 17.30 11.44 6.75
C GLU B 170 18.22 12.49 7.38
N ARG B 171 17.80 13.75 7.27
CA ARG B 171 18.47 14.84 7.97
C ARG B 171 17.75 15.08 9.29
N TYR B 172 18.52 15.14 10.38
CA TYR B 172 17.96 15.36 11.72
C TYR B 172 18.23 16.77 12.23
N ASP B 173 19.03 17.51 11.48
CA ASP B 173 19.39 18.89 11.80
C ASP B 173 18.27 19.85 11.41
N THR B 174 17.11 19.70 12.06
CA THR B 174 15.90 20.42 11.68
C THR B 174 15.22 21.08 12.87
N TYR B 175 14.03 21.63 12.64
CA TYR B 175 13.24 22.27 13.70
C TYR B 175 12.70 21.23 14.69
N SER B 176 12.11 20.15 14.18
CA SER B 176 11.54 19.11 15.01
C SER B 176 12.59 18.09 15.47
N GLY B 177 13.63 17.91 14.66
CA GLY B 177 14.70 16.98 14.97
C GLY B 177 14.31 15.52 14.85
N ARG B 178 13.17 15.27 14.20
CA ARG B 178 12.64 13.92 14.03
C ARG B 178 12.52 13.54 12.56
N VAL B 179 12.55 12.23 12.29
CA VAL B 179 12.28 11.70 10.97
C VAL B 179 11.19 10.65 11.10
N VAL B 180 10.16 10.77 10.26
CA VAL B 180 9.03 9.83 10.25
C VAL B 180 9.50 8.37 10.12
N ARG B 181 8.77 7.47 10.78
CA ARG B 181 9.11 6.05 10.84
C ARG B 181 9.53 5.44 9.50
N HIS B 182 8.80 5.78 8.44
CA HIS B 182 9.07 5.24 7.10
C HIS B 182 10.48 5.54 6.60
N PHE B 183 11.02 6.70 6.96
CA PHE B 183 12.36 7.11 6.54
C PHE B 183 13.44 6.95 7.62
N LYS B 184 13.04 6.50 8.81
CA LYS B 184 14.00 6.19 9.85
C LYS B 184 14.87 5.01 9.41
N GLY B 185 16.18 5.21 9.42
CA GLY B 185 17.14 4.23 8.97
C GLY B 185 17.14 3.97 7.47
N SER B 186 16.58 4.91 6.70
CA SER B 186 16.44 4.74 5.25
C SER B 186 17.74 4.95 4.49
N MET B 187 18.54 5.94 4.89
CA MET B 187 19.81 6.23 4.23
C MET B 187 20.75 5.02 4.26
N GLU B 188 20.82 4.36 5.42
CA GLU B 188 21.63 3.17 5.60
C GLU B 188 21.20 2.04 4.66
N GLU B 189 19.88 1.88 4.50
CA GLU B 189 19.31 0.90 3.58
C GLU B 189 19.71 1.18 2.14
N TRP B 190 19.55 2.43 1.70
CA TRP B 190 19.94 2.84 0.34
C TRP B 190 21.44 2.66 0.12
N GLN B 191 22.24 2.97 1.14
CA GLN B 191 23.69 2.82 1.07
C GLN B 191 24.09 1.36 0.82
N ALA B 192 23.45 0.45 1.56
CA ALA B 192 23.70 -0.98 1.42
C ALA B 192 23.24 -1.52 0.06
N MET B 193 22.26 -0.87 -0.53
CA MET B 193 21.72 -1.26 -1.84
C MET B 193 22.49 -0.64 -3.01
N GLY B 194 23.56 0.09 -2.70
CA GLY B 194 24.43 0.65 -3.72
C GLY B 194 23.97 1.96 -4.33
N VAL B 195 22.92 2.55 -3.75
CA VAL B 195 22.42 3.86 -4.19
C VAL B 195 23.53 4.90 -3.98
N MET B 196 23.76 5.72 -5.00
CA MET B 196 24.88 6.65 -5.00
C MET B 196 24.61 7.95 -4.25
N ASN B 197 23.38 8.46 -4.37
CA ASN B 197 23.10 9.85 -4.04
C ASN B 197 21.63 10.22 -3.84
N TYR B 198 21.42 11.44 -3.35
CA TYR B 198 20.10 12.03 -3.17
C TYR B 198 19.95 13.26 -4.07
N GLU B 199 18.83 13.34 -4.78
CA GLU B 199 18.37 14.60 -5.36
C GLU B 199 16.83 14.62 -5.36
N MET B 200 16.21 15.55 -6.08
CA MET B 200 14.78 15.80 -5.89
C MET B 200 13.93 15.92 -7.16
N GLU B 201 14.49 15.63 -8.32
CA GLU B 201 13.74 15.80 -9.58
C GLU B 201 13.73 14.58 -10.51
N SER B 202 14.74 13.71 -10.40
CA SER B 202 14.95 12.63 -11.38
C SER B 202 13.82 11.60 -11.47
N ALA B 203 13.32 11.14 -10.33
CA ALA B 203 12.25 10.13 -10.33
C ALA B 203 11.04 10.58 -11.16
N THR B 204 10.57 11.79 -10.94
CA THR B 204 9.45 12.34 -11.70
C THR B 204 9.79 12.46 -13.18
N LEU B 205 10.92 13.09 -13.49
CA LEU B 205 11.35 13.29 -14.87
C LEU B 205 11.49 11.97 -15.64
N LEU B 206 12.26 11.04 -15.08
CA LEU B 206 12.51 9.76 -15.74
C LEU B 206 11.24 8.93 -15.95
N THR B 207 10.38 8.89 -14.92
CA THR B 207 9.13 8.13 -14.98
C THR B 207 8.17 8.70 -16.02
N MET B 208 7.90 10.00 -15.94
CA MET B 208 6.98 10.64 -16.89
C MET B 208 7.47 10.58 -18.34
N CYS B 209 8.79 10.58 -18.54
CA CYS B 209 9.36 10.52 -19.89
C CYS B 209 9.36 9.09 -20.45
N ALA B 210 9.78 8.13 -19.63
CA ALA B 210 9.82 6.73 -20.05
C ALA B 210 8.43 6.12 -20.30
N SER B 211 7.41 6.70 -19.69
CA SER B 211 6.04 6.22 -19.87
C SER B 211 5.23 7.01 -20.90
N GLN B 212 5.87 7.98 -21.56
CA GLN B 212 5.21 8.83 -22.54
C GLN B 212 5.96 8.95 -23.86
N GLY B 213 6.96 8.09 -24.05
CA GLY B 213 7.73 8.05 -25.29
C GLY B 213 8.72 9.19 -25.44
N LEU B 214 9.11 9.80 -24.33
CA LEU B 214 10.09 10.88 -24.32
C LEU B 214 11.44 10.40 -23.81
N ARG B 215 12.52 10.89 -24.41
CA ARG B 215 13.87 10.51 -24.01
C ARG B 215 14.39 11.42 -22.91
N ALA B 216 14.91 10.81 -21.83
CA ALA B 216 15.41 11.56 -20.69
C ALA B 216 16.73 11.04 -20.16
N GLY B 217 17.63 11.96 -19.84
CA GLY B 217 18.90 11.65 -19.22
C GLY B 217 19.08 12.42 -17.93
N MET B 218 19.87 11.87 -17.01
CA MET B 218 20.07 12.49 -15.70
C MET B 218 21.55 12.50 -15.29
N VAL B 219 22.04 13.70 -15.03
CA VAL B 219 23.42 13.89 -14.57
C VAL B 219 23.46 14.92 -13.43
N ALA B 220 24.38 14.73 -12.49
CA ALA B 220 24.51 15.62 -11.34
C ALA B 220 25.95 15.80 -10.87
N GLY B 221 26.25 16.98 -10.36
CA GLY B 221 27.55 17.27 -9.77
C GLY B 221 27.48 17.13 -8.26
N VAL B 222 28.44 16.39 -7.70
CA VAL B 222 28.49 16.17 -6.26
C VAL B 222 29.07 17.41 -5.58
N ILE B 223 28.26 18.06 -4.76
CA ILE B 223 28.70 19.23 -4.00
C ILE B 223 28.90 18.92 -2.52
N VAL B 224 28.32 17.81 -2.07
CA VAL B 224 28.48 17.33 -0.70
C VAL B 224 28.45 15.80 -0.62
N ASN B 225 29.22 15.24 0.31
CA ASN B 225 29.13 13.82 0.62
C ASN B 225 28.69 13.63 2.07
N ARG B 226 27.58 12.93 2.26
CA ARG B 226 26.93 12.79 3.55
C ARG B 226 27.71 11.97 4.58
N THR B 227 28.75 11.26 4.14
CA THR B 227 29.59 10.48 5.04
C THR B 227 30.83 11.23 5.52
N GLN B 228 31.06 12.44 5.00
CA GLN B 228 32.23 13.24 5.38
C GLN B 228 31.93 14.67 5.86
N GLN B 229 31.00 15.36 5.19
CA GLN B 229 30.62 16.73 5.58
C GLN B 229 29.17 17.09 5.21
N GLU B 230 28.65 18.17 5.79
CA GLU B 230 27.28 18.60 5.52
C GLU B 230 27.16 19.94 4.77
N ILE B 231 27.99 20.90 5.16
CA ILE B 231 27.96 22.22 4.51
C ILE B 231 28.80 22.21 3.23
N PRO B 232 28.17 22.55 2.10
CA PRO B 232 28.88 22.62 0.81
C PRO B 232 29.87 23.79 0.77
N ASN B 233 31.07 23.53 0.26
CA ASN B 233 32.13 24.54 0.18
C ASN B 233 31.85 25.60 -0.87
N ALA B 234 32.28 26.84 -0.58
CA ALA B 234 32.06 27.97 -1.48
C ALA B 234 32.91 27.87 -2.75
N GLU B 235 34.17 27.49 -2.58
CA GLU B 235 35.12 27.36 -3.69
C GLU B 235 34.82 26.13 -4.55
N THR B 236 34.65 24.98 -3.89
CA THR B 236 34.46 23.71 -4.58
C THR B 236 33.15 23.63 -5.37
N MET B 237 32.09 24.23 -4.82
CA MET B 237 30.75 24.21 -5.43
C MET B 237 30.75 24.59 -6.92
N LYS B 238 31.49 25.64 -7.26
CA LYS B 238 31.58 26.13 -8.64
C LYS B 238 32.37 25.19 -9.55
N GLN B 239 33.36 24.50 -8.98
CA GLN B 239 34.21 23.58 -9.72
C GLN B 239 33.48 22.32 -10.17
N THR B 240 32.67 21.74 -9.28
CA THR B 240 31.86 20.58 -9.61
C THR B 240 30.72 20.95 -10.55
N GLU B 241 30.18 22.16 -10.37
CA GLU B 241 29.13 22.69 -11.23
C GLU B 241 29.63 22.84 -12.67
N SER B 242 30.84 23.37 -12.82
CA SER B 242 31.47 23.58 -14.12
C SER B 242 31.64 22.28 -14.92
N HIS B 243 32.16 21.25 -14.26
CA HIS B 243 32.40 19.95 -14.90
C HIS B 243 31.10 19.26 -15.30
N ALA B 244 30.11 19.28 -14.41
CA ALA B 244 28.82 18.66 -14.66
C ALA B 244 28.02 19.36 -15.77
N VAL B 245 28.09 20.69 -15.78
CA VAL B 245 27.41 21.50 -16.80
C VAL B 245 28.05 21.32 -18.18
N LYS B 246 29.37 21.15 -18.20
CA LYS B 246 30.11 20.88 -19.43
C LYS B 246 29.72 19.53 -20.04
N ILE B 247 29.46 18.55 -19.18
CA ILE B 247 29.06 17.20 -19.61
C ILE B 247 27.67 17.20 -20.24
N VAL B 248 26.72 17.90 -19.62
CA VAL B 248 25.34 17.94 -20.13
C VAL B 248 25.23 18.63 -21.51
N VAL B 249 26.06 19.65 -21.73
CA VAL B 249 26.12 20.35 -23.02
C VAL B 249 26.78 19.46 -24.07
N GLU B 250 27.86 18.77 -23.68
CA GLU B 250 28.57 17.86 -24.56
C GLU B 250 27.72 16.62 -24.93
N ALA B 251 26.89 16.18 -23.98
CA ALA B 251 25.97 15.08 -24.20
C ALA B 251 24.83 15.48 -25.15
N ALA B 252 24.43 16.75 -25.07
CA ALA B 252 23.42 17.31 -25.97
C ALA B 252 23.91 17.33 -27.41
N ARG B 253 25.21 17.60 -27.59
CA ARG B 253 25.86 17.60 -28.90
C ARG B 253 25.73 16.25 -29.60
N ARG B 254 25.90 15.18 -28.83
CA ARG B 254 25.81 13.81 -29.34
C ARG B 254 24.38 13.41 -29.68
N LEU B 255 23.41 14.09 -29.07
CA LEU B 255 22.00 13.74 -29.20
C LEU B 255 21.22 14.66 -30.17
N LEU B 256 21.93 15.61 -30.79
CA LEU B 256 21.30 16.49 -31.76
C LEU B 256 21.13 15.80 -33.10
N SER C 7 -40.97 0.63 11.13
CA SER C 7 -39.53 0.99 10.96
C SER C 7 -39.16 1.16 9.49
N ASP C 8 -38.56 2.30 9.16
CA ASP C 8 -38.13 2.60 7.80
C ASP C 8 -36.65 2.24 7.58
N VAL C 9 -35.96 1.90 8.66
CA VAL C 9 -34.54 1.55 8.61
C VAL C 9 -34.30 0.12 9.08
N PHE C 10 -33.13 -0.44 8.74
CA PHE C 10 -32.82 -1.85 9.00
C PHE C 10 -32.42 -2.17 10.43
N HIS C 11 -31.92 -1.19 11.17
CA HIS C 11 -31.34 -1.45 12.50
C HIS C 11 -31.91 -0.61 13.63
N LEU C 12 -32.06 0.69 13.42
CA LEU C 12 -32.41 1.63 14.49
C LEU C 12 -33.85 1.49 15.00
N GLY C 13 -34.74 0.98 14.17
CA GLY C 13 -36.13 0.78 14.53
C GLY C 13 -36.89 2.09 14.67
N LEU C 14 -36.66 3.01 13.74
CA LEU C 14 -37.31 4.32 13.75
C LEU C 14 -37.91 4.68 12.39
N THR C 15 -39.01 5.42 12.43
CA THR C 15 -39.60 5.98 11.22
C THR C 15 -39.24 7.46 11.12
N LYS C 16 -39.41 8.04 9.93
CA LYS C 16 -39.18 9.46 9.70
C LYS C 16 -40.08 10.33 10.59
N ASN C 17 -41.25 9.79 10.91
CA ASN C 17 -42.22 10.47 11.77
C ASN C 17 -41.81 10.54 13.23
N ASP C 18 -41.06 9.53 13.69
CA ASP C 18 -40.58 9.45 15.07
C ASP C 18 -39.64 10.61 15.42
N LEU C 19 -38.93 11.10 14.43
CA LEU C 19 -37.95 12.18 14.60
C LEU C 19 -38.61 13.55 14.73
N GLN C 20 -39.81 13.67 14.15
CA GLN C 20 -40.59 14.92 14.16
C GLN C 20 -39.86 16.09 13.49
N GLY C 21 -39.16 15.78 12.39
CA GLY C 21 -38.45 16.80 11.62
C GLY C 21 -37.13 17.23 12.21
N ALA C 22 -36.51 16.36 13.00
CA ALA C 22 -35.21 16.64 13.59
C ALA C 22 -34.09 16.53 12.56
N THR C 23 -33.18 17.51 12.59
CA THR C 23 -32.05 17.55 11.65
C THR C 23 -30.71 17.36 12.35
N LEU C 24 -30.69 17.58 13.67
CA LEU C 24 -29.48 17.43 14.46
C LEU C 24 -29.55 16.23 15.39
N ALA C 25 -28.41 15.53 15.52
CA ALA C 25 -28.30 14.39 16.42
C ALA C 25 -27.00 14.40 17.21
N ILE C 26 -27.12 14.20 18.52
CA ILE C 26 -25.95 13.99 19.37
C ILE C 26 -25.71 12.49 19.46
N VAL C 27 -24.48 12.08 19.14
CA VAL C 27 -24.16 10.65 19.05
C VAL C 27 -23.09 10.17 20.03
N PRO C 28 -23.51 9.61 21.17
CA PRO C 28 -22.59 8.99 22.11
C PRO C 28 -22.25 7.55 21.71
N GLY C 29 -21.18 7.01 22.29
CA GLY C 29 -20.80 5.62 22.05
C GLY C 29 -21.58 4.66 22.92
N ASP C 30 -21.65 4.97 24.22
CA ASP C 30 -22.36 4.16 25.20
C ASP C 30 -23.87 4.42 25.13
N PRO C 31 -24.65 3.37 24.87
CA PRO C 31 -26.12 3.46 24.93
C PRO C 31 -26.67 3.77 26.33
N ASP C 32 -25.87 3.55 27.36
CA ASP C 32 -26.25 3.88 28.73
C ASP C 32 -26.16 5.38 28.99
N ARG C 33 -25.45 6.10 28.12
CA ARG C 33 -25.30 7.55 28.21
C ARG C 33 -26.45 8.30 27.54
N VAL C 34 -27.14 7.62 26.63
CA VAL C 34 -28.25 8.21 25.87
C VAL C 34 -29.34 8.78 26.79
N GLU C 35 -29.67 8.03 27.84
CA GLU C 35 -30.66 8.46 28.84
C GLU C 35 -30.20 9.72 29.58
N LYS C 36 -28.90 9.76 29.92
CA LYS C 36 -28.31 10.87 30.66
C LYS C 36 -28.30 12.18 29.87
N ILE C 37 -27.94 12.10 28.59
CA ILE C 37 -27.84 13.27 27.71
C ILE C 37 -29.21 13.86 27.38
N ALA C 38 -30.18 12.98 27.09
CA ALA C 38 -31.53 13.39 26.72
C ALA C 38 -32.31 14.00 27.88
N ALA C 39 -32.00 13.58 29.10
CA ALA C 39 -32.69 14.07 30.31
C ALA C 39 -32.34 15.51 30.65
N LEU C 40 -31.22 16.00 30.12
CA LEU C 40 -30.79 17.38 30.35
C LEU C 40 -31.52 18.38 29.46
N MET C 41 -32.23 17.87 28.44
CA MET C 41 -33.04 18.69 27.56
C MET C 41 -34.52 18.58 27.91
N ASP C 42 -35.36 19.38 27.26
CA ASP C 42 -36.79 19.40 27.53
C ASP C 42 -37.50 18.22 26.85
N LYS C 43 -38.50 17.67 27.55
CA LYS C 43 -39.33 16.57 27.07
C LYS C 43 -38.54 15.38 26.49
N PRO C 44 -37.92 14.57 27.37
CA PRO C 44 -37.17 13.39 26.93
C PRO C 44 -38.07 12.15 26.79
N VAL C 45 -38.05 11.55 25.60
CA VAL C 45 -38.87 10.37 25.31
C VAL C 45 -38.04 9.28 24.62
N LYS C 46 -38.14 8.05 25.14
CA LYS C 46 -37.49 6.89 24.53
C LYS C 46 -38.23 6.46 23.27
N LEU C 47 -37.47 6.25 22.19
CA LEU C 47 -38.05 5.86 20.91
C LEU C 47 -37.85 4.37 20.61
N ALA C 48 -36.60 3.92 20.68
CA ALA C 48 -36.26 2.53 20.37
C ALA C 48 -34.96 2.09 21.03
N SER C 49 -34.80 0.78 21.18
CA SER C 49 -33.55 0.18 21.65
C SER C 49 -33.34 -1.17 20.97
N HIS C 50 -32.40 -1.20 20.03
CA HIS C 50 -32.07 -2.42 19.30
C HIS C 50 -30.56 -2.60 19.21
N ARG C 51 -30.10 -3.79 19.60
CA ARG C 51 -28.67 -4.12 19.65
C ARG C 51 -27.91 -3.11 20.53
N GLU C 52 -27.10 -2.27 19.89
CA GLU C 52 -26.34 -1.23 20.59
C GLU C 52 -26.85 0.17 20.25
N PHE C 53 -28.00 0.22 19.57
CA PHE C 53 -28.59 1.49 19.14
C PHE C 53 -29.82 1.86 19.98
N THR C 54 -29.60 2.75 20.94
CA THR C 54 -30.68 3.28 21.77
C THR C 54 -30.95 4.73 21.36
N THR C 55 -32.20 5.02 21.02
CA THR C 55 -32.57 6.35 20.53
C THR C 55 -33.58 7.06 21.44
N TRP C 56 -33.24 8.29 21.83
CA TRP C 56 -34.12 9.12 22.63
C TRP C 56 -34.39 10.44 21.91
N ARG C 57 -35.66 10.86 21.92
CA ARG C 57 -36.05 12.14 21.36
C ARG C 57 -36.15 13.19 22.46
N ALA C 58 -35.61 14.38 22.20
CA ALA C 58 -35.65 15.48 23.14
C ALA C 58 -35.95 16.79 22.42
N GLU C 59 -36.14 17.86 23.20
CA GLU C 59 -36.41 19.18 22.65
C GLU C 59 -35.44 20.22 23.20
N LEU C 60 -34.88 21.02 22.29
CA LEU C 60 -33.92 22.06 22.65
C LEU C 60 -34.30 23.39 21.99
N ASP C 61 -34.67 24.36 22.83
CA ASP C 61 -35.10 25.69 22.39
C ASP C 61 -36.24 25.65 21.36
N GLY C 62 -37.24 24.83 21.65
CA GLY C 62 -38.42 24.69 20.80
C GLY C 62 -38.17 23.96 19.49
N LYS C 63 -37.18 23.07 19.49
CA LYS C 63 -36.83 22.28 18.31
C LYS C 63 -36.40 20.86 18.69
N PRO C 64 -36.93 19.86 17.99
CA PRO C 64 -36.62 18.45 18.29
C PRO C 64 -35.18 18.06 17.97
N VAL C 65 -34.54 17.34 18.90
CA VAL C 65 -33.16 16.87 18.76
C VAL C 65 -33.09 15.38 19.08
N ILE C 66 -32.19 14.67 18.41
CA ILE C 66 -32.04 13.22 18.57
C ILE C 66 -30.77 12.86 19.34
N VAL C 67 -30.89 11.89 20.25
CA VAL C 67 -29.74 11.29 20.91
C VAL C 67 -29.72 9.79 20.58
N CYS C 68 -28.67 9.35 19.89
CA CYS C 68 -28.59 7.97 19.42
C CYS C 68 -27.19 7.38 19.58
N SER C 69 -27.11 6.23 20.25
CA SER C 69 -25.84 5.55 20.47
C SER C 69 -25.30 4.90 19.20
N THR C 70 -23.99 5.03 18.98
CA THR C 70 -23.33 4.43 17.82
C THR C 70 -22.63 3.13 18.18
N GLY C 71 -22.37 2.95 19.47
CA GLY C 71 -21.57 1.82 19.95
C GLY C 71 -20.08 2.11 19.80
N ILE C 72 -19.26 1.16 20.21
CA ILE C 72 -17.81 1.28 20.06
C ILE C 72 -17.38 0.88 18.66
N GLY C 73 -16.67 1.77 17.98
CA GLY C 73 -16.07 1.45 16.70
C GLY C 73 -16.81 1.95 15.48
N GLY C 74 -16.08 2.05 14.38
CA GLY C 74 -16.59 2.54 13.11
C GLY C 74 -17.76 1.79 12.47
N PRO C 75 -17.70 0.46 12.44
CA PRO C 75 -18.77 -0.35 11.81
C PRO C 75 -20.19 -0.01 12.25
N SER C 76 -20.48 -0.06 13.55
CA SER C 76 -21.82 0.26 14.04
C SER C 76 -22.10 1.76 13.99
N THR C 77 -21.05 2.56 14.12
CA THR C 77 -21.14 4.01 13.93
C THR C 77 -21.61 4.32 12.50
N SER C 78 -21.07 3.60 11.53
CA SER C 78 -21.44 3.77 10.12
C SER C 78 -22.89 3.39 9.83
N ILE C 79 -23.40 2.38 10.55
CA ILE C 79 -24.81 2.00 10.46
C ILE C 79 -25.72 3.09 11.04
N ALA C 80 -25.38 3.56 12.25
CA ALA C 80 -26.17 4.56 12.96
C ALA C 80 -26.28 5.87 12.19
N VAL C 81 -25.14 6.36 11.69
CA VAL C 81 -25.08 7.63 10.96
C VAL C 81 -25.86 7.56 9.63
N GLU C 82 -25.65 6.49 8.88
CA GLU C 82 -26.30 6.28 7.58
C GLU C 82 -27.82 6.22 7.70
N GLU C 83 -28.30 5.46 8.68
CA GLU C 83 -29.72 5.26 8.88
C GLU C 83 -30.41 6.49 9.47
N LEU C 84 -29.67 7.29 10.24
CA LEU C 84 -30.17 8.57 10.73
C LEU C 84 -30.23 9.60 9.59
N ALA C 85 -29.24 9.54 8.69
CA ALA C 85 -29.21 10.41 7.52
C ALA C 85 -30.37 10.13 6.57
N GLN C 86 -30.77 8.86 6.49
CA GLN C 86 -31.94 8.43 5.72
C GLN C 86 -33.22 9.02 6.30
N LEU C 87 -33.22 9.21 7.63
CA LEU C 87 -34.39 9.72 8.34
C LEU C 87 -34.41 11.25 8.44
N GLY C 88 -33.37 11.90 7.91
CA GLY C 88 -33.35 13.34 7.79
C GLY C 88 -32.31 14.10 8.60
N ILE C 89 -31.45 13.37 9.32
CA ILE C 89 -30.40 14.02 10.12
C ILE C 89 -29.27 14.52 9.21
N ARG C 90 -28.93 15.79 9.38
CA ARG C 90 -27.89 16.42 8.56
C ARG C 90 -26.69 16.88 9.40
N THR C 91 -26.88 17.00 10.71
CA THR C 91 -25.80 17.42 11.61
C THR C 91 -25.57 16.38 12.71
N PHE C 92 -24.31 16.02 12.90
CA PHE C 92 -23.91 15.02 13.87
C PHE C 92 -22.88 15.59 14.85
N LEU C 93 -23.14 15.43 16.15
CA LEU C 93 -22.20 15.86 17.18
C LEU C 93 -21.84 14.69 18.07
N ARG C 94 -20.60 14.21 17.95
CA ARG C 94 -20.15 13.07 18.75
C ARG C 94 -19.68 13.50 20.14
N ILE C 95 -20.18 12.80 21.15
CA ILE C 95 -19.71 12.93 22.53
C ILE C 95 -19.07 11.61 22.94
N GLY C 96 -17.80 11.65 23.34
CA GLY C 96 -17.07 10.45 23.70
C GLY C 96 -16.20 10.53 24.93
N THR C 97 -15.64 9.39 25.31
CA THR C 97 -14.62 9.30 26.33
C THR C 97 -13.29 9.11 25.62
N THR C 98 -12.20 9.54 26.24
CA THR C 98 -10.89 9.45 25.59
C THR C 98 -9.71 9.19 26.54
N GLY C 99 -8.60 8.74 25.98
CA GLY C 99 -7.35 8.58 26.69
C GLY C 99 -6.32 9.52 26.11
N ALA C 100 -5.92 10.52 26.89
CA ALA C 100 -4.94 11.51 26.44
C ALA C 100 -3.53 10.94 26.45
N ILE C 101 -2.72 11.39 25.49
CA ILE C 101 -1.34 10.92 25.36
C ILE C 101 -0.32 12.05 25.45
N GLN C 102 -0.79 13.26 25.75
CA GLN C 102 0.08 14.41 25.96
C GLN C 102 0.18 14.75 27.45
N PRO C 103 1.39 14.99 27.94
CA PRO C 103 1.62 15.30 29.35
C PRO C 103 0.92 16.59 29.81
N HIS C 104 0.73 17.55 28.91
CA HIS C 104 0.12 18.84 29.25
C HIS C 104 -1.41 18.79 29.34
N ILE C 105 -2.01 17.71 28.81
CA ILE C 105 -3.44 17.49 28.95
C ILE C 105 -3.69 16.65 30.20
N ASN C 106 -4.67 17.06 31.01
CA ASN C 106 -4.98 16.39 32.27
C ASN C 106 -6.32 15.66 32.24
N VAL C 107 -6.51 14.75 33.21
CA VAL C 107 -7.79 14.06 33.39
C VAL C 107 -8.84 15.07 33.87
N GLY C 108 -9.95 15.13 33.13
CA GLY C 108 -11.00 16.10 33.40
C GLY C 108 -11.11 17.15 32.32
N ASP C 109 -10.12 17.22 31.45
CA ASP C 109 -10.08 18.19 30.35
C ASP C 109 -10.99 17.79 29.20
N VAL C 110 -11.45 18.78 28.45
CA VAL C 110 -12.30 18.57 27.28
C VAL C 110 -11.51 18.78 25.99
N LEU C 111 -11.66 17.86 25.04
CA LEU C 111 -10.91 17.91 23.78
C LEU C 111 -11.82 18.03 22.56
N VAL C 112 -11.55 19.03 21.72
CA VAL C 112 -12.25 19.21 20.46
C VAL C 112 -11.36 18.76 19.31
N THR C 113 -11.90 17.89 18.47
CA THR C 113 -11.15 17.31 17.35
C THR C 113 -11.37 18.09 16.06
N THR C 114 -10.27 18.56 15.48
CA THR C 114 -10.31 19.21 14.16
C THR C 114 -10.34 18.16 13.06
N ALA C 115 -9.55 17.11 13.26
CA ALA C 115 -9.48 15.98 12.32
C ALA C 115 -8.81 14.78 12.99
N SER C 116 -9.02 13.60 12.42
CA SER C 116 -8.57 12.35 13.05
C SER C 116 -7.56 11.57 12.22
N VAL C 117 -6.62 10.93 12.93
CA VAL C 117 -5.73 9.94 12.34
C VAL C 117 -6.56 8.68 12.10
N ARG C 118 -6.58 8.21 10.86
CA ARG C 118 -7.45 7.11 10.48
C ARG C 118 -6.81 5.73 10.70
N LEU C 119 -6.89 5.26 11.94
CA LEU C 119 -6.45 3.91 12.29
C LEU C 119 -7.67 2.98 12.34
N ASP C 120 -8.61 3.21 11.43
CA ASP C 120 -9.85 2.46 11.35
C ASP C 120 -10.02 1.88 9.94
N GLY C 121 -10.99 0.98 9.79
CA GLY C 121 -11.25 0.36 8.51
C GLY C 121 -12.46 0.92 7.78
N ALA C 122 -13.50 1.27 8.54
CA ALA C 122 -14.77 1.70 7.96
C ALA C 122 -14.71 2.99 7.13
N SER C 123 -13.84 3.92 7.55
CA SER C 123 -13.68 5.18 6.83
C SER C 123 -13.21 4.98 5.39
N LEU C 124 -12.44 3.92 5.17
CA LEU C 124 -11.97 3.54 3.83
C LEU C 124 -13.10 3.08 2.92
N HIS C 125 -14.23 2.70 3.52
CA HIS C 125 -15.41 2.28 2.77
C HIS C 125 -16.20 3.48 2.25
N PHE C 126 -15.78 4.68 2.63
CA PHE C 126 -16.43 5.92 2.20
C PHE C 126 -15.51 6.82 1.37
N ALA C 127 -14.21 6.77 1.68
CA ALA C 127 -13.20 7.60 1.01
C ALA C 127 -11.82 6.98 1.16
N PRO C 128 -10.97 7.10 0.14
CA PRO C 128 -9.61 6.56 0.20
C PRO C 128 -8.80 7.23 1.32
N LEU C 129 -7.78 6.53 1.82
CA LEU C 129 -6.99 6.99 2.97
C LEU C 129 -6.48 8.43 2.89
N GLU C 130 -6.22 8.91 1.67
CA GLU C 130 -5.71 10.27 1.45
C GLU C 130 -6.70 11.37 1.81
N PHE C 131 -8.00 11.04 1.80
CA PHE C 131 -9.05 11.98 2.18
C PHE C 131 -8.99 12.23 3.69
N PRO C 132 -9.04 13.50 4.10
CA PRO C 132 -8.92 13.85 5.52
C PRO C 132 -10.18 13.55 6.33
N ALA C 133 -9.99 12.91 7.49
CA ALA C 133 -11.08 12.70 8.44
C ALA C 133 -11.32 14.00 9.22
N VAL C 134 -11.82 15.00 8.52
CA VAL C 134 -11.94 16.35 9.05
C VAL C 134 -13.34 16.67 9.56
N ALA C 135 -13.41 17.38 10.69
CA ALA C 135 -14.66 17.84 11.26
C ALA C 135 -15.15 19.08 10.52
N ASP C 136 -16.46 19.30 10.57
CA ASP C 136 -17.08 20.49 10.00
C ASP C 136 -16.63 21.73 10.78
N PHE C 137 -16.35 22.82 10.06
CA PHE C 137 -15.85 24.05 10.67
C PHE C 137 -16.85 24.71 11.62
N GLU C 138 -18.13 24.71 11.23
CA GLU C 138 -19.19 25.30 12.05
C GLU C 138 -19.44 24.50 13.33
N CYS C 139 -19.35 23.17 13.21
CA CYS C 139 -19.53 22.27 14.34
C CYS C 139 -18.38 22.39 15.34
N THR C 140 -17.16 22.49 14.81
CA THR C 140 -15.96 22.69 15.62
C THR C 140 -15.99 24.04 16.33
N THR C 141 -16.40 25.08 15.60
CA THR C 141 -16.57 26.42 16.15
C THR C 141 -17.53 26.41 17.34
N ALA C 142 -18.68 25.76 17.16
CA ALA C 142 -19.72 25.69 18.18
C ALA C 142 -19.25 24.96 19.45
N LEU C 143 -18.52 23.87 19.27
CA LEU C 143 -18.04 23.06 20.40
C LEU C 143 -16.96 23.79 21.21
N VAL C 144 -16.10 24.54 20.51
CA VAL C 144 -15.07 25.35 21.17
C VAL C 144 -15.71 26.54 21.89
N GLU C 145 -16.71 27.15 21.24
CA GLU C 145 -17.43 28.29 21.81
C GLU C 145 -18.28 27.90 23.03
N ALA C 146 -18.84 26.69 22.98
CA ALA C 146 -19.63 26.15 24.10
C ALA C 146 -18.74 25.82 25.30
N ALA C 147 -17.53 25.34 25.02
CA ALA C 147 -16.53 25.05 26.05
C ALA C 147 -16.04 26.35 26.71
N LYS C 148 -15.93 27.41 25.92
CA LYS C 148 -15.58 28.74 26.41
C LYS C 148 -16.73 29.34 27.22
N SER C 149 -17.96 28.99 26.86
CA SER C 149 -19.16 29.51 27.50
C SER C 149 -19.34 28.99 28.93
N ILE C 150 -19.25 27.67 29.09
CA ILE C 150 -19.42 27.04 30.40
C ILE C 150 -18.13 27.04 31.23
N GLY C 151 -17.02 27.33 30.58
CA GLY C 151 -15.72 27.45 31.25
C GLY C 151 -15.10 26.12 31.63
N ALA C 152 -14.23 25.62 30.76
CA ALA C 152 -13.49 24.38 31.01
C ALA C 152 -12.16 24.40 30.26
N THR C 153 -11.15 23.74 30.82
CA THR C 153 -9.84 23.65 30.19
C THR C 153 -9.94 22.83 28.90
N THR C 154 -9.77 23.51 27.77
CA THR C 154 -10.01 22.93 26.45
C THR C 154 -8.76 22.89 25.58
N HIS C 155 -8.60 21.78 24.86
CA HIS C 155 -7.54 21.63 23.86
C HIS C 155 -8.14 21.26 22.50
N VAL C 156 -7.67 21.96 21.46
CA VAL C 156 -8.15 21.74 20.10
C VAL C 156 -7.00 21.19 19.25
N GLY C 157 -7.25 20.07 18.58
CA GLY C 157 -6.23 19.45 17.74
C GLY C 157 -6.60 18.12 17.13
N VAL C 158 -5.60 17.27 16.92
CA VAL C 158 -5.76 16.00 16.21
C VAL C 158 -5.96 14.83 17.17
N THR C 159 -6.88 13.93 16.79
CA THR C 159 -7.20 12.74 17.56
C THR C 159 -6.83 11.48 16.76
N ALA C 160 -6.19 10.52 17.42
CA ALA C 160 -5.95 9.21 16.83
C ALA C 160 -7.15 8.30 17.08
N SER C 161 -7.81 7.88 16.00
CA SER C 161 -9.03 7.06 16.09
C SER C 161 -8.76 5.62 15.68
N SER C 162 -8.67 4.74 16.68
CA SER C 162 -8.24 3.36 16.48
C SER C 162 -9.41 2.38 16.37
N ASP C 163 -9.23 1.36 15.53
CA ASP C 163 -10.23 0.30 15.38
C ASP C 163 -10.15 -0.70 16.54
N THR C 164 -9.27 -0.43 17.49
CA THR C 164 -9.05 -1.33 18.60
C THR C 164 -8.67 -0.57 19.88
N PHE C 165 -8.98 -1.17 21.03
CA PHE C 165 -8.69 -0.56 22.33
C PHE C 165 -7.26 -0.83 22.81
N TYR C 166 -6.74 -2.01 22.48
CA TYR C 166 -5.47 -2.46 23.03
C TYR C 166 -4.22 -2.23 22.13
N PRO C 167 -3.96 -3.10 21.16
CA PRO C 167 -2.72 -2.98 20.35
C PRO C 167 -2.63 -1.70 19.52
N GLY C 168 -3.76 -1.22 19.00
CA GLY C 168 -3.81 0.00 18.22
C GLY C 168 -3.60 1.26 19.06
N GLN C 169 -3.68 1.09 20.38
CA GLN C 169 -3.37 2.15 21.32
C GLN C 169 -2.12 1.81 22.11
N GLU C 170 -1.36 0.85 21.57
CA GLU C 170 -0.11 0.35 22.15
C GLU C 170 -0.20 -0.02 23.64
N ARG C 171 -1.22 -0.80 23.97
CA ARG C 171 -1.35 -1.39 25.30
C ARG C 171 -0.68 -2.76 25.29
N TYR C 172 0.23 -2.99 26.24
CA TYR C 172 0.95 -4.25 26.35
C TYR C 172 0.43 -5.09 27.50
N ASP C 173 -0.47 -4.51 28.30
CA ASP C 173 -1.11 -5.18 29.43
C ASP C 173 -2.26 -6.08 28.95
N THR C 174 -1.92 -7.06 28.12
CA THR C 174 -2.91 -7.90 27.44
C THR C 174 -2.66 -9.39 27.68
N TYR C 175 -3.46 -10.22 27.02
CA TYR C 175 -3.34 -11.68 27.09
C TYR C 175 -2.05 -12.16 26.43
N SER C 176 -1.83 -11.72 25.18
CA SER C 176 -0.63 -12.11 24.44
C SER C 176 0.59 -11.31 24.90
N GLY C 177 0.37 -10.05 25.27
CA GLY C 177 1.43 -9.16 25.70
C GLY C 177 2.27 -8.63 24.56
N ARG C 178 1.79 -8.81 23.34
CA ARG C 178 2.51 -8.36 22.15
C ARG C 178 1.68 -7.38 21.31
N VAL C 179 2.37 -6.50 20.60
CA VAL C 179 1.74 -5.58 19.67
C VAL C 179 2.35 -5.80 18.29
N VAL C 180 1.49 -5.89 17.27
CA VAL C 180 1.91 -6.10 15.88
C VAL C 180 2.89 -5.00 15.41
N ARG C 181 3.84 -5.41 14.57
CA ARG C 181 4.91 -4.54 14.08
C ARG C 181 4.45 -3.13 13.69
N HIS C 182 3.32 -3.07 12.98
CA HIS C 182 2.78 -1.81 12.47
C HIS C 182 2.52 -0.77 13.58
N PHE C 183 2.12 -1.23 14.76
CA PHE C 183 1.79 -0.33 15.87
C PHE C 183 2.86 -0.26 16.96
N LYS C 184 3.99 -0.91 16.74
CA LYS C 184 5.12 -0.85 17.66
C LYS C 184 5.76 0.52 17.65
N GLY C 185 5.76 1.19 18.81
CA GLY C 185 6.28 2.54 18.92
C GLY C 185 5.39 3.61 18.29
N SER C 186 4.12 3.26 18.06
CA SER C 186 3.18 4.17 17.40
C SER C 186 2.71 5.30 18.31
N MET C 187 2.50 5.01 19.60
CA MET C 187 2.08 6.01 20.56
C MET C 187 3.08 7.16 20.64
N GLU C 188 4.37 6.82 20.68
CA GLU C 188 5.45 7.81 20.68
C GLU C 188 5.47 8.64 19.39
N GLU C 189 5.14 8.00 18.27
CA GLU C 189 5.06 8.67 16.97
C GLU C 189 3.95 9.74 16.96
N TRP C 190 2.76 9.35 17.40
CA TRP C 190 1.63 10.28 17.50
C TRP C 190 1.91 11.42 18.49
N GLN C 191 2.57 11.07 19.60
CA GLN C 191 2.93 12.03 20.64
C GLN C 191 3.82 13.17 20.11
N ALA C 192 4.86 12.79 19.36
CA ALA C 192 5.76 13.75 18.74
C ALA C 192 5.06 14.56 17.64
N MET C 193 4.02 13.98 17.06
CA MET C 193 3.24 14.63 16.01
C MET C 193 2.15 15.57 16.56
N GLY C 194 2.07 15.65 17.89
CA GLY C 194 1.14 16.55 18.55
C GLY C 194 -0.29 16.02 18.67
N VAL C 195 -0.48 14.73 18.42
CA VAL C 195 -1.78 14.09 18.57
C VAL C 195 -2.20 14.10 20.04
N MET C 196 -3.41 14.56 20.31
CA MET C 196 -3.89 14.76 21.68
C MET C 196 -4.23 13.48 22.41
N ASN C 197 -4.90 12.56 21.72
CA ASN C 197 -5.63 11.48 22.40
C ASN C 197 -6.01 10.28 21.53
N TYR C 198 -6.49 9.23 22.20
CA TYR C 198 -7.02 8.04 21.55
C TYR C 198 -8.52 7.90 21.81
N GLU C 199 -9.28 7.59 20.76
CA GLU C 199 -10.65 7.08 20.89
C GLU C 199 -10.95 6.16 19.70
N MET C 200 -12.21 5.79 19.51
CA MET C 200 -12.54 4.68 18.59
C MET C 200 -13.67 4.92 17.58
N GLU C 201 -14.16 6.15 17.44
CA GLU C 201 -15.30 6.40 16.54
C GLU C 201 -15.18 7.61 15.60
N SER C 202 -14.30 8.54 15.92
CA SER C 202 -14.22 9.82 15.18
C SER C 202 -13.82 9.69 13.71
N ALA C 203 -12.79 8.88 13.43
CA ALA C 203 -12.28 8.71 12.07
C ALA C 203 -13.37 8.28 11.08
N THR C 204 -14.21 7.34 11.49
CA THR C 204 -15.31 6.85 10.67
C THR C 204 -16.39 7.91 10.47
N LEU C 205 -16.81 8.52 11.59
CA LEU C 205 -17.86 9.53 11.57
C LEU C 205 -17.45 10.75 10.75
N LEU C 206 -16.25 11.27 11.02
CA LEU C 206 -15.77 12.47 10.34
C LEU C 206 -15.56 12.29 8.84
N THR C 207 -15.05 11.11 8.44
CA THR C 207 -14.83 10.80 7.03
C THR C 207 -16.14 10.65 6.27
N MET C 208 -17.04 9.81 6.79
CA MET C 208 -18.30 9.52 6.11
C MET C 208 -19.22 10.73 6.00
N CYS C 209 -19.08 11.67 6.93
CA CYS C 209 -19.86 12.91 6.90
C CYS C 209 -19.28 13.94 5.95
N ALA C 210 -17.96 14.15 6.03
CA ALA C 210 -17.26 15.12 5.18
C ALA C 210 -17.25 14.72 3.70
N SER C 211 -17.41 13.43 3.43
CA SER C 211 -17.43 12.92 2.06
C SER C 211 -18.84 12.63 1.53
N GLN C 212 -19.85 13.00 2.31
CA GLN C 212 -21.26 12.80 1.92
C GLN C 212 -22.12 14.03 2.18
N GLY C 213 -21.48 15.16 2.46
CA GLY C 213 -22.17 16.42 2.66
C GLY C 213 -22.92 16.57 3.98
N LEU C 214 -22.46 15.84 5.00
CA LEU C 214 -23.05 15.93 6.34
C LEU C 214 -22.10 16.63 7.30
N ARG C 215 -22.65 17.41 8.22
CA ARG C 215 -21.86 18.17 9.18
C ARG C 215 -21.58 17.34 10.43
N ALA C 216 -20.32 17.32 10.86
CA ALA C 216 -19.91 16.52 12.01
C ALA C 216 -18.92 17.24 12.93
N GLY C 217 -19.18 17.12 14.23
CA GLY C 217 -18.30 17.64 15.26
C GLY C 217 -17.93 16.55 16.24
N MET C 218 -16.78 16.71 16.90
CA MET C 218 -16.27 15.69 17.81
C MET C 218 -15.73 16.29 19.11
N VAL C 219 -16.33 15.86 20.22
CA VAL C 219 -15.92 16.31 21.55
C VAL C 219 -15.76 15.11 22.50
N ALA C 220 -14.76 15.18 23.38
CA ALA C 220 -14.47 14.10 24.31
C ALA C 220 -13.91 14.61 25.64
N GLY C 221 -14.27 13.91 26.72
CA GLY C 221 -13.75 14.19 28.04
C GLY C 221 -12.64 13.22 28.41
N VAL C 222 -11.53 13.77 28.89
CA VAL C 222 -10.35 12.96 29.27
C VAL C 222 -10.60 12.28 30.61
N ILE C 223 -10.75 10.96 30.57
CA ILE C 223 -10.95 10.17 31.79
C ILE C 223 -9.69 9.40 32.21
N VAL C 224 -8.72 9.37 31.30
CA VAL C 224 -7.44 8.70 31.55
C VAL C 224 -6.29 9.41 30.82
N ASN C 225 -5.13 9.44 31.47
CA ASN C 225 -3.90 9.94 30.85
C ASN C 225 -2.84 8.85 30.79
N ARG C 226 -2.38 8.56 29.57
CA ARG C 226 -1.50 7.41 29.31
C ARG C 226 -0.06 7.60 29.79
N THR C 227 0.33 8.84 30.09
CA THR C 227 1.71 9.15 30.46
C THR C 227 2.00 9.02 31.96
N GLN C 228 0.96 9.16 32.78
CA GLN C 228 1.16 9.18 34.24
C GLN C 228 0.29 8.23 35.06
N GLN C 229 -1.02 8.50 35.12
CA GLN C 229 -1.91 7.79 36.04
C GLN C 229 -2.34 6.40 35.55
N GLU C 230 -2.81 5.58 36.50
CA GLU C 230 -3.23 4.20 36.22
C GLU C 230 -4.67 3.97 36.62
N ILE C 231 -5.46 3.40 35.71
CA ILE C 231 -6.87 3.04 35.93
C ILE C 231 -7.78 4.27 36.12
N PRO C 232 -8.86 4.36 35.34
CA PRO C 232 -9.81 5.47 35.46
C PRO C 232 -10.55 5.43 36.80
N ASN C 233 -10.48 6.53 37.54
CA ASN C 233 -11.19 6.66 38.81
C ASN C 233 -12.69 6.81 38.59
N ALA C 234 -13.47 6.11 39.40
CA ALA C 234 -14.93 6.11 39.27
C ALA C 234 -15.55 7.47 39.54
N GLU C 235 -15.04 8.17 40.55
CA GLU C 235 -15.54 9.48 40.95
C GLU C 235 -15.21 10.58 39.94
N THR C 236 -14.00 10.52 39.39
CA THR C 236 -13.53 11.49 38.39
C THR C 236 -14.19 11.27 37.03
N MET C 237 -14.55 10.02 36.75
CA MET C 237 -15.19 9.63 35.49
C MET C 237 -16.54 10.30 35.29
N LYS C 238 -17.34 10.33 36.35
CA LYS C 238 -18.69 10.87 36.31
C LYS C 238 -18.71 12.38 36.08
N GLN C 239 -17.79 13.09 36.74
CA GLN C 239 -17.69 14.54 36.63
C GLN C 239 -17.10 15.00 35.29
N THR C 240 -16.25 14.17 34.71
CA THR C 240 -15.68 14.45 33.38
C THR C 240 -16.72 14.21 32.29
N GLU C 241 -17.57 13.21 32.48
CA GLU C 241 -18.63 12.87 31.55
C GLU C 241 -19.69 13.97 31.50
N SER C 242 -20.13 14.43 32.67
CA SER C 242 -21.15 15.48 32.78
C SER C 242 -20.65 16.84 32.29
N HIS C 243 -19.35 17.07 32.41
CA HIS C 243 -18.73 18.31 31.94
C HIS C 243 -18.76 18.41 30.42
N ALA C 244 -18.40 17.31 29.76
CA ALA C 244 -18.38 17.25 28.29
C ALA C 244 -19.78 17.21 27.69
N VAL C 245 -20.72 16.61 28.42
CA VAL C 245 -22.12 16.52 27.97
C VAL C 245 -22.78 17.92 27.95
N LYS C 246 -22.45 18.73 28.96
CA LYS C 246 -22.92 20.11 29.03
C LYS C 246 -22.45 20.94 27.82
N ILE C 247 -21.22 20.68 27.37
CA ILE C 247 -20.65 21.36 26.21
C ILE C 247 -21.36 20.97 24.91
N VAL C 248 -21.61 19.66 24.73
CA VAL C 248 -22.22 19.14 23.50
C VAL C 248 -23.67 19.61 23.30
N VAL C 249 -24.40 19.79 24.41
CA VAL C 249 -25.78 20.27 24.36
C VAL C 249 -25.79 21.77 24.04
N GLU C 250 -24.89 22.51 24.66
CA GLU C 250 -24.72 23.95 24.43
C GLU C 250 -24.25 24.24 23.00
N ALA C 251 -23.45 23.33 22.45
CA ALA C 251 -22.99 23.43 21.06
C ALA C 251 -24.13 23.14 20.07
N ALA C 252 -25.01 22.21 20.45
CA ALA C 252 -26.19 21.88 19.65
C ALA C 252 -27.15 23.07 19.53
N ARG C 253 -27.18 23.90 20.57
CA ARG C 253 -27.97 25.13 20.60
C ARG C 253 -27.51 26.12 19.53
N ARG C 254 -26.19 26.23 19.38
CA ARG C 254 -25.57 27.19 18.45
C ARG C 254 -25.70 26.77 16.99
N LEU C 255 -25.95 25.48 16.74
CA LEU C 255 -26.01 24.95 15.39
C LEU C 255 -27.43 24.79 14.85
N LEU C 256 -28.42 24.94 15.73
CA LEU C 256 -29.82 24.83 15.35
C LEU C 256 -30.36 26.13 14.75
N SER D 7 -14.13 -5.68 39.51
CA SER D 7 -14.01 -6.02 38.06
C SER D 7 -12.55 -6.18 37.64
N ASP D 8 -12.26 -7.31 36.99
CA ASP D 8 -10.91 -7.60 36.52
C ASP D 8 -10.64 -6.98 35.15
N VAL D 9 -11.71 -6.72 34.40
CA VAL D 9 -11.60 -6.20 33.05
C VAL D 9 -12.11 -4.75 32.92
N PHE D 10 -11.74 -4.09 31.83
CA PHE D 10 -12.02 -2.68 31.62
C PHE D 10 -13.45 -2.37 31.14
N HIS D 11 -14.03 -3.27 30.36
CA HIS D 11 -15.31 -3.01 29.70
C HIS D 11 -16.44 -3.97 30.07
N LEU D 12 -16.12 -5.26 30.18
CA LEU D 12 -17.13 -6.30 30.38
C LEU D 12 -17.69 -6.34 31.80
N GLY D 13 -16.91 -5.86 32.76
CA GLY D 13 -17.31 -5.83 34.16
C GLY D 13 -17.43 -7.20 34.78
N LEU D 14 -16.42 -8.05 34.55
CA LEU D 14 -16.42 -9.43 35.03
C LEU D 14 -15.14 -9.77 35.78
N THR D 15 -15.24 -10.74 36.69
CA THR D 15 -14.08 -11.28 37.39
C THR D 15 -13.85 -12.73 36.96
N LYS D 16 -12.63 -13.22 37.17
CA LYS D 16 -12.27 -14.60 36.84
C LYS D 16 -13.14 -15.60 37.59
N ASN D 17 -13.59 -15.22 38.79
CA ASN D 17 -14.49 -16.02 39.61
C ASN D 17 -15.89 -16.19 39.00
N ASP D 18 -16.38 -15.12 38.36
CA ASP D 18 -17.70 -15.14 37.72
C ASP D 18 -17.81 -16.21 36.63
N LEU D 19 -16.68 -16.50 35.98
CA LEU D 19 -16.63 -17.46 34.88
C LEU D 19 -16.71 -18.92 35.36
N GLN D 20 -16.32 -19.15 36.61
CA GLN D 20 -16.32 -20.48 37.23
C GLN D 20 -15.45 -21.49 36.49
N GLY D 21 -14.37 -21.01 35.87
CA GLY D 21 -13.43 -21.86 35.16
C GLY D 21 -13.84 -22.23 33.75
N ALA D 22 -14.66 -21.39 33.13
CA ALA D 22 -15.09 -21.59 31.75
C ALA D 22 -13.94 -21.33 30.77
N THR D 23 -13.80 -22.20 29.78
CA THR D 23 -12.77 -22.07 28.75
C THR D 23 -13.36 -21.76 27.38
N LEU D 24 -14.63 -22.15 27.19
CA LEU D 24 -15.34 -21.89 25.94
C LEU D 24 -16.32 -20.73 26.10
N ALA D 25 -16.48 -19.95 25.02
CA ALA D 25 -17.45 -18.86 24.98
C ALA D 25 -18.15 -18.79 23.63
N ILE D 26 -19.47 -18.70 23.67
CA ILE D 26 -20.27 -18.47 22.47
C ILE D 26 -20.49 -16.98 22.32
N VAL D 27 -20.10 -16.42 21.18
CA VAL D 27 -20.13 -14.98 20.98
C VAL D 27 -21.05 -14.53 19.83
N PRO D 28 -22.29 -14.15 20.17
CA PRO D 28 -23.21 -13.55 19.19
C PRO D 28 -22.93 -12.07 19.00
N GLY D 29 -23.50 -11.47 17.95
CA GLY D 29 -23.37 -10.05 17.71
C GLY D 29 -24.38 -9.25 18.51
N ASP D 30 -25.61 -9.76 18.57
CA ASP D 30 -26.72 -9.10 19.26
C ASP D 30 -26.69 -9.42 20.76
N PRO D 31 -26.56 -8.40 21.60
CA PRO D 31 -26.68 -8.57 23.05
C PRO D 31 -28.05 -9.10 23.49
N ASP D 32 -29.06 -8.93 22.64
CA ASP D 32 -30.41 -9.43 22.92
C ASP D 32 -30.54 -10.93 22.61
N ARG D 33 -29.61 -11.46 21.83
CA ARG D 33 -29.57 -12.89 21.50
C ARG D 33 -28.86 -13.70 22.59
N VAL D 34 -28.11 -13.02 23.44
CA VAL D 34 -27.34 -13.65 24.52
C VAL D 34 -28.24 -14.47 25.46
N GLU D 35 -29.40 -13.91 25.80
CA GLU D 35 -30.38 -14.59 26.65
C GLU D 35 -30.95 -15.85 25.97
N LYS D 36 -31.25 -15.73 24.68
CA LYS D 36 -31.85 -16.83 23.91
C LYS D 36 -30.96 -18.07 23.83
N ILE D 37 -29.65 -17.85 23.62
CA ILE D 37 -28.68 -18.94 23.52
C ILE D 37 -28.40 -19.57 24.88
N ALA D 38 -28.25 -18.73 25.91
CA ALA D 38 -27.96 -19.19 27.27
C ALA D 38 -29.11 -20.01 27.87
N ALA D 39 -30.35 -19.66 27.49
CA ALA D 39 -31.54 -20.34 27.99
C ALA D 39 -31.69 -21.75 27.43
N LEU D 40 -31.03 -22.03 26.31
CA LEU D 40 -31.05 -23.35 25.69
C LEU D 40 -30.22 -24.37 26.47
N MET D 41 -29.20 -23.88 27.17
CA MET D 41 -28.36 -24.71 28.03
C MET D 41 -28.91 -24.77 29.45
N ASP D 42 -28.35 -25.64 30.28
CA ASP D 42 -28.77 -25.80 31.67
C ASP D 42 -28.29 -24.64 32.55
N LYS D 43 -29.13 -24.24 33.50
CA LYS D 43 -28.81 -23.19 34.49
C LYS D 43 -28.29 -21.87 33.88
N PRO D 44 -29.19 -21.08 33.29
CA PRO D 44 -28.79 -19.77 32.73
C PRO D 44 -28.79 -18.66 33.77
N VAL D 45 -27.68 -17.93 33.87
CA VAL D 45 -27.51 -16.85 34.84
C VAL D 45 -26.90 -15.61 34.18
N LYS D 46 -27.56 -14.46 34.36
CA LYS D 46 -27.05 -13.18 33.89
C LYS D 46 -25.92 -12.69 34.81
N LEU D 47 -24.79 -12.31 34.21
CA LEU D 47 -23.63 -11.86 34.97
C LEU D 47 -23.51 -10.34 34.99
N ALA D 48 -23.37 -9.74 33.81
CA ALA D 48 -23.20 -8.29 33.68
C ALA D 48 -23.67 -7.78 32.32
N SER D 49 -24.18 -6.56 32.30
CA SER D 49 -24.57 -5.90 31.05
C SER D 49 -24.01 -4.47 31.02
N HIS D 50 -22.98 -4.28 30.20
CA HIS D 50 -22.33 -2.97 30.07
C HIS D 50 -22.10 -2.63 28.60
N ARG D 51 -22.50 -1.42 28.22
CA ARG D 51 -22.43 -0.94 26.84
C ARG D 51 -23.16 -1.88 25.88
N GLU D 52 -22.43 -2.56 25.02
CA GLU D 52 -23.00 -3.53 24.08
C GLU D 52 -22.61 -4.96 24.46
N PHE D 53 -22.06 -5.12 25.65
CA PHE D 53 -21.57 -6.42 26.11
C PHE D 53 -22.46 -7.01 27.21
N THR D 54 -23.33 -7.93 26.82
CA THR D 54 -24.15 -8.68 27.75
C THR D 54 -23.56 -10.08 27.92
N THR D 55 -23.22 -10.43 29.16
CA THR D 55 -22.61 -11.72 29.45
C THR D 55 -23.51 -12.60 30.32
N TRP D 56 -23.78 -13.81 29.84
CA TRP D 56 -24.55 -14.81 30.56
C TRP D 56 -23.72 -16.07 30.75
N ARG D 57 -23.82 -16.68 31.92
CA ARG D 57 -23.16 -17.95 32.20
C ARG D 57 -24.18 -19.08 32.23
N ALA D 58 -23.83 -20.17 31.56
CA ALA D 58 -24.69 -21.36 31.49
C ALA D 58 -23.88 -22.63 31.73
N GLU D 59 -24.58 -23.76 31.81
CA GLU D 59 -23.93 -25.06 32.00
C GLU D 59 -24.30 -26.03 30.88
N LEU D 60 -23.27 -26.63 30.29
CA LEU D 60 -23.44 -27.58 29.20
C LEU D 60 -22.65 -28.85 29.50
N ASP D 61 -23.36 -29.97 29.58
CA ASP D 61 -22.78 -31.28 29.93
C ASP D 61 -22.03 -31.25 31.27
N GLY D 62 -22.50 -30.43 32.20
CA GLY D 62 -21.87 -30.27 33.50
C GLY D 62 -20.65 -29.36 33.50
N LYS D 63 -20.49 -28.59 32.42
CA LYS D 63 -19.36 -27.67 32.26
C LYS D 63 -19.83 -26.23 32.04
N PRO D 64 -19.25 -25.28 32.77
CA PRO D 64 -19.61 -23.86 32.62
C PRO D 64 -19.25 -23.29 31.24
N VAL D 65 -20.23 -22.62 30.63
CA VAL D 65 -20.05 -22.01 29.31
C VAL D 65 -20.50 -20.54 29.36
N ILE D 66 -19.70 -19.67 28.74
CA ILE D 66 -19.97 -18.23 28.71
C ILE D 66 -20.63 -17.83 27.39
N VAL D 67 -21.65 -16.99 27.47
CA VAL D 67 -22.25 -16.36 26.28
C VAL D 67 -22.09 -14.85 26.41
N CYS D 68 -21.39 -14.24 25.46
CA CYS D 68 -21.08 -12.81 25.51
C CYS D 68 -21.20 -12.15 24.14
N SER D 69 -21.95 -11.05 24.08
CA SER D 69 -22.12 -10.31 22.84
C SER D 69 -20.87 -9.51 22.49
N THR D 70 -20.57 -9.46 21.20
CA THR D 70 -19.43 -8.70 20.68
C THR D 70 -19.86 -7.35 20.14
N GLY D 71 -21.13 -7.24 19.78
CA GLY D 71 -21.64 -6.08 19.06
C GLY D 71 -21.28 -6.18 17.59
N ILE D 72 -21.73 -5.20 16.81
CA ILE D 72 -21.44 -5.19 15.37
C ILE D 72 -20.05 -4.60 15.10
N GLY D 73 -19.26 -5.34 14.34
CA GLY D 73 -17.97 -4.85 13.90
C GLY D 73 -16.77 -5.33 14.71
N GLY D 74 -15.60 -5.27 14.07
CA GLY D 74 -14.35 -5.68 14.66
C GLY D 74 -13.90 -5.00 15.95
N PRO D 75 -14.01 -3.68 16.04
CA PRO D 75 -13.57 -2.94 17.23
C PRO D 75 -14.11 -3.44 18.58
N SER D 76 -15.43 -3.57 18.72
CA SER D 76 -15.99 -4.07 19.98
C SER D 76 -15.80 -5.57 20.13
N THR D 77 -15.70 -6.28 19.00
CA THR D 77 -15.37 -7.69 18.99
C THR D 77 -13.98 -7.90 19.60
N SER D 78 -13.02 -7.06 19.20
CA SER D 78 -11.64 -7.13 19.69
C SER D 78 -11.54 -6.83 21.19
N ILE D 79 -12.40 -5.94 21.69
CA ILE D 79 -12.47 -5.64 23.12
C ILE D 79 -13.01 -6.84 23.91
N ALA D 80 -14.12 -7.39 23.44
CA ALA D 80 -14.79 -8.51 24.10
C ALA D 80 -13.92 -9.77 24.13
N VAL D 81 -13.33 -10.13 22.99
CA VAL D 81 -12.52 -11.34 22.87
C VAL D 81 -11.23 -11.25 23.71
N GLU D 82 -10.57 -10.09 23.68
CA GLU D 82 -9.36 -9.86 24.45
C GLU D 82 -9.61 -9.92 25.95
N GLU D 83 -10.69 -9.27 26.38
CA GLU D 83 -11.04 -9.22 27.80
C GLU D 83 -11.57 -10.56 28.32
N LEU D 84 -12.19 -11.34 27.45
CA LEU D 84 -12.60 -12.70 27.80
C LEU D 84 -11.39 -13.62 27.88
N ALA D 85 -10.40 -13.36 27.01
CA ALA D 85 -9.14 -14.10 27.04
C ALA D 85 -8.34 -13.80 28.32
N GLN D 86 -8.47 -12.56 28.80
CA GLN D 86 -7.91 -12.15 30.08
C GLN D 86 -8.60 -12.87 31.24
N LEU D 87 -9.86 -13.23 31.04
CA LEU D 87 -10.64 -13.94 32.04
C LEU D 87 -10.47 -15.46 31.97
N GLY D 88 -9.80 -15.94 30.92
CA GLY D 88 -9.44 -17.34 30.81
C GLY D 88 -10.13 -18.14 29.70
N ILE D 89 -10.79 -17.45 28.77
CA ILE D 89 -11.44 -18.11 27.65
C ILE D 89 -10.44 -18.42 26.54
N ARG D 90 -10.45 -19.66 26.07
CA ARG D 90 -9.53 -20.13 25.03
C ARG D 90 -10.24 -20.46 23.72
N THR D 91 -11.51 -20.85 23.81
CA THR D 91 -12.30 -21.19 22.63
C THR D 91 -13.44 -20.19 22.41
N PHE D 92 -13.53 -19.66 21.19
CA PHE D 92 -14.57 -18.70 20.82
C PHE D 92 -15.38 -19.21 19.62
N LEU D 93 -16.66 -19.45 19.85
CA LEU D 93 -17.56 -19.87 18.77
C LEU D 93 -18.55 -18.77 18.41
N ARG D 94 -18.36 -18.16 17.24
CA ARG D 94 -19.22 -17.07 16.80
C ARG D 94 -20.49 -17.57 16.12
N ILE D 95 -21.62 -16.98 16.51
CA ILE D 95 -22.90 -17.19 15.85
C ILE D 95 -23.42 -15.84 15.34
N GLY D 96 -23.64 -15.76 14.04
CA GLY D 96 -24.07 -14.52 13.42
C GLY D 96 -25.23 -14.65 12.46
N THR D 97 -25.70 -13.50 11.97
CA THR D 97 -26.64 -13.44 10.87
C THR D 97 -25.84 -13.09 9.62
N THR D 98 -26.36 -13.42 8.44
CA THR D 98 -25.63 -13.16 7.21
C THR D 98 -26.51 -12.92 5.98
N GLY D 99 -25.94 -12.23 4.99
CA GLY D 99 -26.57 -12.04 3.70
C GLY D 99 -25.77 -12.80 2.65
N ALA D 100 -26.39 -13.84 2.09
CA ALA D 100 -25.74 -14.67 1.08
C ALA D 100 -25.66 -13.95 -0.27
N ILE D 101 -24.58 -14.21 -1.00
CA ILE D 101 -24.37 -13.60 -2.32
C ILE D 101 -24.26 -14.63 -3.46
N GLN D 102 -24.39 -15.91 -3.11
CA GLN D 102 -24.43 -16.97 -4.11
C GLN D 102 -25.87 -17.41 -4.36
N PRO D 103 -26.22 -17.63 -5.63
CA PRO D 103 -27.59 -18.00 -6.02
C PRO D 103 -28.05 -19.35 -5.43
N HIS D 104 -27.13 -20.28 -5.24
CA HIS D 104 -27.47 -21.63 -4.77
C HIS D 104 -27.74 -21.71 -3.26
N ILE D 105 -27.31 -20.69 -2.52
CA ILE D 105 -27.52 -20.63 -1.07
C ILE D 105 -28.86 -19.97 -0.75
N ASN D 106 -29.81 -20.77 -0.24
CA ASN D 106 -31.14 -20.28 0.07
C ASN D 106 -31.23 -19.63 1.45
N VAL D 107 -32.25 -18.80 1.64
CA VAL D 107 -32.56 -18.22 2.94
C VAL D 107 -32.92 -19.35 3.90
N GLY D 108 -32.33 -19.35 5.08
CA GLY D 108 -32.53 -20.39 6.05
C GLY D 108 -31.35 -21.33 6.18
N ASP D 109 -30.49 -21.33 5.16
CA ASP D 109 -29.28 -22.17 5.15
C ASP D 109 -28.30 -21.75 6.23
N VAL D 110 -27.47 -22.70 6.65
CA VAL D 110 -26.42 -22.42 7.63
C VAL D 110 -25.04 -22.47 6.96
N LEU D 111 -24.18 -21.51 7.30
CA LEU D 111 -22.87 -21.40 6.66
C LEU D 111 -21.72 -21.51 7.66
N VAL D 112 -20.80 -22.43 7.38
CA VAL D 112 -19.58 -22.58 8.17
C VAL D 112 -18.43 -21.91 7.44
N THR D 113 -17.79 -20.94 8.11
CA THR D 113 -16.70 -20.17 7.53
C THR D 113 -15.36 -20.85 7.79
N THR D 114 -14.66 -21.20 6.72
CA THR D 114 -13.30 -21.74 6.81
C THR D 114 -12.31 -20.61 7.04
N ALA D 115 -12.53 -19.51 6.32
CA ALA D 115 -11.71 -18.29 6.44
C ALA D 115 -12.43 -17.09 5.85
N SER D 116 -11.96 -15.89 6.19
CA SER D 116 -12.63 -14.66 5.79
C SER D 116 -11.80 -13.71 4.94
N VAL D 117 -12.45 -13.07 3.98
CA VAL D 117 -11.88 -11.95 3.25
C VAL D 117 -11.87 -10.76 4.20
N ARG D 118 -10.70 -10.18 4.42
CA ARG D 118 -10.51 -9.16 5.44
C ARG D 118 -10.83 -7.76 4.91
N LEU D 119 -12.10 -7.39 5.00
CA LEU D 119 -12.55 -6.05 4.63
C LEU D 119 -12.78 -5.22 5.90
N ASP D 120 -11.96 -5.49 6.91
CA ASP D 120 -12.05 -4.82 8.21
C ASP D 120 -10.75 -4.09 8.53
N GLY D 121 -10.76 -3.34 9.63
CA GLY D 121 -9.58 -2.62 10.08
C GLY D 121 -8.92 -3.22 11.31
N ALA D 122 -9.72 -3.85 12.17
CA ALA D 122 -9.23 -4.36 13.46
C ALA D 122 -8.30 -5.58 13.34
N SER D 123 -8.52 -6.42 12.32
CA SER D 123 -7.64 -7.57 12.07
C SER D 123 -6.20 -7.16 11.82
N LEU D 124 -6.02 -5.99 11.19
CA LEU D 124 -4.70 -5.44 10.92
C LEU D 124 -3.94 -5.03 12.19
N HIS D 125 -4.70 -4.80 13.27
CA HIS D 125 -4.13 -4.44 14.56
C HIS D 125 -3.51 -5.65 15.28
N PHE D 126 -3.70 -6.84 14.70
CA PHE D 126 -3.18 -8.07 15.28
C PHE D 126 -2.19 -8.77 14.34
N ALA D 127 -2.47 -8.70 13.04
CA ALA D 127 -1.64 -9.34 12.02
C ALA D 127 -1.74 -8.61 10.69
N PRO D 128 -0.63 -8.53 9.94
CA PRO D 128 -0.64 -7.89 8.62
C PRO D 128 -1.59 -8.59 7.64
N LEU D 129 -2.04 -7.87 6.62
CA LEU D 129 -3.08 -8.36 5.70
C LEU D 129 -2.82 -9.75 5.09
N GLU D 130 -1.56 -10.04 4.81
CA GLU D 130 -1.15 -11.32 4.23
C GLU D 130 -1.46 -12.53 5.12
N PHE D 131 -1.59 -12.30 6.43
CA PHE D 131 -1.99 -13.34 7.38
C PHE D 131 -3.45 -13.72 7.14
N PRO D 132 -3.72 -15.02 7.00
CA PRO D 132 -5.07 -15.50 6.68
C PRO D 132 -6.01 -15.44 7.89
N ALA D 133 -7.22 -14.94 7.65
CA ALA D 133 -8.26 -14.90 8.68
C ALA D 133 -8.92 -16.28 8.77
N VAL D 134 -8.12 -17.27 9.16
CA VAL D 134 -8.55 -18.67 9.14
C VAL D 134 -9.17 -19.12 10.47
N ALA D 135 -10.22 -19.93 10.36
CA ALA D 135 -10.85 -20.52 11.53
C ALA D 135 -10.05 -21.73 12.02
N ASP D 136 -10.18 -22.04 13.31
CA ASP D 136 -9.56 -23.22 13.89
C ASP D 136 -10.18 -24.48 13.29
N PHE D 137 -9.34 -25.44 12.93
CA PHE D 137 -9.76 -26.66 12.26
C PHE D 137 -10.69 -27.52 13.12
N GLU D 138 -10.38 -27.64 14.41
CA GLU D 138 -11.20 -28.41 15.35
C GLU D 138 -12.57 -27.77 15.58
N CYS D 139 -12.59 -26.44 15.64
CA CYS D 139 -13.83 -25.67 15.78
C CYS D 139 -14.71 -25.81 14.54
N THR D 140 -14.08 -25.69 13.38
CA THR D 140 -14.76 -25.84 12.08
C THR D 140 -15.35 -27.24 11.91
N THR D 141 -14.58 -28.26 12.30
CA THR D 141 -15.03 -29.64 12.24
C THR D 141 -16.25 -29.86 13.12
N ALA D 142 -16.18 -29.34 14.35
CA ALA D 142 -17.27 -29.46 15.32
C ALA D 142 -18.55 -28.79 14.84
N LEU D 143 -18.41 -27.66 14.15
CA LEU D 143 -19.55 -26.93 13.61
C LEU D 143 -20.17 -27.63 12.40
N VAL D 144 -19.31 -28.19 11.54
CA VAL D 144 -19.75 -28.93 10.36
C VAL D 144 -20.50 -30.21 10.76
N GLU D 145 -19.92 -30.97 11.69
CA GLU D 145 -20.49 -32.24 12.15
C GLU D 145 -21.79 -32.02 12.93
N ALA D 146 -21.86 -30.92 13.68
CA ALA D 146 -23.06 -30.55 14.42
C ALA D 146 -24.20 -30.13 13.49
N ALA D 147 -23.84 -29.52 12.36
CA ALA D 147 -24.80 -29.13 11.34
C ALA D 147 -25.45 -30.33 10.68
N LYS D 148 -24.63 -31.37 10.44
CA LYS D 148 -25.11 -32.62 9.85
C LYS D 148 -25.93 -33.44 10.86
N SER D 149 -25.64 -33.25 12.15
CA SER D 149 -26.34 -33.95 13.23
C SER D 149 -27.80 -33.55 13.34
N ILE D 150 -28.07 -32.25 13.19
CA ILE D 150 -29.44 -31.73 13.24
C ILE D 150 -30.10 -31.65 11.86
N GLY D 151 -29.34 -32.03 10.83
CA GLY D 151 -29.85 -32.14 9.47
C GLY D 151 -30.21 -30.83 8.80
N ALA D 152 -29.28 -29.88 8.80
CA ALA D 152 -29.50 -28.58 8.17
C ALA D 152 -28.75 -28.47 6.84
N THR D 153 -29.31 -27.69 5.92
CA THR D 153 -28.65 -27.40 4.65
C THR D 153 -27.42 -26.52 4.90
N THR D 154 -26.25 -27.11 4.72
CA THR D 154 -24.99 -26.46 5.09
C THR D 154 -24.07 -26.21 3.89
N HIS D 155 -23.45 -25.03 3.88
CA HIS D 155 -22.41 -24.69 2.91
C HIS D 155 -21.13 -24.26 3.64
N VAL D 156 -20.01 -24.79 3.19
CA VAL D 156 -18.71 -24.52 3.80
C VAL D 156 -17.83 -23.77 2.80
N GLY D 157 -17.24 -22.66 3.24
CA GLY D 157 -16.38 -21.86 2.38
C GLY D 157 -15.96 -20.53 2.96
N VAL D 158 -15.64 -19.59 2.06
CA VAL D 158 -15.11 -18.29 2.44
C VAL D 158 -16.22 -17.24 2.63
N THR D 159 -16.01 -16.37 3.62
CA THR D 159 -16.93 -15.28 3.95
C THR D 159 -16.23 -13.93 3.78
N ALA D 160 -16.96 -12.93 3.29
CA ALA D 160 -16.45 -11.57 3.23
C ALA D 160 -16.89 -10.79 4.48
N SER D 161 -15.92 -10.40 5.29
CA SER D 161 -16.19 -9.72 6.55
C SER D 161 -15.90 -8.22 6.43
N SER D 162 -16.97 -7.43 6.35
CA SER D 162 -16.88 -5.99 6.06
C SER D 162 -17.00 -5.13 7.31
N ASP D 163 -16.24 -4.04 7.34
CA ASP D 163 -16.30 -3.06 8.42
C ASP D 163 -17.52 -2.16 8.29
N THR D 164 -18.33 -2.41 7.26
CA THR D 164 -19.51 -1.59 7.02
C THR D 164 -20.65 -2.44 6.46
N PHE D 165 -21.88 -2.02 6.72
CA PHE D 165 -23.07 -2.74 6.26
C PHE D 165 -23.47 -2.37 4.84
N TYR D 166 -23.26 -1.11 4.48
CA TYR D 166 -23.76 -0.58 3.21
C TYR D 166 -22.74 -0.56 2.04
N PRO D 167 -21.82 0.42 1.97
CA PRO D 167 -20.93 0.53 0.81
C PRO D 167 -19.97 -0.65 0.62
N GLY D 168 -19.49 -1.23 1.71
CA GLY D 168 -18.56 -2.36 1.65
C GLY D 168 -19.22 -3.67 1.29
N GLN D 169 -20.55 -3.70 1.35
CA GLN D 169 -21.35 -4.83 0.87
C GLN D 169 -22.05 -4.42 -0.42
N GLU D 170 -21.56 -3.33 -1.01
CA GLU D 170 -22.06 -2.73 -2.25
C GLU D 170 -23.57 -2.52 -2.30
N ARG D 171 -24.11 -1.97 -1.21
CA ARG D 171 -25.51 -1.56 -1.17
C ARG D 171 -25.63 -0.14 -1.70
N TYR D 172 -26.50 0.05 -2.68
CA TYR D 172 -26.71 1.35 -3.30
C TYR D 172 -27.96 2.06 -2.80
N ASP D 173 -28.80 1.32 -2.08
CA ASP D 173 -30.03 1.84 -1.49
C ASP D 173 -29.74 2.68 -0.24
N THR D 174 -29.00 3.77 -0.43
CA THR D 174 -28.51 4.58 0.69
C THR D 174 -28.80 6.07 0.53
N TYR D 175 -28.41 6.84 1.53
CA TYR D 175 -28.57 8.30 1.53
C TYR D 175 -27.83 8.94 0.35
N SER D 176 -26.56 8.60 0.19
CA SER D 176 -25.73 9.13 -0.89
C SER D 176 -26.02 8.46 -2.22
N GLY D 177 -26.27 7.15 -2.16
CA GLY D 177 -26.50 6.35 -3.36
C GLY D 177 -25.24 6.07 -4.15
N ARG D 178 -24.09 6.29 -3.52
CA ARG D 178 -22.79 6.06 -4.17
C ARG D 178 -21.95 5.05 -3.38
N VAL D 179 -21.09 4.34 -4.09
CA VAL D 179 -20.12 3.43 -3.48
C VAL D 179 -18.71 3.84 -3.93
N VAL D 180 -17.83 4.03 -2.96
CA VAL D 180 -16.44 4.42 -3.22
C VAL D 180 -15.78 3.48 -4.24
N ARG D 181 -14.90 4.03 -5.07
CA ARG D 181 -14.26 3.30 -6.16
C ARG D 181 -13.75 1.91 -5.75
N HIS D 182 -13.12 1.84 -4.59
CA HIS D 182 -12.54 0.59 -4.07
C HIS D 182 -13.56 -0.56 -4.00
N PHE D 183 -14.80 -0.25 -3.64
CA PHE D 183 -15.84 -1.27 -3.49
C PHE D 183 -16.84 -1.35 -4.66
N LYS D 184 -16.61 -0.54 -5.70
CA LYS D 184 -17.41 -0.58 -6.91
C LYS D 184 -17.14 -1.89 -7.67
N GLY D 185 -18.20 -2.68 -7.88
CA GLY D 185 -18.07 -3.96 -8.54
C GLY D 185 -17.45 -5.05 -7.67
N SER D 186 -17.27 -4.76 -6.38
CA SER D 186 -16.62 -5.69 -5.45
C SER D 186 -17.44 -6.95 -5.17
N MET D 187 -18.76 -6.80 -5.05
CA MET D 187 -19.63 -7.95 -4.79
C MET D 187 -19.56 -8.99 -5.90
N GLU D 188 -19.53 -8.52 -7.15
CA GLU D 188 -19.38 -9.40 -8.31
C GLU D 188 -18.04 -10.14 -8.30
N GLU D 189 -16.99 -9.45 -7.87
CA GLU D 189 -15.66 -10.04 -7.72
C GLU D 189 -15.67 -11.17 -6.69
N TRP D 190 -16.25 -10.92 -5.52
CA TRP D 190 -16.36 -11.93 -4.47
C TRP D 190 -17.21 -13.12 -4.93
N GLN D 191 -18.31 -12.83 -5.62
CA GLN D 191 -19.21 -13.87 -6.15
C GLN D 191 -18.48 -14.83 -7.08
N ALA D 192 -17.72 -14.28 -8.03
CA ALA D 192 -16.95 -15.08 -8.99
C ALA D 192 -15.82 -15.84 -8.31
N MET D 193 -15.37 -15.34 -7.15
CA MET D 193 -14.32 -15.97 -6.37
C MET D 193 -14.87 -17.06 -5.43
N GLY D 194 -16.19 -17.21 -5.43
CA GLY D 194 -16.85 -18.26 -4.66
C GLY D 194 -17.13 -17.91 -3.21
N VAL D 195 -17.04 -16.63 -2.89
CA VAL D 195 -17.38 -16.13 -1.56
C VAL D 195 -18.87 -16.33 -1.31
N MET D 196 -19.21 -16.94 -0.17
CA MET D 196 -20.58 -17.32 0.12
C MET D 196 -21.47 -16.15 0.53
N ASN D 197 -20.93 -15.27 1.37
CA ASN D 197 -21.76 -14.34 2.14
C ASN D 197 -21.04 -13.12 2.71
N TYR D 198 -21.83 -12.19 3.23
CA TYR D 198 -21.32 -11.01 3.93
C TYR D 198 -21.70 -11.06 5.41
N GLU D 199 -20.75 -10.68 6.27
CA GLU D 199 -21.04 -10.34 7.67
C GLU D 199 -19.99 -9.34 8.19
N MET D 200 -19.98 -9.09 9.50
CA MET D 200 -19.21 -7.94 10.01
C MET D 200 -18.26 -8.20 11.20
N GLU D 201 -18.08 -9.46 11.58
CA GLU D 201 -17.29 -9.77 12.77
C GLU D 201 -16.19 -10.82 12.59
N SER D 202 -16.37 -11.73 11.63
CA SER D 202 -15.50 -12.91 11.51
C SER D 202 -14.01 -12.63 11.29
N ALA D 203 -13.68 -11.75 10.34
CA ALA D 203 -12.28 -11.45 10.01
C ALA D 203 -11.46 -11.06 11.23
N THR D 204 -11.97 -10.11 12.02
CA THR D 204 -11.32 -9.67 13.25
C THR D 204 -11.16 -10.82 14.25
N LEU D 205 -12.26 -11.53 14.49
CA LEU D 205 -12.27 -12.64 15.45
C LEU D 205 -11.26 -13.73 15.06
N LEU D 206 -11.32 -14.15 13.80
CA LEU D 206 -10.48 -15.25 13.32
C LEU D 206 -9.00 -14.88 13.21
N THR D 207 -8.72 -13.63 12.81
CA THR D 207 -7.34 -13.15 12.73
C THR D 207 -6.70 -13.06 14.12
N MET D 208 -7.39 -12.41 15.05
CA MET D 208 -6.83 -12.20 16.38
C MET D 208 -6.70 -13.48 17.21
N CYS D 209 -7.53 -14.48 16.91
CA CYS D 209 -7.45 -15.76 17.59
C CYS D 209 -6.36 -16.66 17.03
N ALA D 210 -6.26 -16.73 15.71
CA ALA D 210 -5.27 -17.56 15.03
C ALA D 210 -3.85 -17.02 15.16
N SER D 211 -3.73 -15.73 15.51
CA SER D 211 -2.42 -15.10 15.70
C SER D 211 -2.02 -14.99 17.17
N GLN D 212 -2.90 -15.43 18.07
CA GLN D 212 -2.63 -15.32 19.51
C GLN D 212 -2.75 -16.66 20.26
N GLY D 213 -2.91 -17.74 19.49
CA GLY D 213 -3.02 -19.08 20.07
C GLY D 213 -4.36 -19.35 20.71
N LEU D 214 -5.43 -18.93 20.04
CA LEU D 214 -6.79 -19.17 20.51
C LEU D 214 -7.61 -19.86 19.42
N ARG D 215 -8.46 -20.80 19.82
CA ARG D 215 -9.31 -21.53 18.88
C ARG D 215 -10.58 -20.73 18.60
N ALA D 216 -10.94 -20.61 17.33
CA ALA D 216 -12.12 -19.85 16.93
C ALA D 216 -12.89 -20.52 15.78
N GLY D 217 -14.21 -20.51 15.92
CA GLY D 217 -15.10 -21.02 14.89
C GLY D 217 -16.14 -19.98 14.51
N MET D 218 -16.70 -20.11 13.31
CA MET D 218 -17.66 -19.15 12.79
C MET D 218 -18.81 -19.84 12.09
N VAL D 219 -20.03 -19.57 12.56
CA VAL D 219 -21.24 -20.10 11.95
C VAL D 219 -22.29 -19.00 11.81
N ALA D 220 -23.07 -19.05 10.72
CA ALA D 220 -24.04 -18.01 10.42
C ALA D 220 -25.31 -18.55 9.76
N GLY D 221 -26.43 -17.89 10.04
CA GLY D 221 -27.71 -18.22 9.44
C GLY D 221 -28.07 -17.21 8.36
N VAL D 222 -28.48 -17.72 7.21
CA VAL D 222 -28.85 -16.87 6.07
C VAL D 222 -30.28 -16.36 6.22
N ILE D 223 -30.42 -15.04 6.36
CA ILE D 223 -31.75 -14.42 6.42
C ILE D 223 -32.08 -13.65 5.13
N VAL D 224 -31.06 -13.36 4.32
CA VAL D 224 -31.24 -12.65 3.07
C VAL D 224 -30.29 -13.16 1.99
N ASN D 225 -30.79 -13.26 0.76
CA ASN D 225 -29.95 -13.52 -0.39
C ASN D 225 -29.97 -12.33 -1.35
N ARG D 226 -28.80 -11.77 -1.60
CA ARG D 226 -28.65 -10.53 -2.37
C ARG D 226 -29.01 -10.64 -3.85
N THR D 227 -28.89 -11.85 -4.40
CA THR D 227 -29.21 -12.10 -5.81
C THR D 227 -30.71 -12.28 -6.06
N GLN D 228 -31.43 -12.62 -5.00
CA GLN D 228 -32.87 -12.89 -5.10
C GLN D 228 -33.68 -11.99 -4.16
N MET D 237 -37.41 -16.31 9.21
CA MET D 237 -36.42 -15.54 9.94
C MET D 237 -36.25 -16.03 11.38
N LYS D 238 -37.33 -16.53 11.97
CA LYS D 238 -37.32 -17.02 13.34
C LYS D 238 -36.66 -18.40 13.46
N GLN D 239 -37.11 -19.34 12.62
CA GLN D 239 -36.60 -20.71 12.62
C GLN D 239 -35.21 -20.83 11.98
N THR D 240 -34.76 -19.75 11.36
CA THR D 240 -33.41 -19.65 10.82
C THR D 240 -32.39 -19.51 11.95
N GLU D 241 -32.73 -18.71 12.95
CA GLU D 241 -31.91 -18.55 14.14
C GLU D 241 -31.97 -19.79 15.03
N SER D 242 -33.11 -20.46 15.03
CA SER D 242 -33.31 -21.69 15.79
C SER D 242 -32.36 -22.81 15.36
N HIS D 243 -32.18 -22.96 14.04
CA HIS D 243 -31.29 -23.96 13.47
C HIS D 243 -29.82 -23.65 13.78
N ALA D 244 -29.44 -22.39 13.59
CA ALA D 244 -28.07 -21.94 13.81
C ALA D 244 -27.65 -22.00 15.28
N VAL D 245 -28.54 -21.58 16.18
CA VAL D 245 -28.28 -21.59 17.62
C VAL D 245 -28.09 -23.01 18.14
N LYS D 246 -28.89 -23.94 17.61
CA LYS D 246 -28.77 -25.36 17.94
C LYS D 246 -27.43 -25.95 17.48
N ILE D 247 -26.90 -25.42 16.38
CA ILE D 247 -25.62 -25.87 15.82
C ILE D 247 -24.44 -25.40 16.68
N VAL D 248 -24.44 -24.13 17.07
CA VAL D 248 -23.35 -23.55 17.86
C VAL D 248 -23.27 -24.12 19.29
N VAL D 249 -24.41 -24.57 19.81
CA VAL D 249 -24.48 -25.22 21.12
C VAL D 249 -24.00 -26.67 21.02
N GLU D 250 -24.43 -27.36 19.96
CA GLU D 250 -24.03 -28.73 19.69
C GLU D 250 -22.53 -28.86 19.39
N ALA D 251 -21.98 -27.86 18.69
CA ALA D 251 -20.56 -27.81 18.39
C ALA D 251 -19.73 -27.54 19.66
N ALA D 252 -20.29 -26.72 20.55
CA ALA D 252 -19.67 -26.43 21.84
C ALA D 252 -19.55 -27.68 22.70
N ARG D 253 -20.51 -28.59 22.56
CA ARG D 253 -20.51 -29.87 23.28
C ARG D 253 -19.32 -30.74 22.91
N ARG D 254 -18.88 -30.64 21.65
CA ARG D 254 -17.80 -31.46 21.12
C ARG D 254 -16.41 -30.89 21.43
N LEU D 255 -16.35 -29.60 21.77
CA LEU D 255 -15.08 -28.91 21.99
C LEU D 255 -14.70 -28.75 23.47
N LEU D 256 -15.58 -29.22 24.36
CA LEU D 256 -15.33 -29.13 25.81
C LEU D 256 -14.50 -30.29 26.31
N LYS E 6 -0.37 -32.18 -30.80
CA LYS E 6 0.50 -32.90 -29.82
C LYS E 6 0.18 -32.53 -28.38
N SER E 7 -0.17 -31.26 -28.15
CA SER E 7 -0.49 -30.77 -26.82
C SER E 7 -1.66 -29.79 -26.81
N ASP E 8 -2.51 -29.91 -25.79
CA ASP E 8 -3.65 -29.01 -25.61
C ASP E 8 -3.28 -27.79 -24.78
N VAL E 9 -2.17 -27.87 -24.06
CA VAL E 9 -1.71 -26.78 -23.19
C VAL E 9 -0.34 -26.24 -23.59
N PHE E 10 0.00 -25.05 -23.08
CA PHE E 10 1.21 -24.33 -23.48
C PHE E 10 2.51 -24.89 -22.92
N HIS E 11 2.48 -25.43 -21.70
CA HIS E 11 3.71 -25.82 -21.01
C HIS E 11 3.85 -27.30 -20.67
N LEU E 12 2.75 -27.93 -20.23
CA LEU E 12 2.80 -29.28 -19.68
C LEU E 12 3.03 -30.40 -20.71
N GLY E 13 2.69 -30.13 -21.96
CA GLY E 13 2.82 -31.12 -23.02
C GLY E 13 1.85 -32.29 -22.89
N LEU E 14 0.62 -31.96 -22.50
CA LEU E 14 -0.41 -32.96 -22.23
C LEU E 14 -1.69 -32.70 -23.01
N THR E 15 -2.40 -33.78 -23.35
CA THR E 15 -3.75 -33.68 -23.90
C THR E 15 -4.75 -34.17 -22.86
N LYS E 16 -6.02 -33.80 -23.04
CA LYS E 16 -7.10 -34.25 -22.16
C LYS E 16 -7.19 -35.78 -22.14
N ASN E 17 -6.87 -36.41 -23.26
CA ASN E 17 -6.88 -37.86 -23.40
C ASN E 17 -5.80 -38.57 -22.57
N ASP E 18 -4.65 -37.93 -22.42
CA ASP E 18 -3.54 -38.45 -21.61
C ASP E 18 -3.95 -38.68 -20.16
N LEU E 19 -4.89 -37.85 -19.68
CA LEU E 19 -5.34 -37.88 -18.29
C LEU E 19 -6.30 -39.05 -18.00
N GLN E 20 -7.00 -39.50 -19.04
CA GLN E 20 -7.92 -40.64 -18.96
C GLN E 20 -9.08 -40.44 -17.98
N GLY E 21 -9.52 -39.18 -17.86
CA GLY E 21 -10.65 -38.84 -17.00
C GLY E 21 -10.28 -38.53 -15.56
N ALA E 22 -9.01 -38.27 -15.31
CA ALA E 22 -8.53 -37.90 -13.98
C ALA E 22 -9.02 -36.53 -13.55
N THR E 23 -9.43 -36.42 -12.28
CA THR E 23 -9.90 -35.15 -11.72
C THR E 23 -9.04 -34.73 -10.54
N LEU E 24 -8.17 -35.62 -10.08
CA LEU E 24 -7.30 -35.37 -8.94
C LEU E 24 -5.82 -35.41 -9.33
N ALA E 25 -5.07 -34.44 -8.83
CA ALA E 25 -3.63 -34.38 -9.05
C ALA E 25 -2.85 -34.17 -7.75
N ILE E 26 -1.86 -35.02 -7.52
CA ILE E 26 -0.88 -34.80 -6.46
C ILE E 26 0.24 -33.96 -7.06
N VAL E 27 0.56 -32.83 -6.42
CA VAL E 27 1.53 -31.89 -6.98
C VAL E 27 2.76 -31.64 -6.08
N PRO E 28 3.82 -32.41 -6.29
CA PRO E 28 5.10 -32.15 -5.63
C PRO E 28 5.82 -30.96 -6.29
N GLY E 29 6.78 -30.37 -5.57
CA GLY E 29 7.57 -29.28 -6.13
C GLY E 29 8.69 -29.77 -7.01
N ASP E 30 9.34 -30.86 -6.58
CA ASP E 30 10.50 -31.42 -7.25
C ASP E 30 10.08 -32.42 -8.35
N PRO E 31 10.45 -32.12 -9.60
CA PRO E 31 10.23 -33.05 -10.72
C PRO E 31 10.78 -34.46 -10.49
N ASP E 32 11.85 -34.58 -9.71
CA ASP E 32 12.48 -35.87 -9.43
C ASP E 32 11.65 -36.75 -8.48
N ARG E 33 10.70 -36.12 -7.78
CA ARG E 33 9.83 -36.80 -6.83
C ARG E 33 8.58 -37.39 -7.49
N VAL E 34 8.32 -37.00 -8.74
CA VAL E 34 7.09 -37.37 -9.44
C VAL E 34 6.93 -38.88 -9.63
N GLU E 35 7.97 -39.54 -10.14
CA GLU E 35 7.97 -40.99 -10.35
C GLU E 35 7.87 -41.77 -9.04
N LYS E 36 8.53 -41.27 -8.00
CA LYS E 36 8.54 -41.90 -6.68
C LYS E 36 7.14 -41.99 -6.07
N ILE E 37 6.36 -40.92 -6.24
CA ILE E 37 4.98 -40.87 -5.77
C ILE E 37 4.09 -41.80 -6.60
N ALA E 38 4.25 -41.75 -7.92
CA ALA E 38 3.45 -42.56 -8.85
C ALA E 38 3.71 -44.06 -8.70
N ALA E 39 4.91 -44.42 -8.25
CA ALA E 39 5.30 -45.83 -8.07
C ALA E 39 4.60 -46.48 -6.88
N LEU E 40 4.06 -45.66 -5.98
CA LEU E 40 3.31 -46.16 -4.82
C LEU E 40 1.89 -46.58 -5.19
N MET E 41 1.44 -46.16 -6.37
CA MET E 41 0.09 -46.46 -6.84
C MET E 41 0.11 -47.47 -7.99
N ASP E 42 -1.07 -47.91 -8.43
CA ASP E 42 -1.20 -48.91 -9.48
C ASP E 42 -0.95 -48.32 -10.87
N LYS E 43 -0.44 -49.16 -11.77
CA LYS E 43 -0.21 -48.83 -13.17
C LYS E 43 0.44 -47.45 -13.40
N PRO E 44 1.66 -47.25 -12.91
CA PRO E 44 2.36 -45.97 -13.12
C PRO E 44 2.89 -45.83 -14.54
N VAL E 45 2.60 -44.71 -15.18
CA VAL E 45 3.01 -44.44 -16.57
C VAL E 45 3.47 -42.99 -16.70
N LYS E 46 4.62 -42.78 -17.34
CA LYS E 46 5.11 -41.43 -17.64
C LYS E 46 4.31 -40.79 -18.77
N LEU E 47 3.90 -39.54 -18.58
CA LEU E 47 3.16 -38.82 -19.60
C LEU E 47 4.03 -37.79 -20.35
N ALA E 48 4.67 -36.89 -19.61
CA ALA E 48 5.46 -35.82 -20.22
C ALA E 48 6.52 -35.25 -19.27
N SER E 49 7.51 -34.60 -19.87
CA SER E 49 8.52 -33.85 -19.13
C SER E 49 8.98 -32.63 -19.93
N HIS E 50 8.59 -31.45 -19.46
CA HIS E 50 8.98 -30.19 -20.10
C HIS E 50 9.30 -29.16 -19.04
N ARG E 51 10.49 -28.57 -19.14
CA ARG E 51 11.01 -27.65 -18.13
C ARG E 51 10.99 -28.31 -16.75
N GLU E 52 10.42 -27.64 -15.76
CA GLU E 52 10.30 -28.18 -14.41
C GLU E 52 9.02 -29.00 -14.23
N PHE E 53 8.27 -29.21 -15.31
CA PHE E 53 7.00 -29.93 -15.25
C PHE E 53 7.14 -31.36 -15.75
N THR E 54 7.11 -32.31 -14.82
CA THR E 54 7.13 -33.72 -15.13
C THR E 54 5.80 -34.34 -14.69
N THR E 55 5.14 -35.02 -15.61
CA THR E 55 3.82 -35.58 -15.34
C THR E 55 3.79 -37.11 -15.49
N TRP E 56 3.27 -37.77 -14.45
CA TRP E 56 3.03 -39.20 -14.47
C TRP E 56 1.54 -39.48 -14.19
N ARG E 57 1.03 -40.53 -14.82
CA ARG E 57 -0.33 -41.00 -14.54
C ARG E 57 -0.27 -42.32 -13.78
N ALA E 58 -1.16 -42.46 -12.81
CA ALA E 58 -1.26 -43.68 -12.01
C ALA E 58 -2.73 -44.03 -11.71
N GLU E 59 -2.93 -45.16 -11.05
CA GLU E 59 -4.28 -45.61 -10.71
C GLU E 59 -4.42 -45.80 -9.20
N LEU E 60 -5.54 -45.34 -8.66
CA LEU E 60 -5.85 -45.45 -7.25
C LEU E 60 -7.29 -45.91 -7.07
N ASP E 61 -7.47 -47.09 -6.48
CA ASP E 61 -8.77 -47.75 -6.33
C ASP E 61 -9.53 -47.90 -7.66
N GLY E 62 -8.78 -48.11 -8.74
CA GLY E 62 -9.35 -48.26 -10.07
C GLY E 62 -9.68 -46.94 -10.75
N LYS E 63 -9.14 -45.84 -10.23
CA LYS E 63 -9.40 -44.52 -10.78
C LYS E 63 -8.09 -43.80 -11.15
N PRO E 64 -8.06 -43.19 -12.34
CA PRO E 64 -6.87 -42.46 -12.82
C PRO E 64 -6.53 -41.25 -11.94
N VAL E 65 -5.25 -41.15 -11.58
CA VAL E 65 -4.74 -40.07 -10.73
C VAL E 65 -3.48 -39.48 -11.39
N ILE E 66 -3.34 -38.16 -11.30
CA ILE E 66 -2.22 -37.45 -11.91
C ILE E 66 -1.17 -37.03 -10.87
N VAL E 67 0.09 -37.21 -11.21
CA VAL E 67 1.20 -36.64 -10.44
C VAL E 67 1.95 -35.67 -11.34
N CYS E 68 2.08 -34.42 -10.89
CA CYS E 68 2.68 -33.37 -11.70
C CYS E 68 3.48 -32.38 -10.85
N SER E 69 4.73 -32.13 -11.24
CA SER E 69 5.58 -31.19 -10.53
C SER E 69 5.23 -29.74 -10.84
N THR E 70 5.37 -28.88 -9.82
CA THR E 70 5.10 -27.45 -9.97
C THR E 70 6.39 -26.64 -10.17
N GLY E 71 7.51 -27.19 -9.70
CA GLY E 71 8.72 -26.41 -9.57
C GLY E 71 8.67 -25.58 -8.29
N ILE E 72 9.77 -24.89 -7.98
CA ILE E 72 9.81 -24.03 -6.81
C ILE E 72 9.15 -22.69 -7.11
N GLY E 73 8.20 -22.30 -6.26
CA GLY E 73 7.60 -20.98 -6.33
C GLY E 73 6.24 -20.90 -6.97
N GLY E 74 5.54 -19.80 -6.68
CA GLY E 74 4.22 -19.53 -7.22
C GLY E 74 4.05 -19.44 -8.73
N PRO E 75 4.95 -18.75 -9.43
CA PRO E 75 4.85 -18.60 -10.89
C PRO E 75 4.71 -19.91 -11.68
N SER E 76 5.63 -20.86 -11.49
CA SER E 76 5.51 -22.13 -12.20
C SER E 76 4.38 -23.00 -11.64
N THR E 77 4.08 -22.84 -10.35
CA THR E 77 2.92 -23.49 -9.74
C THR E 77 1.63 -23.02 -10.42
N SER E 78 1.51 -21.71 -10.62
CA SER E 78 0.33 -21.11 -11.24
C SER E 78 0.11 -21.61 -12.68
N ILE E 79 1.21 -21.88 -13.39
CA ILE E 79 1.14 -22.43 -14.74
C ILE E 79 0.63 -23.87 -14.72
N ALA E 80 1.25 -24.69 -13.86
CA ALA E 80 0.92 -26.12 -13.77
C ALA E 80 -0.52 -26.34 -13.33
N VAL E 81 -0.97 -25.59 -12.32
CA VAL E 81 -2.32 -25.70 -11.80
C VAL E 81 -3.37 -25.27 -12.83
N GLU E 82 -3.12 -24.15 -13.51
CA GLU E 82 -4.02 -23.63 -14.52
C GLU E 82 -4.20 -24.59 -15.68
N GLU E 83 -3.08 -25.13 -16.17
CA GLU E 83 -3.09 -26.02 -17.32
C GLU E 83 -3.63 -27.41 -16.99
N LEU E 84 -3.48 -27.83 -15.74
CA LEU E 84 -4.11 -29.06 -15.26
C LEU E 84 -5.63 -28.89 -15.12
N ALA E 85 -6.05 -27.70 -14.70
CA ALA E 85 -7.47 -27.37 -14.59
C ALA E 85 -8.13 -27.35 -15.97
N GLN E 86 -7.39 -26.88 -16.98
CA GLN E 86 -7.85 -26.88 -18.36
C GLN E 86 -8.08 -28.30 -18.88
N LEU E 87 -7.26 -29.23 -18.41
CA LEU E 87 -7.34 -30.64 -18.83
C LEU E 87 -8.31 -31.45 -17.97
N GLY E 88 -8.88 -30.83 -16.95
CA GLY E 88 -9.95 -31.44 -16.18
C GLY E 88 -9.71 -31.70 -14.70
N ILE E 89 -8.53 -31.34 -14.19
CA ILE E 89 -8.21 -31.54 -12.78
C ILE E 89 -8.98 -30.54 -11.90
N ARG E 90 -9.64 -31.06 -10.87
CA ARG E 90 -10.47 -30.25 -9.97
C ARG E 90 -9.98 -30.27 -8.52
N THR E 91 -9.18 -31.28 -8.18
CA THR E 91 -8.63 -31.44 -6.84
C THR E 91 -7.10 -31.50 -6.88
N PHE E 92 -6.46 -30.65 -6.09
CA PHE E 92 -5.02 -30.53 -6.05
C PHE E 92 -4.49 -30.80 -4.65
N LEU E 93 -3.66 -31.83 -4.51
CA LEU E 93 -3.02 -32.13 -3.23
C LEU E 93 -1.52 -31.91 -3.31
N ARG E 94 -1.04 -30.84 -2.66
CA ARG E 94 0.38 -30.53 -2.64
C ARG E 94 1.10 -31.29 -1.54
N ILE E 95 2.21 -31.93 -1.92
CA ILE E 95 3.15 -32.50 -0.97
C ILE E 95 4.52 -31.84 -1.17
N GLY E 96 5.05 -31.24 -0.11
CA GLY E 96 6.31 -30.52 -0.21
C GLY E 96 7.25 -30.77 0.96
N THR E 97 8.36 -30.03 0.94
CA THR E 97 9.32 -30.01 2.05
C THR E 97 9.15 -28.69 2.79
N THR E 98 9.64 -28.63 4.02
CA THR E 98 9.48 -27.43 4.83
C THR E 98 10.52 -27.27 5.94
N GLY E 99 10.71 -26.02 6.36
CA GLY E 99 11.50 -25.70 7.53
C GLY E 99 10.59 -25.19 8.62
N ALA E 100 10.57 -25.89 9.75
CA ALA E 100 9.73 -25.52 10.90
C ALA E 100 10.38 -24.37 11.67
N ILE E 101 9.54 -23.54 12.28
CA ILE E 101 10.01 -22.39 13.05
C ILE E 101 9.50 -22.37 14.50
N GLN E 102 8.81 -23.43 14.90
CA GLN E 102 8.38 -23.59 16.29
C GLN E 102 9.20 -24.69 16.96
N PRO E 103 9.61 -24.46 18.21
CA PRO E 103 10.45 -25.42 18.95
C PRO E 103 9.81 -26.79 19.19
N HIS E 104 8.49 -26.83 19.30
CA HIS E 104 7.77 -28.08 19.62
C HIS E 104 7.59 -29.03 18.42
N ILE E 105 7.86 -28.52 17.22
CA ILE E 105 7.81 -29.34 16.00
C ILE E 105 9.20 -29.89 15.71
N ASN E 106 9.29 -31.20 15.50
CA ASN E 106 10.57 -31.87 15.25
C ASN E 106 10.80 -32.23 13.79
N VAL E 107 12.05 -32.53 13.45
CA VAL E 107 12.41 -33.01 12.11
C VAL E 107 11.82 -34.41 11.90
N GLY E 108 11.04 -34.56 10.83
CA GLY E 108 10.36 -35.81 10.54
C GLY E 108 8.85 -35.70 10.69
N ASP E 109 8.41 -34.68 11.43
CA ASP E 109 6.99 -34.42 11.63
C ASP E 109 6.31 -34.00 10.34
N VAL E 110 5.00 -34.21 10.27
CA VAL E 110 4.22 -33.83 9.11
C VAL E 110 3.28 -32.67 9.46
N LEU E 111 3.21 -31.69 8.56
CA LEU E 111 2.39 -30.49 8.80
C LEU E 111 1.29 -30.35 7.75
N VAL E 112 0.06 -30.21 8.25
CA VAL E 112 -1.10 -29.98 7.39
C VAL E 112 -1.49 -28.51 7.49
N THR E 113 -1.54 -27.84 6.35
CA THR E 113 -1.82 -26.40 6.29
C THR E 113 -3.30 -26.12 6.15
N THR E 114 -3.83 -25.31 7.07
CA THR E 114 -5.20 -24.81 6.99
C THR E 114 -5.25 -23.62 6.05
N ALA E 115 -4.28 -22.71 6.20
CA ALA E 115 -4.18 -21.51 5.39
C ALA E 115 -2.76 -20.94 5.44
N SER E 116 -2.42 -20.09 4.48
CA SER E 116 -1.05 -19.60 4.34
C SER E 116 -0.92 -18.08 4.44
N VAL E 117 0.17 -17.64 5.06
CA VAL E 117 0.58 -16.24 5.04
C VAL E 117 1.11 -15.96 3.64
N ARG E 118 0.53 -14.97 2.98
CA ARG E 118 0.82 -14.70 1.58
C ARG E 118 2.04 -13.80 1.41
N LEU E 119 3.22 -14.41 1.49
CA LEU E 119 4.48 -13.70 1.25
C LEU E 119 4.95 -13.95 -0.19
N ASP E 120 3.99 -14.11 -1.09
CA ASP E 120 4.24 -14.38 -2.50
C ASP E 120 3.66 -13.28 -3.38
N GLY E 121 3.95 -13.35 -4.68
CA GLY E 121 3.41 -12.39 -5.62
C GLY E 121 2.27 -12.93 -6.48
N ALA E 122 2.35 -14.22 -6.82
CA ALA E 122 1.42 -14.83 -7.77
C ALA E 122 -0.02 -14.92 -7.26
N SER E 123 -0.19 -15.12 -5.95
CA SER E 123 -1.51 -15.16 -5.33
C SER E 123 -2.32 -13.88 -5.59
N LEU E 124 -1.62 -12.75 -5.66
CA LEU E 124 -2.22 -11.44 -5.94
C LEU E 124 -2.75 -11.31 -7.37
N HIS E 125 -2.32 -12.21 -8.24
CA HIS E 125 -2.77 -12.21 -9.64
C HIS E 125 -4.12 -12.93 -9.78
N PHE E 126 -4.59 -13.54 -8.69
CA PHE E 126 -5.86 -14.25 -8.68
C PHE E 126 -6.88 -13.65 -7.71
N ALA E 127 -6.38 -13.07 -6.62
CA ALA E 127 -7.22 -12.46 -5.58
C ALA E 127 -6.42 -11.42 -4.79
N PRO E 128 -7.06 -10.32 -4.41
CA PRO E 128 -6.40 -9.28 -3.59
C PRO E 128 -5.93 -9.82 -2.23
N LEU E 129 -4.94 -9.16 -1.63
CA LEU E 129 -4.28 -9.64 -0.41
C LEU E 129 -5.25 -10.03 0.73
N GLU E 130 -6.36 -9.29 0.85
CA GLU E 130 -7.36 -9.54 1.88
C GLU E 130 -8.03 -10.92 1.80
N PHE E 131 -8.00 -11.54 0.61
CA PHE E 131 -8.54 -12.88 0.41
C PHE E 131 -7.65 -13.93 1.07
N PRO E 132 -8.23 -14.82 1.86
CA PRO E 132 -7.46 -15.83 2.60
C PRO E 132 -6.92 -16.95 1.70
N ALA E 133 -5.63 -17.26 1.85
CA ALA E 133 -5.02 -18.40 1.20
C ALA E 133 -5.40 -19.68 1.94
N VAL E 134 -6.69 -19.98 1.94
CA VAL E 134 -7.24 -21.10 2.72
C VAL E 134 -7.37 -22.38 1.91
N ALA E 135 -7.08 -23.51 2.56
CA ALA E 135 -7.25 -24.82 1.97
C ALA E 135 -8.70 -25.28 2.05
N ASP E 136 -9.08 -26.14 1.10
CA ASP E 136 -10.41 -26.75 1.07
C ASP E 136 -10.62 -27.61 2.31
N PHE E 137 -11.81 -27.54 2.90
CA PHE E 137 -12.11 -28.25 4.13
C PHE E 137 -12.08 -29.77 3.99
N GLU E 138 -12.61 -30.28 2.88
CA GLU E 138 -12.61 -31.72 2.61
C GLU E 138 -11.19 -32.26 2.42
N CYS E 139 -10.36 -31.50 1.72
CA CYS E 139 -8.96 -31.86 1.48
C CYS E 139 -8.15 -31.88 2.78
N THR E 140 -8.31 -30.85 3.60
CA THR E 140 -7.62 -30.74 4.88
C THR E 140 -8.03 -31.88 5.82
N THR E 141 -9.33 -32.15 5.88
CA THR E 141 -9.87 -33.26 6.66
C THR E 141 -9.23 -34.59 6.26
N ALA E 142 -9.19 -34.84 4.96
CA ALA E 142 -8.65 -36.08 4.41
C ALA E 142 -7.16 -36.25 4.69
N LEU E 143 -6.42 -35.14 4.72
CA LEU E 143 -4.99 -35.17 5.03
C LEU E 143 -4.72 -35.42 6.51
N VAL E 144 -5.54 -34.83 7.36
CA VAL E 144 -5.43 -35.02 8.82
C VAL E 144 -5.85 -36.45 9.19
N GLU E 145 -6.91 -36.94 8.56
CA GLU E 145 -7.40 -38.30 8.79
C GLU E 145 -6.42 -39.36 8.30
N ALA E 146 -5.74 -39.07 7.19
CA ALA E 146 -4.72 -39.97 6.63
C ALA E 146 -3.45 -40.00 7.47
N ALA E 147 -3.09 -38.85 8.04
CA ALA E 147 -1.90 -38.73 8.89
C ALA E 147 -2.01 -39.57 10.15
N LYS E 148 -3.19 -39.55 10.76
CA LYS E 148 -3.47 -40.35 11.97
C LYS E 148 -3.61 -41.83 11.63
N SER E 149 -4.04 -42.11 10.41
CA SER E 149 -4.21 -43.48 9.92
C SER E 149 -2.89 -44.24 9.79
N ILE E 150 -1.85 -43.54 9.36
CA ILE E 150 -0.52 -44.15 9.22
C ILE E 150 0.30 -44.05 10.51
N GLY E 151 -0.14 -43.18 11.42
CA GLY E 151 0.52 -43.00 12.70
C GLY E 151 1.76 -42.15 12.62
N ALA E 152 1.56 -40.83 12.55
CA ALA E 152 2.67 -39.88 12.45
C ALA E 152 2.42 -38.66 13.33
N THR E 153 3.51 -38.02 13.76
CA THR E 153 3.44 -36.77 14.52
C THR E 153 2.97 -35.66 13.59
N THR E 154 1.77 -35.14 13.85
CA THR E 154 1.12 -34.18 12.98
C THR E 154 0.79 -32.87 13.68
N HIS E 155 1.00 -31.76 12.97
CA HIS E 155 0.60 -30.44 13.44
C HIS E 155 -0.25 -29.75 12.38
N VAL E 156 -1.34 -29.12 12.82
CA VAL E 156 -2.26 -28.44 11.90
C VAL E 156 -2.31 -26.95 12.23
N GLY E 157 -2.11 -26.12 11.21
CA GLY E 157 -2.13 -24.68 11.40
C GLY E 157 -1.67 -23.87 10.19
N VAL E 158 -1.17 -22.68 10.48
CA VAL E 158 -0.81 -21.70 9.45
C VAL E 158 0.62 -21.89 8.95
N THR E 159 0.81 -21.66 7.66
CA THR E 159 2.11 -21.78 6.98
C THR E 159 2.50 -20.45 6.33
N ALA E 160 3.75 -20.04 6.50
CA ALA E 160 4.26 -18.86 5.81
C ALA E 160 4.83 -19.26 4.45
N SER E 161 4.19 -18.76 3.39
CA SER E 161 4.56 -19.12 2.02
C SER E 161 5.30 -17.99 1.33
N SER E 162 6.61 -18.16 1.18
CA SER E 162 7.50 -17.10 0.73
C SER E 162 7.96 -17.26 -0.72
N ASP E 163 8.02 -16.13 -1.43
CA ASP E 163 8.53 -16.10 -2.80
C ASP E 163 10.05 -16.25 -2.83
N THR E 164 10.64 -16.44 -1.66
CA THR E 164 12.08 -16.47 -1.55
C THR E 164 12.52 -17.50 -0.49
N PHE E 165 13.65 -18.16 -0.74
CA PHE E 165 14.21 -19.12 0.20
C PHE E 165 15.01 -18.44 1.31
N TYR E 166 15.69 -17.34 0.96
CA TYR E 166 16.61 -16.70 1.89
C TYR E 166 16.04 -15.50 2.67
N PRO E 167 16.05 -14.28 2.12
CA PRO E 167 15.60 -13.10 2.88
C PRO E 167 14.15 -13.16 3.40
N GLY E 168 13.23 -13.72 2.62
CA GLY E 168 11.84 -13.86 3.00
C GLY E 168 11.58 -14.87 4.11
N GLN E 169 12.57 -15.72 4.37
CA GLN E 169 12.54 -16.65 5.48
C GLN E 169 13.58 -16.21 6.52
N GLU E 170 13.97 -14.95 6.43
CA GLU E 170 14.99 -14.32 7.28
C GLU E 170 16.26 -15.16 7.49
N ARG E 171 16.88 -15.54 6.37
CA ARG E 171 18.19 -16.19 6.39
C ARG E 171 19.26 -15.11 6.19
N TYR E 172 20.27 -15.13 7.04
CA TYR E 172 21.36 -14.15 6.99
C TYR E 172 22.66 -14.72 6.44
N ASP E 173 22.72 -16.04 6.32
CA ASP E 173 23.89 -16.73 5.77
C ASP E 173 23.89 -16.66 4.24
N THR E 174 24.12 -15.47 3.70
CA THR E 174 24.02 -15.21 2.27
C THR E 174 25.20 -14.40 1.74
N TYR E 175 25.18 -14.11 0.44
CA TYR E 175 26.19 -13.28 -0.20
C TYR E 175 26.23 -11.87 0.39
N SER E 176 25.05 -11.26 0.55
CA SER E 176 24.95 -9.90 1.09
C SER E 176 25.03 -9.89 2.62
N GLY E 177 24.42 -10.89 3.25
CA GLY E 177 24.34 -10.95 4.70
C GLY E 177 23.30 -10.00 5.27
N ARG E 178 22.51 -9.39 4.40
CA ARG E 178 21.47 -8.45 4.81
C ARG E 178 20.07 -8.92 4.44
N VAL E 179 19.09 -8.45 5.22
CA VAL E 179 17.68 -8.70 4.94
C VAL E 179 16.98 -7.35 4.84
N VAL E 180 16.17 -7.19 3.79
CA VAL E 180 15.41 -5.96 3.57
C VAL E 180 14.52 -5.65 4.77
N ARG E 181 14.37 -4.35 5.07
CA ARG E 181 13.63 -3.86 6.23
C ARG E 181 12.29 -4.57 6.47
N HIS E 182 11.52 -4.72 5.40
CA HIS E 182 10.20 -5.36 5.45
C HIS E 182 10.23 -6.74 6.13
N PHE E 183 11.28 -7.52 5.86
CA PHE E 183 11.39 -8.87 6.39
C PHE E 183 12.33 -9.00 7.60
N LYS E 184 12.89 -7.87 8.02
CA LYS E 184 13.71 -7.82 9.24
C LYS E 184 12.84 -8.08 10.46
N GLY E 185 13.21 -9.10 11.24
CA GLY E 185 12.45 -9.50 12.42
C GLY E 185 11.12 -10.17 12.11
N SER E 186 10.95 -10.64 10.88
CA SER E 186 9.68 -11.22 10.44
C SER E 186 9.44 -12.62 10.98
N MET E 187 10.49 -13.42 11.07
CA MET E 187 10.38 -14.79 11.59
C MET E 187 9.86 -14.81 13.02
N GLU E 188 10.39 -13.93 13.86
CA GLU E 188 9.95 -13.79 15.24
C GLU E 188 8.47 -13.41 15.35
N GLU E 189 8.01 -12.57 14.42
CA GLU E 189 6.60 -12.18 14.36
C GLU E 189 5.71 -13.37 13.99
N TRP E 190 6.11 -14.13 12.98
CA TRP E 190 5.38 -15.33 12.58
C TRP E 190 5.37 -16.38 13.69
N GLN E 191 6.49 -16.51 14.38
CA GLN E 191 6.64 -17.45 15.49
C GLN E 191 5.64 -17.16 16.61
N ALA E 192 5.57 -15.88 17.00
CA ALA E 192 4.63 -15.44 18.04
C ALA E 192 3.18 -15.59 17.58
N MET E 193 2.95 -15.49 16.27
CA MET E 193 1.62 -15.64 15.68
C MET E 193 1.21 -17.11 15.47
N GLY E 194 2.09 -18.03 15.86
CA GLY E 194 1.78 -19.45 15.80
C GLY E 194 1.98 -20.11 14.45
N VAL E 195 2.67 -19.44 13.54
CA VAL E 195 2.99 -19.99 12.23
C VAL E 195 3.97 -21.16 12.41
N MET E 196 3.65 -22.29 11.80
CA MET E 196 4.40 -23.53 12.01
C MET E 196 5.71 -23.57 11.24
N ASN E 197 5.69 -23.06 10.01
CA ASN E 197 6.72 -23.37 9.03
C ASN E 197 6.82 -22.42 7.83
N TYR E 198 7.91 -22.58 7.08
CA TYR E 198 8.14 -21.87 5.82
C TYR E 198 8.14 -22.85 4.65
N GLU E 199 7.41 -22.50 3.59
CA GLU E 199 7.63 -23.12 2.27
C GLU E 199 7.38 -22.09 1.16
N MET E 200 7.27 -22.54 -0.09
CA MET E 200 7.36 -21.61 -1.22
C MET E 200 6.29 -21.74 -2.31
N GLU E 201 5.27 -22.56 -2.09
CA GLU E 201 4.24 -22.77 -3.13
C GLU E 201 2.79 -22.68 -2.66
N SER E 202 2.55 -22.89 -1.37
CA SER E 202 1.18 -23.04 -0.85
C SER E 202 0.27 -21.83 -1.04
N ALA E 203 0.80 -20.62 -0.80
CA ALA E 203 0.00 -19.39 -0.90
C ALA E 203 -0.60 -19.19 -2.30
N THR E 204 0.22 -19.44 -3.33
CA THR E 204 -0.25 -19.35 -4.71
C THR E 204 -1.30 -20.41 -5.02
N LEU E 205 -0.97 -21.66 -4.70
CA LEU E 205 -1.87 -22.79 -4.95
C LEU E 205 -3.21 -22.62 -4.26
N LEU E 206 -3.16 -22.35 -2.95
CA LEU E 206 -4.38 -22.26 -2.15
C LEU E 206 -5.26 -21.08 -2.54
N THR E 207 -4.63 -19.93 -2.81
CA THR E 207 -5.37 -18.73 -3.23
C THR E 207 -6.05 -18.92 -4.58
N MET E 208 -5.30 -19.43 -5.56
CA MET E 208 -5.83 -19.60 -6.92
C MET E 208 -6.91 -20.68 -7.00
N CYS E 209 -6.85 -21.66 -6.12
CA CYS E 209 -7.85 -22.73 -6.11
C CYS E 209 -9.13 -22.30 -5.38
N ALA E 210 -8.97 -21.69 -4.21
CA ALA E 210 -10.10 -21.22 -3.41
C ALA E 210 -10.90 -20.11 -4.09
N SER E 211 -10.24 -19.38 -4.99
CA SER E 211 -10.89 -18.29 -5.73
C SER E 211 -11.35 -18.71 -7.13
N GLN E 212 -11.23 -20.01 -7.44
CA GLN E 212 -11.60 -20.52 -8.76
C GLN E 212 -12.45 -21.80 -8.71
N GLY E 213 -12.96 -22.12 -7.54
CA GLY E 213 -13.85 -23.27 -7.36
C GLY E 213 -13.13 -24.62 -7.39
N LEU E 214 -11.82 -24.62 -7.18
CA LEU E 214 -11.03 -25.83 -7.16
C LEU E 214 -10.65 -26.21 -5.72
N ARG E 215 -10.69 -27.50 -5.42
CA ARG E 215 -10.29 -28.00 -4.11
C ARG E 215 -8.77 -28.15 -4.01
N ALA E 216 -8.19 -27.63 -2.94
CA ALA E 216 -6.75 -27.75 -2.71
C ALA E 216 -6.40 -28.13 -1.28
N GLY E 217 -5.45 -29.04 -1.15
CA GLY E 217 -4.90 -29.42 0.14
C GLY E 217 -3.39 -29.27 0.14
N MET E 218 -2.81 -29.08 1.33
CA MET E 218 -1.38 -28.88 1.47
C MET E 218 -0.80 -29.71 2.62
N VAL E 219 0.23 -30.48 2.33
CA VAL E 219 0.94 -31.29 3.32
C VAL E 219 2.46 -31.20 3.11
N ALA E 220 3.21 -31.22 4.21
CA ALA E 220 4.66 -31.11 4.14
C ALA E 220 5.37 -31.88 5.25
N GLY E 221 6.50 -32.48 4.91
CA GLY E 221 7.36 -33.13 5.88
C GLY E 221 8.48 -32.21 6.33
N VAL E 222 8.72 -32.16 7.63
CA VAL E 222 9.75 -31.30 8.20
C VAL E 222 11.13 -31.94 8.05
N ILE E 223 12.03 -31.26 7.34
CA ILE E 223 13.38 -31.76 7.16
C ILE E 223 14.42 -30.89 7.89
N VAL E 224 13.98 -29.73 8.39
CA VAL E 224 14.81 -28.84 9.17
C VAL E 224 13.99 -28.01 10.17
N ASN E 225 14.58 -27.71 11.32
CA ASN E 225 13.98 -26.82 12.30
C ASN E 225 14.88 -25.61 12.53
N ARG E 226 14.34 -24.42 12.29
CA ARG E 226 15.12 -23.18 12.30
C ARG E 226 15.58 -22.75 13.70
N THR E 227 14.91 -23.25 14.73
CA THR E 227 15.27 -22.94 16.11
C THR E 227 16.33 -23.91 16.66
N GLN E 228 16.63 -24.96 15.90
CA GLN E 228 17.53 -26.02 16.34
C GLN E 228 18.80 -26.13 15.48
N GLN E 229 18.64 -26.59 14.25
CA GLN E 229 19.76 -26.85 13.34
C GLN E 229 19.54 -26.21 11.97
N GLU E 230 20.51 -26.37 11.06
CA GLU E 230 20.40 -25.84 9.71
C GLU E 230 20.82 -26.86 8.64
N ILE E 231 21.77 -27.72 8.99
CA ILE E 231 22.23 -28.78 8.10
C ILE E 231 21.46 -30.08 8.39
N PRO E 232 20.58 -30.49 7.47
CA PRO E 232 19.76 -31.68 7.65
C PRO E 232 20.55 -32.97 7.38
N ASN E 233 20.09 -34.08 8.00
CA ASN E 233 20.68 -35.39 7.78
C ASN E 233 20.10 -36.05 6.52
N ALA E 234 20.97 -36.70 5.74
CA ALA E 234 20.60 -37.31 4.47
C ALA E 234 19.59 -38.46 4.61
N GLU E 235 19.84 -39.35 5.58
CA GLU E 235 18.96 -40.48 5.86
C GLU E 235 17.58 -40.03 6.36
N THR E 236 17.58 -39.06 7.28
CA THR E 236 16.36 -38.51 7.86
C THR E 236 15.49 -37.82 6.82
N MET E 237 16.14 -37.19 5.84
CA MET E 237 15.46 -36.49 4.74
C MET E 237 14.65 -37.44 3.86
N LYS E 238 15.23 -38.60 3.54
CA LYS E 238 14.59 -39.59 2.69
C LYS E 238 13.42 -40.28 3.39
N GLN E 239 13.55 -40.52 4.68
CA GLN E 239 12.50 -41.13 5.50
C GLN E 239 11.32 -40.20 5.72
N THR E 240 11.61 -38.91 5.90
CA THR E 240 10.58 -37.88 6.08
C THR E 240 9.73 -37.72 4.82
N GLU E 241 10.38 -37.70 3.66
CA GLU E 241 9.72 -37.60 2.37
C GLU E 241 8.80 -38.82 2.14
N SER E 242 9.28 -40.01 2.49
CA SER E 242 8.51 -41.25 2.34
C SER E 242 7.27 -41.31 3.24
N HIS E 243 7.37 -40.70 4.42
CA HIS E 243 6.25 -40.61 5.35
C HIS E 243 5.15 -39.68 4.84
N ALA E 244 5.55 -38.49 4.38
CA ALA E 244 4.62 -37.49 3.87
C ALA E 244 3.96 -37.91 2.56
N VAL E 245 4.68 -38.67 1.74
CA VAL E 245 4.16 -39.18 0.47
C VAL E 245 3.07 -40.23 0.71
N LYS E 246 3.27 -41.07 1.72
CA LYS E 246 2.27 -42.07 2.12
C LYS E 246 0.99 -41.42 2.62
N ILE E 247 1.13 -40.26 3.29
CA ILE E 247 -0.02 -39.52 3.80
C ILE E 247 -0.84 -38.89 2.68
N VAL E 248 -0.15 -38.25 1.74
CA VAL E 248 -0.81 -37.56 0.62
C VAL E 248 -1.54 -38.52 -0.34
N VAL E 249 -0.98 -39.72 -0.51
CA VAL E 249 -1.58 -40.75 -1.36
C VAL E 249 -2.82 -41.34 -0.68
N GLU E 250 -2.73 -41.54 0.63
CA GLU E 250 -3.86 -42.02 1.43
C GLU E 250 -4.98 -40.98 1.50
N ALA E 251 -4.61 -39.71 1.52
CA ALA E 251 -5.57 -38.61 1.51
C ALA E 251 -6.30 -38.55 0.16
N ALA E 252 -5.57 -38.81 -0.91
CA ALA E 252 -6.14 -38.85 -2.26
C ALA E 252 -7.21 -39.94 -2.42
N ARG E 253 -7.03 -41.05 -1.71
CA ARG E 253 -7.99 -42.15 -1.69
C ARG E 253 -9.37 -41.72 -1.20
N ARG E 254 -9.38 -40.87 -0.17
CA ARG E 254 -10.62 -40.40 0.44
C ARG E 254 -11.32 -39.33 -0.40
N LEU E 255 -10.60 -38.75 -1.35
CA LEU E 255 -11.10 -37.62 -2.13
C LEU E 255 -11.47 -37.97 -3.58
N LEU E 256 -11.47 -39.26 -3.89
CA LEU E 256 -11.86 -39.73 -5.22
C LEU E 256 -13.36 -39.96 -5.30
N SER F 7 28.83 -30.46 -1.86
CA SER F 7 28.09 -29.23 -2.27
C SER F 7 28.22 -28.12 -1.23
N ASP F 8 28.59 -26.93 -1.70
CA ASP F 8 28.71 -25.75 -0.85
C ASP F 8 27.39 -24.99 -0.71
N VAL F 9 26.44 -25.31 -1.60
CA VAL F 9 25.15 -24.63 -1.64
C VAL F 9 23.97 -25.59 -1.48
N PHE F 10 22.81 -25.05 -1.14
CA PHE F 10 21.65 -25.87 -0.75
C PHE F 10 20.89 -26.53 -1.90
N HIS F 11 20.96 -25.94 -3.10
CA HIS F 11 20.11 -26.39 -4.21
C HIS F 11 20.85 -26.76 -5.49
N LEU F 12 21.87 -26.00 -5.84
CA LEU F 12 22.56 -26.15 -7.12
C LEU F 12 23.42 -27.42 -7.22
N GLY F 13 23.87 -27.93 -6.07
CA GLY F 13 24.73 -29.10 -6.02
C GLY F 13 26.12 -28.82 -6.58
N LEU F 14 26.65 -27.63 -6.28
CA LEU F 14 27.94 -27.20 -6.80
C LEU F 14 28.90 -26.76 -5.70
N THR F 15 30.19 -26.96 -5.95
CA THR F 15 31.24 -26.42 -5.10
C THR F 15 31.95 -25.28 -5.83
N LYS F 16 32.67 -24.46 -5.07
CA LYS F 16 33.44 -23.34 -5.62
C LYS F 16 34.46 -23.79 -6.66
N ASN F 17 35.07 -24.96 -6.44
CA ASN F 17 36.04 -25.52 -7.38
C ASN F 17 35.45 -25.86 -8.76
N ASP F 18 34.20 -26.30 -8.78
CA ASP F 18 33.50 -26.65 -10.02
C ASP F 18 33.48 -25.51 -11.05
N LEU F 19 33.47 -24.27 -10.54
CA LEU F 19 33.39 -23.08 -11.38
C LEU F 19 34.74 -22.67 -11.98
N GLN F 20 35.82 -23.07 -11.31
CA GLN F 20 37.20 -22.84 -11.76
C GLN F 20 37.57 -21.37 -11.98
N GLY F 21 37.03 -20.49 -11.13
CA GLY F 21 37.32 -19.06 -11.19
C GLY F 21 36.34 -18.25 -12.01
N ALA F 22 35.22 -18.86 -12.39
CA ALA F 22 34.19 -18.18 -13.18
C ALA F 22 33.50 -17.09 -12.37
N THR F 23 33.29 -15.94 -13.00
CA THR F 23 32.57 -14.83 -12.38
C THR F 23 31.38 -14.38 -13.23
N LEU F 24 31.23 -15.01 -14.41
CA LEU F 24 30.11 -14.71 -15.30
C LEU F 24 29.23 -15.93 -15.51
N ALA F 25 27.91 -15.70 -15.47
CA ALA F 25 26.94 -16.75 -15.73
C ALA F 25 25.86 -16.31 -16.70
N ILE F 26 25.58 -17.16 -17.67
CA ILE F 26 24.42 -16.98 -18.55
C ILE F 26 23.28 -17.79 -17.96
N VAL F 27 22.15 -17.12 -17.71
CA VAL F 27 21.04 -17.73 -16.96
C VAL F 27 19.71 -17.80 -17.74
N PRO F 28 19.51 -18.90 -18.48
CA PRO F 28 18.23 -19.14 -19.17
C PRO F 28 17.16 -19.64 -18.20
N GLY F 29 15.89 -19.58 -18.63
CA GLY F 29 14.81 -20.12 -17.83
C GLY F 29 14.70 -21.62 -17.92
N ASP F 30 14.80 -22.15 -19.15
CA ASP F 30 14.63 -23.57 -19.43
C ASP F 30 15.93 -24.36 -19.24
N PRO F 31 15.91 -25.35 -18.35
CA PRO F 31 17.06 -26.25 -18.15
C PRO F 31 17.53 -26.97 -19.43
N ASP F 32 16.62 -27.22 -20.36
CA ASP F 32 16.97 -27.87 -21.63
C ASP F 32 17.82 -26.99 -22.55
N ARG F 33 17.69 -25.66 -22.40
CA ARG F 33 18.43 -24.70 -23.23
C ARG F 33 19.90 -24.60 -22.84
N VAL F 34 20.21 -25.04 -21.63
CA VAL F 34 21.55 -24.90 -21.04
C VAL F 34 22.66 -25.49 -21.91
N GLU F 35 22.52 -26.77 -22.27
CA GLU F 35 23.49 -27.46 -23.12
C GLU F 35 23.68 -26.76 -24.45
N LYS F 36 22.57 -26.27 -25.02
CA LYS F 36 22.58 -25.59 -26.31
C LYS F 36 23.37 -24.28 -26.28
N ILE F 37 23.28 -23.57 -25.16
CA ILE F 37 24.05 -22.34 -24.95
C ILE F 37 25.53 -22.67 -24.74
N ALA F 38 25.80 -23.67 -23.89
CA ALA F 38 27.16 -24.11 -23.60
C ALA F 38 27.90 -24.64 -24.83
N ALA F 39 27.16 -25.25 -25.75
CA ALA F 39 27.74 -25.86 -26.97
C ALA F 39 28.32 -24.83 -27.93
N LEU F 40 27.84 -23.59 -27.85
CA LEU F 40 28.33 -22.49 -28.67
C LEU F 40 29.70 -21.98 -28.19
N MET F 41 30.06 -22.37 -26.97
CA MET F 41 31.35 -21.99 -26.37
C MET F 41 32.32 -23.17 -26.37
N ASP F 42 33.57 -22.90 -26.00
CA ASP F 42 34.60 -23.93 -25.98
C ASP F 42 34.51 -24.80 -24.73
N LYS F 43 34.94 -26.06 -24.87
CA LYS F 43 34.98 -27.04 -23.77
C LYS F 43 33.75 -27.05 -22.86
N PRO F 44 32.56 -27.37 -23.41
CA PRO F 44 31.35 -27.45 -22.59
C PRO F 44 31.30 -28.72 -21.75
N VAL F 45 31.04 -28.56 -20.45
CA VAL F 45 31.04 -29.66 -19.50
C VAL F 45 29.84 -29.54 -18.55
N LYS F 46 29.09 -30.63 -18.39
CA LYS F 46 27.99 -30.67 -17.43
C LYS F 46 28.50 -30.72 -16.00
N LEU F 47 27.88 -29.95 -15.12
CA LEU F 47 28.28 -29.93 -13.72
C LEU F 47 27.28 -30.63 -12.80
N ALA F 48 26.02 -30.23 -12.89
CA ALA F 48 24.97 -30.77 -12.02
C ALA F 48 23.58 -30.56 -12.59
N SER F 49 22.64 -31.39 -12.12
CA SER F 49 21.23 -31.23 -12.42
C SER F 49 20.39 -31.62 -11.21
N HIS F 50 19.78 -30.62 -10.57
CA HIS F 50 18.91 -30.83 -9.43
C HIS F 50 17.69 -29.93 -9.56
N ARG F 51 16.50 -30.52 -9.44
CA ARG F 51 15.24 -29.81 -9.65
C ARG F 51 15.26 -29.10 -11.01
N GLU F 52 14.87 -27.82 -11.03
CA GLU F 52 14.87 -27.03 -12.26
C GLU F 52 16.24 -26.37 -12.52
N PHE F 53 17.24 -26.73 -11.71
CA PHE F 53 18.57 -26.14 -11.82
C PHE F 53 19.59 -27.10 -12.47
N THR F 54 19.79 -26.91 -13.77
CA THR F 54 20.85 -27.61 -14.50
C THR F 54 22.01 -26.62 -14.64
N THR F 55 23.24 -27.10 -14.45
CA THR F 55 24.42 -26.24 -14.58
C THR F 55 25.47 -26.84 -15.52
N TRP F 56 25.98 -26.01 -16.43
CA TRP F 56 27.09 -26.37 -17.31
C TRP F 56 28.21 -25.34 -17.18
N ARG F 57 29.44 -25.81 -17.33
CA ARG F 57 30.61 -24.93 -17.39
C ARG F 57 31.22 -24.99 -18.79
N ALA F 58 31.52 -23.82 -19.34
CA ALA F 58 32.16 -23.71 -20.65
C ALA F 58 33.31 -22.71 -20.60
N GLU F 59 33.94 -22.49 -21.75
CA GLU F 59 35.08 -21.60 -21.85
C GLU F 59 34.92 -20.58 -22.97
N LEU F 60 35.14 -19.31 -22.63
CA LEU F 60 35.05 -18.21 -23.59
C LEU F 60 36.33 -17.39 -23.53
N ASP F 61 37.03 -17.32 -24.67
CA ASP F 61 38.32 -16.62 -24.78
C ASP F 61 39.33 -17.06 -23.72
N GLY F 62 39.39 -18.35 -23.46
CA GLY F 62 40.29 -18.91 -22.47
C GLY F 62 39.86 -18.72 -21.02
N LYS F 63 38.63 -18.23 -20.83
CA LYS F 63 38.10 -17.96 -19.49
C LYS F 63 36.83 -18.76 -19.21
N PRO F 64 36.75 -19.38 -18.02
CA PRO F 64 35.59 -20.19 -17.64
C PRO F 64 34.31 -19.38 -17.49
N VAL F 65 33.21 -19.92 -18.02
CA VAL F 65 31.89 -19.29 -17.95
C VAL F 65 30.85 -20.34 -17.51
N ILE F 66 29.87 -19.91 -16.72
CA ILE F 66 28.83 -20.79 -16.23
C ILE F 66 27.51 -20.55 -16.96
N VAL F 67 26.80 -21.64 -17.26
CA VAL F 67 25.43 -21.56 -17.74
C VAL F 67 24.55 -22.28 -16.72
N CYS F 68 23.56 -21.58 -16.19
CA CYS F 68 22.72 -22.12 -15.12
C CYS F 68 21.24 -21.74 -15.29
N SER F 69 20.37 -22.75 -15.34
CA SER F 69 18.93 -22.52 -15.48
C SER F 69 18.30 -22.04 -14.18
N THR F 70 17.33 -21.14 -14.32
CA THR F 70 16.63 -20.55 -13.18
C THR F 70 15.26 -21.18 -12.97
N GLY F 71 14.68 -21.70 -14.04
CA GLY F 71 13.29 -22.11 -14.04
C GLY F 71 12.41 -20.89 -14.29
N ILE F 72 11.10 -21.12 -14.37
CA ILE F 72 10.15 -20.03 -14.56
C ILE F 72 9.92 -19.32 -13.22
N GLY F 73 10.05 -18.00 -13.21
CA GLY F 73 9.65 -17.22 -12.06
C GLY F 73 10.74 -16.78 -11.11
N GLY F 74 10.49 -15.66 -10.44
CA GLY F 74 11.40 -15.07 -9.49
C GLY F 74 11.89 -15.93 -8.33
N PRO F 75 11.00 -16.68 -7.66
CA PRO F 75 11.41 -17.55 -6.55
C PRO F 75 12.58 -18.48 -6.83
N SER F 76 12.50 -19.29 -7.88
CA SER F 76 13.60 -20.19 -8.22
C SER F 76 14.78 -19.44 -8.85
N THR F 77 14.49 -18.31 -9.49
CA THR F 77 15.54 -17.39 -9.96
C THR F 77 16.35 -16.88 -8.78
N SER F 78 15.64 -16.47 -7.71
CA SER F 78 16.28 -15.94 -6.50
C SER F 78 17.18 -16.97 -5.80
N ILE F 79 16.84 -18.26 -5.94
CA ILE F 79 17.68 -19.35 -5.44
C ILE F 79 18.94 -19.49 -6.30
N ALA F 80 18.74 -19.56 -7.62
CA ALA F 80 19.83 -19.77 -8.57
C ALA F 80 20.87 -18.65 -8.48
N VAL F 81 20.41 -17.41 -8.48
CA VAL F 81 21.29 -16.24 -8.46
C VAL F 81 22.08 -16.12 -7.15
N GLU F 82 21.38 -16.29 -6.03
CA GLU F 82 22.00 -16.19 -4.70
C GLU F 82 23.10 -17.23 -4.51
N GLU F 83 22.78 -18.48 -4.85
CA GLU F 83 23.73 -19.57 -4.67
C GLU F 83 24.91 -19.47 -5.65
N LEU F 84 24.65 -18.95 -6.86
CA LEU F 84 25.72 -18.68 -7.82
C LEU F 84 26.62 -17.55 -7.32
N ALA F 85 26.03 -16.56 -6.65
CA ALA F 85 26.78 -15.45 -6.06
C ALA F 85 27.68 -15.93 -4.92
N GLN F 86 27.19 -16.91 -4.16
CA GLN F 86 27.98 -17.54 -3.10
C GLN F 86 29.19 -18.28 -3.69
N LEU F 87 29.02 -18.80 -4.90
CA LEU F 87 30.07 -19.54 -5.59
C LEU F 87 31.04 -18.64 -6.36
N GLY F 88 30.75 -17.35 -6.42
CA GLY F 88 31.68 -16.39 -7.00
C GLY F 88 31.22 -15.58 -8.20
N ILE F 89 30.03 -15.89 -8.72
CA ILE F 89 29.52 -15.17 -9.89
C ILE F 89 29.16 -13.73 -9.55
N ARG F 90 29.66 -12.80 -10.36
CA ARG F 90 29.43 -11.36 -10.17
C ARG F 90 28.58 -10.78 -11.30
N THR F 91 28.57 -11.45 -12.45
CA THR F 91 27.83 -11.00 -13.61
C THR F 91 26.82 -12.04 -14.09
N PHE F 92 25.57 -11.61 -14.22
CA PHE F 92 24.48 -12.48 -14.62
C PHE F 92 23.84 -11.96 -15.90
N LEU F 93 23.84 -12.79 -16.94
CA LEU F 93 23.20 -12.42 -18.20
C LEU F 93 22.01 -13.35 -18.48
N ARG F 94 20.80 -12.81 -18.37
CA ARG F 94 19.60 -13.59 -18.63
C ARG F 94 19.26 -13.64 -20.11
N ILE F 95 19.05 -14.87 -20.60
CA ILE F 95 18.51 -15.12 -21.93
C ILE F 95 17.14 -15.75 -21.77
N GLY F 96 16.11 -15.09 -22.28
CA GLY F 96 14.74 -15.55 -22.11
C GLY F 96 13.92 -15.61 -23.38
N THR F 97 12.67 -16.05 -23.21
CA THR F 97 11.66 -15.98 -24.26
C THR F 97 10.63 -14.95 -23.82
N THR F 98 9.86 -14.43 -24.78
CA THR F 98 8.93 -13.35 -24.47
C THR F 98 7.77 -13.21 -25.45
N GLY F 99 6.69 -12.64 -24.96
CA GLY F 99 5.57 -12.22 -25.79
C GLY F 99 5.57 -10.71 -25.88
N ALA F 100 5.63 -10.18 -27.10
CA ALA F 100 5.63 -8.74 -27.33
C ALA F 100 4.22 -8.18 -27.26
N ILE F 101 4.09 -6.96 -26.75
CA ILE F 101 2.79 -6.29 -26.66
C ILE F 101 2.68 -5.00 -27.50
N GLN F 102 3.76 -4.68 -28.22
CA GLN F 102 3.76 -3.53 -29.12
C GLN F 102 3.60 -4.01 -30.58
N PRO F 103 2.75 -3.32 -31.35
CA PRO F 103 2.46 -3.73 -32.73
C PRO F 103 3.69 -3.73 -33.64
N HIS F 104 4.63 -2.83 -33.42
CA HIS F 104 5.81 -2.68 -34.27
C HIS F 104 6.89 -3.73 -34.04
N ILE F 105 6.80 -4.48 -32.94
CA ILE F 105 7.77 -5.53 -32.63
C ILE F 105 7.33 -6.86 -33.22
N ASN F 106 8.13 -7.40 -34.14
CA ASN F 106 7.79 -8.63 -34.83
C ASN F 106 8.37 -9.88 -34.18
N VAL F 107 7.74 -11.02 -34.47
CA VAL F 107 8.27 -12.32 -34.06
C VAL F 107 9.67 -12.48 -34.66
N GLY F 108 10.62 -12.91 -33.83
CA GLY F 108 11.99 -13.06 -34.26
C GLY F 108 12.89 -11.93 -33.82
N ASP F 109 12.28 -10.81 -33.42
CA ASP F 109 13.02 -9.65 -32.92
C ASP F 109 13.64 -9.97 -31.57
N VAL F 110 14.76 -9.30 -31.29
CA VAL F 110 15.44 -9.44 -30.01
C VAL F 110 15.21 -8.18 -29.16
N LEU F 111 14.88 -8.39 -27.89
CA LEU F 111 14.61 -7.28 -26.98
C LEU F 111 15.65 -7.18 -25.88
N VAL F 112 16.19 -5.98 -25.70
CA VAL F 112 17.12 -5.70 -24.62
C VAL F 112 16.41 -4.84 -23.58
N THR F 113 16.39 -5.31 -22.35
CA THR F 113 15.68 -4.65 -21.26
C THR F 113 16.57 -3.67 -20.49
N THR F 114 16.16 -2.40 -20.45
CA THR F 114 16.85 -1.40 -19.64
C THR F 114 16.43 -1.53 -18.18
N ALA F 115 15.13 -1.76 -17.97
CA ALA F 115 14.55 -1.93 -16.65
C ALA F 115 13.19 -2.61 -16.75
N SER F 116 12.70 -3.14 -15.63
CA SER F 116 11.47 -3.92 -15.63
C SER F 116 10.37 -3.36 -14.74
N VAL F 117 9.13 -3.48 -15.21
CA VAL F 117 7.96 -3.27 -14.37
C VAL F 117 7.87 -4.46 -13.42
N ARG F 118 7.82 -4.18 -12.12
CA ARG F 118 7.86 -5.21 -11.10
C ARG F 118 6.48 -5.78 -10.74
N LEU F 119 6.03 -6.73 -11.55
CA LEU F 119 4.76 -7.43 -11.27
C LEU F 119 5.04 -8.79 -10.63
N ASP F 120 6.09 -8.83 -9.82
CA ASP F 120 6.53 -10.05 -9.13
C ASP F 120 6.54 -9.85 -7.62
N GLY F 121 6.71 -10.95 -6.89
CA GLY F 121 6.81 -10.89 -5.43
C GLY F 121 8.23 -10.93 -4.91
N ALA F 122 9.08 -11.72 -5.55
CA ALA F 122 10.45 -11.97 -5.06
C ALA F 122 11.32 -10.71 -4.98
N SER F 123 11.18 -9.81 -5.94
CA SER F 123 11.95 -8.56 -5.95
C SER F 123 11.73 -7.73 -4.67
N LEU F 124 10.51 -7.81 -4.12
CA LEU F 124 10.15 -7.10 -2.89
C LEU F 124 10.90 -7.63 -1.67
N HIS F 125 11.39 -8.86 -1.77
CA HIS F 125 12.16 -9.49 -0.69
C HIS F 125 13.60 -8.98 -0.65
N PHE F 126 13.97 -8.16 -1.64
CA PHE F 126 15.33 -7.60 -1.72
C PHE F 126 15.35 -6.08 -1.62
N ALA F 127 14.36 -5.45 -2.24
CA ALA F 127 14.25 -3.98 -2.24
C ALA F 127 12.77 -3.60 -2.36
N PRO F 128 12.37 -2.53 -1.66
CA PRO F 128 10.97 -2.06 -1.72
C PRO F 128 10.58 -1.61 -3.13
N LEU F 129 9.28 -1.57 -3.41
CA LEU F 129 8.76 -1.35 -4.76
C LEU F 129 9.35 -0.13 -5.48
N GLU F 130 9.59 0.94 -4.72
CA GLU F 130 10.14 2.20 -5.25
C GLU F 130 11.53 2.07 -5.87
N PHE F 131 12.27 1.04 -5.48
CA PHE F 131 13.58 0.74 -6.06
C PHE F 131 13.38 0.17 -7.47
N PRO F 132 14.12 0.70 -8.45
CA PRO F 132 13.94 0.29 -9.84
C PRO F 132 14.61 -1.06 -10.18
N ALA F 133 13.89 -1.91 -10.90
CA ALA F 133 14.47 -3.14 -11.44
C ALA F 133 15.29 -2.83 -12.68
N VAL F 134 16.42 -2.14 -12.46
CA VAL F 134 17.24 -1.64 -13.56
C VAL F 134 18.43 -2.57 -13.87
N ALA F 135 18.68 -2.76 -15.17
CA ALA F 135 19.82 -3.55 -15.62
C ALA F 135 21.11 -2.74 -15.47
N ASP F 136 22.22 -3.46 -15.38
CA ASP F 136 23.55 -2.86 -15.33
C ASP F 136 23.88 -2.23 -16.69
N PHE F 137 24.43 -1.02 -16.66
CA PHE F 137 24.73 -0.26 -17.87
C PHE F 137 25.72 -0.98 -18.79
N GLU F 138 26.76 -1.58 -18.21
CA GLU F 138 27.79 -2.29 -18.97
C GLU F 138 27.21 -3.54 -19.64
N CYS F 139 26.38 -4.27 -18.90
CA CYS F 139 25.71 -5.47 -19.42
C CYS F 139 24.74 -5.11 -20.55
N THR F 140 23.98 -4.04 -20.36
CA THR F 140 23.03 -3.55 -21.36
C THR F 140 23.75 -3.06 -22.62
N THR F 141 24.82 -2.28 -22.43
CA THR F 141 25.66 -1.79 -23.52
C THR F 141 26.23 -2.97 -24.34
N ALA F 142 26.76 -3.97 -23.64
CA ALA F 142 27.32 -5.16 -24.27
C ALA F 142 26.28 -5.90 -25.10
N LEU F 143 25.08 -6.04 -24.54
CA LEU F 143 23.98 -6.75 -25.20
C LEU F 143 23.51 -6.00 -26.46
N VAL F 144 23.37 -4.68 -26.35
CA VAL F 144 22.98 -3.84 -27.48
C VAL F 144 24.03 -3.87 -28.59
N GLU F 145 25.30 -3.77 -28.21
CA GLU F 145 26.41 -3.81 -29.16
C GLU F 145 26.55 -5.18 -29.81
N ALA F 146 26.33 -6.23 -29.02
CA ALA F 146 26.38 -7.61 -29.51
C ALA F 146 25.26 -7.92 -30.51
N ALA F 147 24.09 -7.31 -30.29
CA ALA F 147 22.94 -7.46 -31.18
C ALA F 147 23.16 -6.75 -32.51
N LYS F 148 23.87 -5.63 -32.46
CA LYS F 148 24.18 -4.83 -33.65
C LYS F 148 25.22 -5.52 -34.54
N SER F 149 26.10 -6.31 -33.92
CA SER F 149 27.15 -7.03 -34.62
C SER F 149 26.62 -8.15 -35.52
N ILE F 150 25.63 -8.89 -35.03
CA ILE F 150 25.05 -9.99 -35.78
C ILE F 150 23.93 -9.53 -36.74
N GLY F 151 23.53 -8.27 -36.61
CA GLY F 151 22.58 -7.66 -37.52
C GLY F 151 21.12 -8.00 -37.24
N ALA F 152 20.79 -8.20 -35.96
CA ALA F 152 19.44 -8.54 -35.56
C ALA F 152 18.58 -7.29 -35.35
N THR F 153 17.27 -7.43 -35.60
CA THR F 153 16.31 -6.36 -35.32
C THR F 153 16.11 -6.25 -33.81
N THR F 154 16.58 -5.14 -33.25
CA THR F 154 16.65 -4.98 -31.79
C THR F 154 15.80 -3.81 -31.29
N HIS F 155 15.13 -4.05 -30.16
CA HIS F 155 14.37 -3.00 -29.47
C HIS F 155 14.88 -2.90 -28.03
N VAL F 156 15.09 -1.67 -27.58
CA VAL F 156 15.63 -1.40 -26.25
C VAL F 156 14.59 -0.63 -25.43
N GLY F 157 14.24 -1.14 -24.25
CA GLY F 157 13.26 -0.48 -23.42
C GLY F 157 12.80 -1.27 -22.21
N VAL F 158 11.59 -0.96 -21.76
CA VAL F 158 11.03 -1.48 -20.52
C VAL F 158 10.25 -2.78 -20.74
N THR F 159 10.42 -3.72 -19.81
CA THR F 159 9.78 -5.03 -19.85
C THR F 159 8.85 -5.19 -18.64
N ALA F 160 7.67 -5.76 -18.86
CA ALA F 160 6.78 -6.11 -17.76
C ALA F 160 7.08 -7.54 -17.30
N SER F 161 7.52 -7.68 -16.06
CA SER F 161 7.91 -8.98 -15.51
C SER F 161 6.88 -9.51 -14.51
N SER F 162 6.18 -10.57 -14.92
CA SER F 162 4.99 -11.05 -14.22
C SER F 162 5.22 -12.36 -13.46
N ASP F 163 4.63 -12.45 -12.27
CA ASP F 163 4.70 -13.66 -11.45
C ASP F 163 3.75 -14.74 -11.96
N THR F 164 3.05 -14.45 -13.05
CA THR F 164 2.11 -15.39 -13.62
C THR F 164 2.08 -15.26 -15.15
N PHE F 165 1.80 -16.38 -15.82
CA PHE F 165 1.76 -16.42 -17.28
C PHE F 165 0.42 -15.97 -17.83
N TYR F 166 -0.65 -16.20 -17.06
CA TYR F 166 -2.00 -15.96 -17.57
C TYR F 166 -2.63 -14.61 -17.13
N PRO F 167 -3.17 -14.50 -15.91
CA PRO F 167 -3.85 -13.26 -15.50
C PRO F 167 -2.95 -12.01 -15.45
N GLY F 168 -1.73 -12.14 -14.96
CA GLY F 168 -0.79 -11.04 -14.89
C GLY F 168 -0.31 -10.55 -16.24
N GLN F 169 -0.58 -11.35 -17.28
CA GLN F 169 -0.32 -10.97 -18.66
C GLN F 169 -1.65 -10.78 -19.39
N GLU F 170 -2.70 -10.61 -18.60
CA GLU F 170 -4.08 -10.45 -19.07
C GLU F 170 -4.48 -11.42 -20.18
N ARG F 171 -4.33 -12.71 -19.91
CA ARG F 171 -4.83 -13.77 -20.77
C ARG F 171 -6.20 -14.21 -20.27
N TYR F 172 -7.16 -14.30 -21.18
CA TYR F 172 -8.53 -14.69 -20.83
C TYR F 172 -8.88 -16.10 -21.30
N ASP F 173 -8.03 -16.68 -22.14
CA ASP F 173 -8.20 -18.05 -22.62
C ASP F 173 -7.81 -19.06 -21.54
N THR F 174 -8.57 -19.06 -20.45
CA THR F 174 -8.24 -19.82 -19.24
C THR F 174 -9.43 -20.62 -18.71
N TYR F 175 -9.19 -21.36 -17.63
CA TYR F 175 -10.22 -22.14 -16.96
C TYR F 175 -11.34 -21.24 -16.41
N SER F 176 -10.97 -20.18 -15.71
CA SER F 176 -11.93 -19.24 -15.14
C SER F 176 -12.48 -18.29 -16.21
N GLY F 177 -11.61 -17.89 -17.13
CA GLY F 177 -11.96 -16.94 -18.16
C GLY F 177 -12.05 -15.51 -17.65
N ARG F 178 -11.41 -15.24 -16.52
CA ARG F 178 -11.45 -13.92 -15.91
C ARG F 178 -10.11 -13.48 -15.32
N VAL F 179 -9.97 -12.17 -15.13
CA VAL F 179 -8.77 -11.59 -14.55
C VAL F 179 -9.15 -10.71 -13.37
N VAL F 180 -8.41 -10.86 -12.27
CA VAL F 180 -8.60 -10.05 -11.06
C VAL F 180 -8.56 -8.55 -11.38
N ARG F 181 -9.38 -7.77 -10.67
CA ARG F 181 -9.52 -6.33 -10.89
C ARG F 181 -8.20 -5.60 -11.11
N HIS F 182 -7.21 -5.91 -10.26
CA HIS F 182 -5.90 -5.25 -10.32
C HIS F 182 -5.25 -5.30 -11.70
N PHE F 183 -5.40 -6.43 -12.40
CA PHE F 183 -4.81 -6.61 -13.73
C PHE F 183 -5.77 -6.38 -14.90
N LYS F 184 -7.02 -6.03 -14.59
CA LYS F 184 -8.00 -5.71 -15.63
C LYS F 184 -7.59 -4.45 -16.39
N GLY F 185 -7.45 -4.58 -17.71
CA GLY F 185 -7.03 -3.49 -18.56
C GLY F 185 -5.56 -3.10 -18.42
N SER F 186 -4.78 -3.95 -17.75
CA SER F 186 -3.38 -3.65 -17.46
C SER F 186 -2.48 -3.71 -18.69
N MET F 187 -2.76 -4.64 -19.61
CA MET F 187 -1.95 -4.76 -20.83
C MET F 187 -2.01 -3.46 -21.64
N GLU F 188 -3.22 -2.90 -21.77
CA GLU F 188 -3.44 -1.63 -22.44
C GLU F 188 -2.68 -0.48 -21.79
N GLU F 189 -2.64 -0.46 -20.46
CA GLU F 189 -1.87 0.53 -19.70
C GLU F 189 -0.39 0.45 -20.04
N TRP F 190 0.19 -0.75 -19.95
CA TRP F 190 1.60 -0.97 -20.26
C TRP F 190 1.92 -0.60 -21.72
N GLN F 191 1.01 -0.96 -22.63
CA GLN F 191 1.12 -0.63 -24.05
C GLN F 191 1.25 0.88 -24.28
N ALA F 192 0.35 1.65 -23.66
CA ALA F 192 0.38 3.11 -23.75
C ALA F 192 1.64 3.70 -23.10
N MET F 193 2.21 2.97 -22.15
CA MET F 193 3.40 3.41 -21.44
C MET F 193 4.70 3.03 -22.14
N GLY F 194 4.60 2.36 -23.30
CA GLY F 194 5.75 2.01 -24.10
C GLY F 194 6.47 0.74 -23.70
N VAL F 195 5.86 -0.05 -22.82
CA VAL F 195 6.41 -1.33 -22.39
C VAL F 195 6.42 -2.31 -23.58
N MET F 196 7.55 -2.97 -23.79
CA MET F 196 7.75 -3.79 -24.99
C MET F 196 7.09 -5.16 -24.91
N ASN F 197 7.16 -5.80 -23.74
CA ASN F 197 6.95 -7.24 -23.64
C ASN F 197 6.66 -7.79 -22.23
N TYR F 198 6.21 -9.04 -22.20
CA TYR F 198 5.99 -9.79 -20.97
C TYR F 198 6.98 -10.95 -20.85
N GLU F 199 7.64 -11.06 -19.71
CA GLU F 199 8.30 -12.32 -19.32
C GLU F 199 8.19 -12.51 -17.79
N MET F 200 8.93 -13.47 -17.23
CA MET F 200 8.64 -13.90 -15.86
C MET F 200 9.81 -14.00 -14.87
N GLU F 201 10.99 -13.50 -15.25
CA GLU F 201 12.16 -13.59 -14.37
C GLU F 201 12.95 -12.30 -14.15
N SER F 202 12.84 -11.34 -15.06
CA SER F 202 13.73 -10.17 -15.09
C SER F 202 13.61 -9.23 -13.87
N ALA F 203 12.38 -8.93 -13.45
CA ALA F 203 12.17 -8.05 -12.29
C ALA F 203 12.93 -8.52 -11.06
N THR F 204 12.82 -9.83 -10.76
CA THR F 204 13.53 -10.44 -9.64
C THR F 204 15.05 -10.35 -9.81
N LEU F 205 15.53 -10.78 -10.98
CA LEU F 205 16.97 -10.80 -11.27
C LEU F 205 17.58 -9.41 -11.18
N LEU F 206 17.01 -8.46 -11.91
CA LEU F 206 17.55 -7.11 -12.00
C LEU F 206 17.53 -6.40 -10.65
N THR F 207 16.44 -6.56 -9.89
CA THR F 207 16.31 -5.94 -8.57
C THR F 207 17.33 -6.52 -7.57
N MET F 208 17.44 -7.84 -7.53
CA MET F 208 18.33 -8.49 -6.56
C MET F 208 19.81 -8.26 -6.88
N CYS F 209 20.12 -8.06 -8.16
CA CYS F 209 21.49 -7.77 -8.57
C CYS F 209 21.86 -6.30 -8.36
N ALA F 210 20.95 -5.40 -8.74
CA ALA F 210 21.19 -3.95 -8.63
C ALA F 210 21.24 -3.48 -7.18
N SER F 211 20.60 -4.21 -6.27
CA SER F 211 20.56 -3.86 -4.85
C SER F 211 21.60 -4.60 -4.02
N GLN F 212 22.43 -5.42 -4.67
CA GLN F 212 23.45 -6.21 -3.98
C GLN F 212 24.86 -6.05 -4.58
N GLY F 213 25.01 -5.12 -5.51
CA GLY F 213 26.29 -4.86 -6.14
C GLY F 213 26.72 -5.90 -7.14
N LEU F 214 25.74 -6.50 -7.84
CA LEU F 214 26.00 -7.48 -8.89
C LEU F 214 25.53 -6.95 -10.24
N ARG F 215 26.27 -7.28 -11.29
CA ARG F 215 25.94 -6.83 -12.64
C ARG F 215 24.96 -7.79 -13.31
N ALA F 216 23.89 -7.23 -13.88
CA ALA F 216 22.88 -8.04 -14.58
C ALA F 216 22.41 -7.42 -15.88
N GLY F 217 22.27 -8.27 -16.90
CA GLY F 217 21.72 -7.87 -18.18
C GLY F 217 20.55 -8.76 -18.55
N MET F 218 19.67 -8.26 -19.42
CA MET F 218 18.48 -8.98 -19.81
C MET F 218 18.24 -8.89 -21.32
N VAL F 219 18.16 -10.06 -21.96
CA VAL F 219 17.91 -10.17 -23.39
C VAL F 219 16.91 -11.30 -23.66
N ALA F 220 16.00 -11.08 -24.61
CA ALA F 220 14.96 -12.06 -24.94
C ALA F 220 14.57 -12.05 -26.40
N GLY F 221 14.19 -13.23 -26.91
CA GLY F 221 13.69 -13.37 -28.27
C GLY F 221 12.18 -13.40 -28.31
N VAL F 222 11.61 -12.71 -29.31
CA VAL F 222 10.16 -12.64 -29.47
C VAL F 222 9.65 -13.85 -30.26
N ILE F 223 8.83 -14.67 -29.60
CA ILE F 223 8.23 -15.83 -30.26
C ILE F 223 6.73 -15.61 -30.53
N VAL F 224 6.16 -14.61 -29.85
CA VAL F 224 4.76 -14.25 -30.02
C VAL F 224 4.56 -12.74 -29.87
N ASN F 225 3.72 -12.16 -30.72
CA ASN F 225 3.24 -10.81 -30.53
C ASN F 225 1.75 -10.85 -30.20
N ARG F 226 1.40 -10.35 -29.02
CA ARG F 226 0.04 -10.44 -28.50
C ARG F 226 -1.01 -9.62 -29.26
N THR F 227 -0.55 -8.66 -30.08
CA THR F 227 -1.47 -7.81 -30.84
C THR F 227 -1.88 -8.39 -32.19
N GLN F 228 -1.16 -9.41 -32.66
CA GLN F 228 -1.48 -10.04 -33.95
C GLN F 228 -2.06 -11.46 -33.81
N GLN F 229 -1.43 -12.29 -32.99
CA GLN F 229 -1.89 -13.67 -32.74
C GLN F 229 -1.42 -14.21 -31.38
N GLU F 230 -1.76 -15.47 -31.08
CA GLU F 230 -1.37 -16.10 -29.81
C GLU F 230 -0.47 -17.32 -30.01
N ILE F 231 -0.72 -18.07 -31.08
CA ILE F 231 0.01 -19.31 -31.35
C ILE F 231 1.45 -19.04 -31.82
N PRO F 232 2.43 -19.58 -31.09
CA PRO F 232 3.85 -19.48 -31.50
C PRO F 232 4.13 -20.21 -32.81
N ASN F 233 4.82 -19.53 -33.72
CA ASN F 233 5.13 -20.08 -35.04
C ASN F 233 6.43 -20.88 -35.03
N ALA F 234 6.31 -22.18 -35.30
CA ALA F 234 7.46 -23.10 -35.30
C ALA F 234 8.41 -22.86 -36.47
N GLU F 235 7.95 -22.08 -37.44
CA GLU F 235 8.75 -21.70 -38.61
C GLU F 235 9.88 -20.73 -38.23
N THR F 236 9.68 -19.99 -37.14
CA THR F 236 10.66 -19.01 -36.66
C THR F 236 11.07 -19.27 -35.21
N MET F 237 10.37 -20.18 -34.53
CA MET F 237 10.67 -20.52 -33.13
C MET F 237 12.04 -21.18 -32.95
N LYS F 238 12.60 -21.72 -34.04
CA LYS F 238 13.94 -22.29 -34.02
C LYS F 238 15.02 -21.22 -34.23
N GLN F 239 14.74 -20.29 -35.14
CA GLN F 239 15.69 -19.24 -35.50
C GLN F 239 15.78 -18.13 -34.45
N THR F 240 14.66 -17.85 -33.79
CA THR F 240 14.58 -16.80 -32.78
C THR F 240 15.50 -17.09 -31.59
N GLU F 241 15.48 -18.33 -31.11
CA GLU F 241 16.30 -18.75 -29.98
C GLU F 241 17.78 -18.74 -30.35
N SER F 242 18.09 -19.17 -31.58
CA SER F 242 19.47 -19.19 -32.08
C SER F 242 20.06 -17.77 -32.21
N HIS F 243 19.21 -16.83 -32.63
CA HIS F 243 19.61 -15.43 -32.79
C HIS F 243 19.95 -14.78 -31.45
N ALA F 244 19.06 -14.99 -30.47
CA ALA F 244 19.24 -14.41 -29.14
C ALA F 244 20.36 -15.08 -28.33
N VAL F 245 20.51 -16.40 -28.50
CA VAL F 245 21.57 -17.16 -27.83
C VAL F 245 22.95 -16.66 -28.28
N LYS F 246 23.08 -16.36 -29.57
CA LYS F 246 24.31 -15.81 -30.13
C LYS F 246 24.64 -14.43 -29.55
N ILE F 247 23.62 -13.62 -29.32
CA ILE F 247 23.80 -12.27 -28.79
C ILE F 247 24.29 -12.29 -27.33
N VAL F 248 23.68 -13.13 -26.51
CA VAL F 248 24.06 -13.25 -25.09
C VAL F 248 25.46 -13.83 -24.90
N VAL F 249 25.87 -14.71 -25.81
CA VAL F 249 27.21 -15.30 -25.78
C VAL F 249 28.25 -14.27 -26.24
N GLU F 250 27.92 -13.50 -27.26
CA GLU F 250 28.78 -12.43 -27.77
C GLU F 250 28.92 -11.29 -26.75
N ALA F 251 27.83 -10.99 -26.05
CA ALA F 251 27.84 -9.98 -25.00
C ALA F 251 28.67 -10.42 -23.80
N ALA F 252 28.62 -11.72 -23.49
CA ALA F 252 29.43 -12.32 -22.44
C ALA F 252 30.92 -12.16 -22.74
N ARG F 253 31.27 -12.28 -24.02
CA ARG F 253 32.65 -12.10 -24.50
C ARG F 253 33.17 -10.70 -24.20
N ARG F 254 32.28 -9.71 -24.28
CA ARG F 254 32.62 -8.30 -24.06
C ARG F 254 32.75 -7.95 -22.58
N LEU F 255 32.16 -8.76 -21.72
CA LEU F 255 32.13 -8.49 -20.28
C LEU F 255 33.13 -9.33 -19.48
N LEU F 256 33.86 -10.21 -20.17
CA LEU F 256 34.82 -11.12 -19.53
C LEU F 256 35.97 -10.38 -18.84
#